data_4GJI
#
_entry.id   4GJI
#
_cell.length_a   75.124
_cell.length_b   104.917
_cell.length_c   112.376
_cell.angle_alpha   90.00
_cell.angle_beta   106.01
_cell.angle_gamma   90.00
#
_symmetry.space_group_name_H-M   'P 1 21 1'
#
loop_
_entity.id
_entity.type
_entity.pdbx_description
1 polymer 'L-rhamnose isomerase'
2 non-polymer L-RHAMNOSE
3 non-polymer alpha-L-rhamnopyranose
4 non-polymer 'MANGANESE (II) ION'
5 non-polymer beta-L-rhamnopyranose
6 water water
#
_entity_poly.entity_id   1
_entity_poly.type   'polypeptide(L)'
_entity_poly.pdbx_seq_one_letter_code
;MAEFRIAQDVVARENDRRASALKEDYEALGANLARRGVDIEAVTAKVEKFFVAVPSWGVGTGGTRFARFPGTGEPRGIFD
KLDDCAVIQQLTRATPNVSLNIPWDKADPKELKARGDALGLGFDAMNSNTFSDAPGQAHSYKYGSLSHTNAATRAQAVEH
NLECIEIGKAIGSKALTVWIGDGSNFPGQSNFTRAFERYLSAMAEIYKGLPDDWKLFSEHKMYEPAFYSTVVQDWGTNYL
IAQTLGPKAQCLVDLGHHAPNTNIEMIVARLIQFGKLGGFHFNDSKYGDDDLDAGAIEPYRLFLVFNELVDAEARGVKGF
HPAHMIDQSHNVTDPIESLINSANEIRRAYAQALLVDRAALSGYQEDNDALMATETLKRAYRTDVEPILAEARRRTGGAV
DPVATYRASGYRARVAAERPASVAGGGGIIGSHHHHHH
;
_entity_poly.pdbx_strand_id   A,B,C,D
#
# COMPACT_ATOMS: atom_id res chain seq x y z
N PHE A 4 -42.97 16.02 14.13
CA PHE A 4 -42.18 15.87 12.87
C PHE A 4 -41.08 16.93 12.81
N ARG A 5 -39.84 16.47 12.72
CA ARG A 5 -38.70 17.38 12.66
C ARG A 5 -38.75 18.31 11.45
N ILE A 6 -39.16 17.77 10.31
CA ILE A 6 -39.27 18.57 9.09
C ILE A 6 -40.75 18.70 8.79
N ALA A 7 -41.23 19.92 8.58
CA ALA A 7 -42.64 20.16 8.30
C ALA A 7 -43.12 19.32 7.12
N GLN A 8 -44.23 18.61 7.29
CA GLN A 8 -44.79 17.78 6.24
C GLN A 8 -45.08 18.56 4.97
N ASP A 9 -45.59 19.78 5.12
CA ASP A 9 -45.91 20.63 3.98
C ASP A 9 -44.67 20.94 3.16
N VAL A 10 -43.51 20.96 3.81
CA VAL A 10 -42.26 21.23 3.13
C VAL A 10 -41.90 20.02 2.27
N VAL A 11 -41.98 18.84 2.87
CA VAL A 11 -41.69 17.60 2.18
C VAL A 11 -42.63 17.47 0.98
N ALA A 12 -43.90 17.79 1.20
CA ALA A 12 -44.90 17.71 0.14
C ALA A 12 -44.61 18.67 -1.00
N ARG A 13 -44.30 19.92 -0.65
CA ARG A 13 -43.99 20.96 -1.63
C ARG A 13 -42.80 20.58 -2.51
N GLU A 14 -41.73 20.12 -1.87
CA GLU A 14 -40.53 19.75 -2.60
C GLU A 14 -40.71 18.49 -3.44
N ASN A 15 -41.59 17.58 -2.99
CA ASN A 15 -41.86 16.36 -3.75
C ASN A 15 -42.67 16.73 -5.00
N ASP A 16 -43.64 17.62 -4.84
CA ASP A 16 -44.49 18.02 -5.96
C ASP A 16 -43.67 18.74 -7.04
N ARG A 17 -42.72 19.56 -6.61
CA ARG A 17 -41.87 20.30 -7.53
C ARG A 17 -41.07 19.37 -8.44
N ARG A 18 -40.71 18.20 -7.93
CA ARG A 18 -39.91 17.23 -8.67
C ARG A 18 -40.69 16.03 -9.19
N ALA A 19 -42.00 16.03 -8.99
CA ALA A 19 -42.85 14.91 -9.42
C ALA A 19 -42.80 14.58 -10.92
N SER A 20 -42.89 15.60 -11.76
CA SER A 20 -42.87 15.40 -13.21
C SER A 20 -41.60 14.70 -13.68
N ALA A 21 -40.45 15.23 -13.26
CA ALA A 21 -39.16 14.66 -13.64
C ALA A 21 -39.00 13.22 -13.15
N LEU A 22 -39.42 12.95 -11.91
CA LEU A 22 -39.33 11.60 -11.36
C LEU A 22 -40.15 10.63 -12.20
N LYS A 23 -41.36 11.07 -12.56
CA LYS A 23 -42.23 10.24 -13.37
C LYS A 23 -41.54 9.85 -14.67
N GLU A 24 -41.01 10.85 -15.38
CA GLU A 24 -40.34 10.60 -16.65
C GLU A 24 -39.14 9.66 -16.51
N ASP A 25 -38.31 9.90 -15.49
CA ASP A 25 -37.13 9.05 -15.30
C ASP A 25 -37.45 7.63 -14.84
N TYR A 26 -38.40 7.50 -13.90
CA TYR A 26 -38.78 6.19 -13.39
C TYR A 26 -39.44 5.33 -14.47
N GLU A 27 -40.33 5.93 -15.25
CA GLU A 27 -41.01 5.21 -16.31
C GLU A 27 -40.05 4.81 -17.42
N ALA A 28 -39.06 5.64 -17.70
CA ALA A 28 -38.07 5.33 -18.73
C ALA A 28 -37.22 4.15 -18.25
N LEU A 29 -36.82 4.20 -16.99
CA LEU A 29 -36.00 3.14 -16.41
C LEU A 29 -36.79 1.84 -16.36
N GLY A 30 -38.07 1.95 -16.03
CA GLY A 30 -38.92 0.78 -15.95
C GLY A 30 -39.02 0.06 -17.28
N ALA A 31 -39.11 0.82 -18.37
CA ALA A 31 -39.21 0.23 -19.70
C ALA A 31 -37.90 -0.46 -20.08
N ASN A 32 -36.79 0.19 -19.75
CA ASN A 32 -35.47 -0.36 -20.04
C ASN A 32 -35.25 -1.65 -19.27
N LEU A 33 -35.63 -1.65 -18.00
CA LEU A 33 -35.47 -2.85 -17.18
C LEU A 33 -36.38 -3.95 -17.70
N ALA A 34 -37.59 -3.59 -18.12
CA ALA A 34 -38.51 -4.59 -18.64
C ALA A 34 -37.89 -5.30 -19.84
N ARG A 35 -37.18 -4.55 -20.68
CA ARG A 35 -36.53 -5.14 -21.84
C ARG A 35 -35.42 -6.11 -21.44
N ARG A 36 -34.96 -5.99 -20.19
CA ARG A 36 -33.91 -6.89 -19.66
C ARG A 36 -34.54 -8.01 -18.86
N GLY A 37 -35.87 -8.02 -18.79
CA GLY A 37 -36.54 -9.05 -18.03
C GLY A 37 -36.52 -8.77 -16.53
N VAL A 38 -36.55 -7.50 -16.18
CA VAL A 38 -36.54 -7.10 -14.77
C VAL A 38 -37.76 -6.25 -14.46
N ASP A 39 -38.44 -6.57 -13.35
CA ASP A 39 -39.62 -5.83 -12.93
C ASP A 39 -39.21 -4.72 -11.96
N ILE A 40 -39.26 -3.47 -12.42
CA ILE A 40 -38.85 -2.36 -11.58
C ILE A 40 -39.65 -2.28 -10.27
N GLU A 41 -40.92 -2.70 -10.30
CA GLU A 41 -41.72 -2.66 -9.08
C GLU A 41 -41.20 -3.62 -8.02
N ALA A 42 -40.70 -4.77 -8.46
CA ALA A 42 -40.17 -5.76 -7.53
C ALA A 42 -38.89 -5.22 -6.88
N VAL A 43 -38.09 -4.48 -7.65
CA VAL A 43 -36.85 -3.90 -7.14
C VAL A 43 -37.17 -2.79 -6.15
N THR A 44 -38.08 -1.89 -6.53
CA THR A 44 -38.46 -0.79 -5.65
C THR A 44 -39.01 -1.32 -4.33
N ALA A 45 -39.81 -2.40 -4.40
CA ALA A 45 -40.40 -2.97 -3.19
C ALA A 45 -39.34 -3.47 -2.21
N LYS A 46 -38.23 -3.98 -2.74
CA LYS A 46 -37.15 -4.46 -1.89
C LYS A 46 -36.30 -3.30 -1.36
N VAL A 47 -36.07 -2.31 -2.22
CA VAL A 47 -35.27 -1.15 -1.82
C VAL A 47 -35.93 -0.39 -0.66
N GLU A 48 -37.25 -0.22 -0.71
CA GLU A 48 -37.92 0.51 0.36
C GLU A 48 -37.87 -0.21 1.71
N LYS A 49 -37.38 -1.45 1.71
CA LYS A 49 -37.28 -2.22 2.94
C LYS A 49 -35.83 -2.40 3.40
N PHE A 50 -34.88 -1.79 2.71
CA PHE A 50 -33.49 -1.91 3.11
C PHE A 50 -33.14 -0.83 4.11
N PHE A 51 -32.73 -1.25 5.31
CA PHE A 51 -32.40 -0.31 6.37
C PHE A 51 -30.95 -0.41 6.84
N VAL A 52 -30.37 0.73 7.21
CA VAL A 52 -29.01 0.79 7.72
C VAL A 52 -29.02 1.72 8.92
N ALA A 53 -28.36 1.31 9.99
CA ALA A 53 -28.33 2.10 11.22
C ALA A 53 -27.41 3.30 11.15
N VAL A 54 -27.85 4.42 11.75
CA VAL A 54 -27.03 5.62 11.79
C VAL A 54 -26.31 5.70 13.12
N PRO A 55 -25.02 6.10 13.09
CA PRO A 55 -24.18 6.21 14.29
C PRO A 55 -24.46 7.51 15.04
N SER A 56 -24.74 7.39 16.34
CA SER A 56 -25.01 8.59 17.13
C SER A 56 -23.77 9.49 17.14
N TRP A 57 -22.59 8.89 17.09
CA TRP A 57 -21.34 9.63 17.11
C TRP A 57 -20.99 10.32 15.79
N GLY A 58 -21.81 10.09 14.76
CA GLY A 58 -21.58 10.71 13.47
C GLY A 58 -22.54 11.85 13.17
N VAL A 59 -23.42 12.14 14.13
CA VAL A 59 -24.41 13.21 13.96
C VAL A 59 -23.80 14.59 14.23
N GLY A 60 -22.69 14.60 14.95
CA GLY A 60 -22.00 15.84 15.23
C GLY A 60 -20.78 15.88 14.32
N THR A 61 -20.20 17.06 14.15
CA THR A 61 -19.02 17.20 13.30
C THR A 61 -17.84 16.44 13.89
N GLY A 62 -17.09 15.74 13.03
CA GLY A 62 -15.93 15.00 13.51
C GLY A 62 -14.65 15.77 13.25
N GLY A 63 -13.54 15.24 13.73
CA GLY A 63 -12.26 15.89 13.52
C GLY A 63 -11.11 14.90 13.50
N THR A 64 -9.90 15.42 13.43
CA THR A 64 -8.70 14.60 13.42
C THR A 64 -7.84 14.98 14.63
N ARG A 65 -6.66 14.37 14.77
CA ARG A 65 -5.78 14.70 15.88
C ARG A 65 -5.22 16.12 15.74
N PHE A 66 -5.33 16.69 14.54
CA PHE A 66 -4.83 18.04 14.28
C PHE A 66 -5.80 19.14 14.64
N ALA A 67 -7.09 18.88 14.43
CA ALA A 67 -8.10 19.89 14.73
C ALA A 67 -9.53 19.42 14.46
N ARG A 68 -10.48 20.14 15.03
CA ARG A 68 -11.89 19.87 14.83
C ARG A 68 -12.50 21.23 14.51
N PHE A 69 -13.31 21.29 13.46
CA PHE A 69 -13.95 22.53 13.03
C PHE A 69 -15.47 22.37 13.08
N PRO A 70 -16.06 22.56 14.28
CA PRO A 70 -17.52 22.41 14.40
C PRO A 70 -18.35 23.39 13.58
N GLY A 71 -19.54 22.96 13.21
CA GLY A 71 -20.45 23.81 12.47
C GLY A 71 -21.41 24.40 13.48
N THR A 72 -22.52 24.94 13.01
CA THR A 72 -23.51 25.53 13.91
C THR A 72 -24.54 24.48 14.33
N GLY A 73 -25.20 24.74 15.45
CA GLY A 73 -26.20 23.81 15.93
C GLY A 73 -25.72 22.41 16.23
N GLU A 74 -24.49 22.28 16.73
CA GLU A 74 -23.97 20.96 17.07
C GLU A 74 -24.85 20.34 18.16
N PRO A 75 -25.14 19.04 18.08
CA PRO A 75 -25.98 18.44 19.12
C PRO A 75 -25.27 18.39 20.47
N ARG A 76 -26.01 18.73 21.52
CA ARG A 76 -25.46 18.71 22.87
C ARG A 76 -26.02 17.48 23.58
N GLY A 77 -25.45 16.32 23.30
CA GLY A 77 -25.93 15.12 23.97
C GLY A 77 -26.77 14.21 23.10
N ILE A 78 -27.04 13.02 23.63
CA ILE A 78 -27.79 12.00 22.92
C ILE A 78 -29.23 12.37 22.54
N PHE A 79 -29.90 13.21 23.32
CA PHE A 79 -31.28 13.55 22.95
C PHE A 79 -31.31 14.46 21.72
N ASP A 80 -30.36 15.39 21.63
CA ASP A 80 -30.29 16.26 20.47
C ASP A 80 -29.88 15.40 19.27
N LYS A 81 -29.03 14.42 19.51
CA LYS A 81 -28.57 13.54 18.45
C LYS A 81 -29.71 12.69 17.90
N LEU A 82 -30.56 12.20 18.77
CA LEU A 82 -31.70 11.41 18.32
C LEU A 82 -32.64 12.29 17.50
N ASP A 83 -32.82 13.53 17.92
CA ASP A 83 -33.68 14.46 17.18
C ASP A 83 -33.13 14.64 15.76
N ASP A 84 -31.80 14.72 15.63
CA ASP A 84 -31.20 14.87 14.31
C ASP A 84 -31.32 13.58 13.49
N CYS A 85 -31.19 12.43 14.15
CA CYS A 85 -31.32 11.15 13.46
C CYS A 85 -32.73 11.03 12.92
N ALA A 86 -33.69 11.61 13.63
CA ALA A 86 -35.09 11.56 13.20
C ALA A 86 -35.28 12.26 11.85
N VAL A 87 -34.45 13.26 11.58
CA VAL A 87 -34.50 14.00 10.33
C VAL A 87 -34.02 13.09 9.19
N ILE A 88 -32.92 12.39 9.43
CA ILE A 88 -32.36 11.49 8.42
C ILE A 88 -33.37 10.41 8.05
N GLN A 89 -34.07 9.88 9.05
CA GLN A 89 -35.06 8.83 8.81
C GLN A 89 -36.31 9.38 8.14
N GLN A 90 -36.76 10.55 8.56
CA GLN A 90 -37.96 11.12 7.94
C GLN A 90 -37.75 11.37 6.44
N LEU A 91 -36.57 11.87 6.09
CA LEU A 91 -36.28 12.20 4.70
C LEU A 91 -35.83 11.06 3.80
N THR A 92 -35.06 10.11 4.35
CA THR A 92 -34.56 8.99 3.54
C THR A 92 -35.35 7.70 3.73
N ARG A 93 -35.97 7.57 4.90
CA ARG A 93 -36.75 6.39 5.27
C ARG A 93 -35.91 5.11 5.21
N ALA A 94 -34.59 5.28 5.30
CA ALA A 94 -33.67 4.15 5.24
C ALA A 94 -32.91 3.95 6.54
N THR A 95 -33.14 4.82 7.52
CA THR A 95 -32.41 4.74 8.79
C THR A 95 -33.28 4.76 10.03
N PRO A 96 -34.17 3.76 10.19
CA PRO A 96 -35.06 3.69 11.35
C PRO A 96 -34.38 3.42 12.69
N ASN A 97 -33.17 2.85 12.67
CA ASN A 97 -32.47 2.56 13.92
C ASN A 97 -31.18 3.33 14.14
N VAL A 98 -30.84 3.53 15.41
CA VAL A 98 -29.65 4.27 15.81
C VAL A 98 -28.68 3.41 16.61
N SER A 99 -27.39 3.60 16.36
CA SER A 99 -26.33 2.86 17.07
C SER A 99 -25.81 3.78 18.18
N LEU A 100 -25.84 3.30 19.42
CA LEU A 100 -25.37 4.09 20.57
C LEU A 100 -23.98 3.68 21.03
N ASN A 101 -23.27 4.61 21.65
CA ASN A 101 -21.95 4.36 22.21
C ASN A 101 -22.01 4.72 23.68
N ILE A 102 -21.55 3.81 24.52
CA ILE A 102 -21.54 4.04 25.96
C ILE A 102 -20.06 4.21 26.35
N PRO A 103 -19.73 5.16 27.23
CA PRO A 103 -20.59 6.11 27.95
C PRO A 103 -21.00 7.40 27.25
N TRP A 104 -20.54 7.62 26.02
CA TRP A 104 -20.90 8.85 25.32
C TRP A 104 -22.40 9.14 25.38
N ASP A 105 -23.22 8.13 25.09
CA ASP A 105 -24.68 8.31 25.07
C ASP A 105 -25.41 7.81 26.31
N LYS A 106 -24.70 7.61 27.40
CA LYS A 106 -25.32 7.13 28.63
C LYS A 106 -26.41 8.08 29.13
N ALA A 107 -27.56 7.52 29.46
CA ALA A 107 -28.70 8.26 29.96
C ALA A 107 -29.72 7.25 30.45
N ASP A 108 -30.76 7.71 31.14
CA ASP A 108 -31.79 6.80 31.63
C ASP A 108 -32.36 5.99 30.48
N PRO A 109 -32.18 4.66 30.50
CA PRO A 109 -32.67 3.77 29.45
C PRO A 109 -34.14 4.01 29.10
N LYS A 110 -34.96 4.28 30.11
CA LYS A 110 -36.38 4.52 29.89
C LYS A 110 -36.63 5.81 29.12
N GLU A 111 -35.78 6.81 29.35
CA GLU A 111 -35.92 8.09 28.67
C GLU A 111 -35.40 8.00 27.23
N LEU A 112 -34.39 7.17 27.02
CA LEU A 112 -33.84 6.98 25.69
C LEU A 112 -34.91 6.28 24.84
N LYS A 113 -35.51 5.26 25.41
CA LYS A 113 -36.56 4.49 24.75
C LYS A 113 -37.78 5.35 24.45
N ALA A 114 -38.14 6.24 25.39
CA ALA A 114 -39.29 7.12 25.20
C ALA A 114 -39.07 8.10 24.04
N ARG A 115 -37.87 8.66 23.96
CA ARG A 115 -37.57 9.61 22.89
C ARG A 115 -37.56 8.87 21.55
N GLY A 116 -36.96 7.70 21.52
CA GLY A 116 -36.92 6.93 20.30
C GLY A 116 -38.32 6.61 19.80
N ASP A 117 -39.17 6.12 20.69
CA ASP A 117 -40.53 5.79 20.32
C ASP A 117 -41.28 7.02 19.81
N ALA A 118 -41.08 8.15 20.46
CA ALA A 118 -41.74 9.38 20.06
C ALA A 118 -41.29 9.88 18.69
N LEU A 119 -40.03 9.58 18.35
CA LEU A 119 -39.46 10.01 17.07
C LEU A 119 -39.59 8.97 15.95
N GLY A 120 -40.01 7.76 16.30
CA GLY A 120 -40.15 6.72 15.30
C GLY A 120 -38.82 6.05 15.01
N LEU A 121 -37.97 5.98 16.03
CA LEU A 121 -36.66 5.36 15.90
C LEU A 121 -36.47 4.19 16.85
N GLY A 122 -35.64 3.24 16.42
CA GLY A 122 -35.34 2.08 17.23
C GLY A 122 -33.85 2.11 17.51
N PHE A 123 -33.33 1.08 18.17
CA PHE A 123 -31.90 1.04 18.48
C PHE A 123 -31.24 -0.22 17.95
N ASP A 124 -30.09 -0.05 17.31
CA ASP A 124 -29.34 -1.16 16.75
C ASP A 124 -28.32 -1.64 17.79
N ALA A 125 -27.28 -2.31 17.34
CA ALA A 125 -26.26 -2.81 18.25
C ALA A 125 -25.62 -1.75 19.13
N MET A 126 -25.39 -2.12 20.40
CA MET A 126 -24.75 -1.23 21.35
C MET A 126 -23.26 -1.25 21.04
N ASN A 127 -22.58 -0.15 21.34
CA ASN A 127 -21.14 -0.08 21.10
C ASN A 127 -20.44 0.27 22.40
N SER A 128 -19.55 -0.60 22.87
CA SER A 128 -18.82 -0.35 24.10
C SER A 128 -17.64 0.57 23.80
N ASN A 129 -17.12 1.23 24.83
CA ASN A 129 -16.01 2.14 24.68
C ASN A 129 -14.92 1.95 25.72
N THR A 130 -13.89 1.17 25.40
CA THR A 130 -12.79 1.00 26.32
C THR A 130 -11.51 1.41 25.60
N PHE A 131 -11.65 2.38 24.69
CA PHE A 131 -10.53 2.93 23.95
C PHE A 131 -10.24 4.36 24.41
N SER A 132 -10.93 4.76 25.48
CA SER A 132 -10.76 6.08 26.07
C SER A 132 -11.11 5.99 27.55
N ASP A 133 -10.55 6.87 28.37
CA ASP A 133 -10.82 6.86 29.80
C ASP A 133 -11.95 7.81 30.19
N ALA A 134 -12.84 7.32 31.05
CA ALA A 134 -13.95 8.14 31.53
C ALA A 134 -13.63 8.54 32.97
N PRO A 135 -14.27 9.62 33.47
CA PRO A 135 -14.02 10.08 34.83
C PRO A 135 -14.30 9.03 35.91
N GLY A 136 -13.50 9.04 36.97
CA GLY A 136 -13.69 8.11 38.07
C GLY A 136 -13.27 6.67 37.82
N GLN A 137 -12.55 6.46 36.72
CA GLN A 137 -12.09 5.14 36.34
C GLN A 137 -10.93 4.70 37.23
N ALA A 138 -11.03 3.50 37.79
CA ALA A 138 -9.98 2.98 38.67
C ALA A 138 -8.70 2.64 37.91
N HIS A 139 -8.85 2.12 36.69
CA HIS A 139 -7.71 1.74 35.88
C HIS A 139 -7.77 2.38 34.50
N SER A 140 -6.62 2.87 34.02
CA SER A 140 -6.55 3.51 32.70
C SER A 140 -6.42 2.50 31.56
N TYR A 141 -6.95 2.84 30.40
CA TYR A 141 -6.86 1.97 29.24
C TYR A 141 -5.71 2.37 28.30
N LYS A 142 -4.77 3.15 28.82
CA LYS A 142 -3.63 3.61 28.02
C LYS A 142 -2.87 2.45 27.38
N TYR A 143 -2.66 1.38 28.14
CA TYR A 143 -1.92 0.23 27.63
C TYR A 143 -2.81 -0.94 27.26
N GLY A 144 -4.11 -0.68 27.08
CA GLY A 144 -5.01 -1.75 26.71
C GLY A 144 -6.24 -1.82 27.59
N SER A 145 -7.15 -2.71 27.23
CA SER A 145 -8.38 -2.87 27.99
C SER A 145 -8.70 -4.35 28.20
N LEU A 146 -9.43 -4.96 27.27
CA LEU A 146 -9.79 -6.36 27.38
C LEU A 146 -8.55 -7.26 27.32
N SER A 147 -7.45 -6.74 26.77
CA SER A 147 -6.21 -7.52 26.66
C SER A 147 -5.07 -6.96 27.53
N HIS A 148 -5.38 -6.00 28.40
CA HIS A 148 -4.38 -5.37 29.26
C HIS A 148 -3.68 -6.43 30.12
N THR A 149 -2.40 -6.22 30.43
CA THR A 149 -1.66 -7.19 31.24
C THR A 149 -2.19 -7.29 32.67
N ASN A 150 -2.76 -6.20 33.17
CA ASN A 150 -3.30 -6.13 34.54
C ASN A 150 -4.70 -6.75 34.60
N ALA A 151 -4.85 -7.79 35.40
CA ALA A 151 -6.13 -8.50 35.55
C ALA A 151 -7.30 -7.59 35.94
N ALA A 152 -7.07 -6.69 36.89
CA ALA A 152 -8.13 -5.79 37.35
C ALA A 152 -8.59 -4.85 36.23
N THR A 153 -7.69 -4.51 35.32
CA THR A 153 -8.04 -3.62 34.21
C THR A 153 -8.96 -4.36 33.25
N ARG A 154 -8.66 -5.63 33.01
CA ARG A 154 -9.47 -6.45 32.12
C ARG A 154 -10.85 -6.64 32.73
N ALA A 155 -10.90 -6.85 34.05
CA ALA A 155 -12.16 -7.04 34.74
C ALA A 155 -13.02 -5.80 34.66
N GLN A 156 -12.38 -4.64 34.74
CA GLN A 156 -13.07 -3.36 34.65
C GLN A 156 -13.68 -3.22 33.25
N ALA A 157 -12.91 -3.62 32.24
CA ALA A 157 -13.39 -3.54 30.87
C ALA A 157 -14.56 -4.50 30.62
N VAL A 158 -14.49 -5.68 31.23
CA VAL A 158 -15.56 -6.66 31.08
C VAL A 158 -16.86 -6.09 31.66
N GLU A 159 -16.77 -5.54 32.86
CA GLU A 159 -17.94 -4.96 33.53
C GLU A 159 -18.58 -3.87 32.70
N HIS A 160 -17.76 -3.07 32.01
CA HIS A 160 -18.28 -1.99 31.19
C HIS A 160 -19.12 -2.59 30.05
N ASN A 161 -18.59 -3.64 29.42
CA ASN A 161 -19.30 -4.28 28.32
C ASN A 161 -20.60 -4.93 28.80
N LEU A 162 -20.58 -5.48 30.01
CA LEU A 162 -21.78 -6.11 30.55
C LEU A 162 -22.82 -5.02 30.83
N GLU A 163 -22.34 -3.85 31.20
CA GLU A 163 -23.23 -2.71 31.48
C GLU A 163 -23.91 -2.27 30.19
N CYS A 164 -23.16 -2.33 29.08
CA CYS A 164 -23.70 -1.95 27.78
C CYS A 164 -24.83 -2.91 27.39
N ILE A 165 -24.67 -4.17 27.74
CA ILE A 165 -25.69 -5.17 27.44
C ILE A 165 -26.96 -4.88 28.24
N GLU A 166 -26.80 -4.50 29.51
CA GLU A 166 -27.96 -4.19 30.34
C GLU A 166 -28.73 -3.01 29.76
N ILE A 167 -28.00 -1.98 29.32
CA ILE A 167 -28.61 -0.80 28.73
C ILE A 167 -29.34 -1.20 27.44
N GLY A 168 -28.67 -2.01 26.62
CA GLY A 168 -29.27 -2.45 25.38
C GLY A 168 -30.54 -3.26 25.57
N LYS A 169 -30.55 -4.12 26.59
CA LYS A 169 -31.72 -4.94 26.86
C LYS A 169 -32.93 -4.07 27.18
N ALA A 170 -32.69 -2.96 27.88
CA ALA A 170 -33.77 -2.05 28.26
C ALA A 170 -34.34 -1.21 27.12
N ILE A 171 -33.53 -0.91 26.12
CA ILE A 171 -34.01 -0.08 25.00
C ILE A 171 -34.41 -0.81 23.73
N GLY A 172 -34.19 -2.12 23.67
CA GLY A 172 -34.59 -2.87 22.49
C GLY A 172 -33.45 -3.38 21.61
N SER A 173 -32.22 -3.12 22.01
CA SER A 173 -31.07 -3.58 21.24
C SER A 173 -30.96 -5.11 21.32
N LYS A 174 -30.30 -5.72 20.36
CA LYS A 174 -30.14 -7.17 20.33
C LYS A 174 -28.70 -7.62 20.04
N ALA A 175 -27.75 -6.71 20.20
CA ALA A 175 -26.36 -7.06 19.93
C ALA A 175 -25.40 -6.06 20.56
N LEU A 176 -24.15 -6.51 20.73
CA LEU A 176 -23.09 -5.69 21.29
C LEU A 176 -21.90 -5.76 20.35
N THR A 177 -21.42 -4.60 19.92
CA THR A 177 -20.26 -4.52 19.04
C THR A 177 -19.07 -4.09 19.88
N VAL A 178 -17.99 -4.87 19.78
CA VAL A 178 -16.78 -4.57 20.55
C VAL A 178 -15.58 -4.24 19.67
N TRP A 179 -15.18 -2.97 19.68
CA TRP A 179 -14.00 -2.53 18.95
C TRP A 179 -13.11 -1.90 20.00
N ILE A 180 -11.86 -2.33 20.06
CA ILE A 180 -10.93 -1.75 21.02
C ILE A 180 -9.68 -1.30 20.29
N GLY A 181 -8.91 -0.43 20.92
CA GLY A 181 -7.70 0.07 20.29
C GLY A 181 -6.50 -0.76 20.68
N ASP A 182 -6.69 -1.73 21.57
CA ASP A 182 -5.61 -2.59 22.08
C ASP A 182 -4.56 -3.01 21.05
N GLY A 183 -3.29 -2.76 21.39
CA GLY A 183 -2.21 -3.12 20.50
C GLY A 183 -0.89 -2.57 21.03
N SER A 184 0.10 -2.48 20.16
CA SER A 184 1.41 -1.95 20.56
C SER A 184 1.92 -0.98 19.51
N ASN A 185 2.82 -0.09 19.93
CA ASN A 185 3.39 0.88 19.01
C ASN A 185 4.86 0.54 18.76
N PHE A 186 5.39 -0.42 19.51
CA PHE A 186 6.81 -0.81 19.39
C PHE A 186 7.04 -2.31 19.37
N PRO A 187 7.99 -2.78 18.53
CA PRO A 187 8.26 -4.21 18.50
C PRO A 187 8.71 -4.62 19.91
N GLY A 188 8.23 -5.76 20.40
CA GLY A 188 8.61 -6.22 21.72
C GLY A 188 7.71 -5.74 22.84
N GLN A 189 7.02 -4.62 22.63
CA GLN A 189 6.13 -4.08 23.65
C GLN A 189 5.11 -5.12 24.12
N SER A 190 4.54 -5.86 23.17
CA SER A 190 3.54 -6.89 23.49
C SER A 190 3.95 -8.28 23.03
N ASN A 191 3.53 -9.29 23.79
CA ASN A 191 3.75 -10.68 23.40
C ASN A 191 2.45 -10.91 22.62
N PHE A 192 2.54 -11.04 21.31
CA PHE A 192 1.33 -11.21 20.48
C PHE A 192 0.36 -12.27 20.94
N THR A 193 0.89 -13.46 21.23
CA THR A 193 0.04 -14.57 21.66
C THR A 193 -0.61 -14.38 23.03
N ARG A 194 0.17 -13.94 24.02
CA ARG A 194 -0.39 -13.73 25.35
C ARG A 194 -1.43 -12.61 25.36
N ALA A 195 -1.19 -11.56 24.58
CA ALA A 195 -2.15 -10.46 24.53
C ALA A 195 -3.47 -10.98 23.96
N PHE A 196 -3.38 -11.83 22.94
CA PHE A 196 -4.59 -12.38 22.32
C PHE A 196 -5.30 -13.34 23.27
N GLU A 197 -4.53 -14.12 24.04
CA GLU A 197 -5.15 -15.04 25.00
C GLU A 197 -5.91 -14.25 26.06
N ARG A 198 -5.31 -13.15 26.52
CA ARG A 198 -5.96 -12.33 27.53
C ARG A 198 -7.27 -11.78 26.97
N TYR A 199 -7.24 -11.34 25.73
CA TYR A 199 -8.43 -10.80 25.07
C TYR A 199 -9.50 -11.89 24.99
N LEU A 200 -9.11 -13.08 24.54
CA LEU A 200 -10.07 -14.19 24.41
C LEU A 200 -10.74 -14.55 25.74
N SER A 201 -9.98 -14.50 26.83
CA SER A 201 -10.55 -14.83 28.13
C SER A 201 -11.59 -13.80 28.55
N ALA A 202 -11.29 -12.53 28.29
CA ALA A 202 -12.20 -11.44 28.64
C ALA A 202 -13.48 -11.51 27.81
N MET A 203 -13.33 -11.77 26.52
CA MET A 203 -14.49 -11.86 25.65
C MET A 203 -15.37 -13.05 26.02
N ALA A 204 -14.75 -14.13 26.49
CA ALA A 204 -15.51 -15.30 26.90
C ALA A 204 -16.43 -14.92 28.07
N GLU A 205 -15.95 -14.03 28.94
CA GLU A 205 -16.77 -13.58 30.07
C GLU A 205 -17.94 -12.74 29.59
N ILE A 206 -17.68 -11.86 28.63
CA ILE A 206 -18.72 -11.01 28.08
C ILE A 206 -19.78 -11.89 27.40
N TYR A 207 -19.32 -12.91 26.68
CA TYR A 207 -20.21 -13.83 25.98
C TYR A 207 -21.22 -14.48 26.94
N LYS A 208 -20.78 -14.74 28.17
CA LYS A 208 -21.65 -15.37 29.18
C LYS A 208 -22.83 -14.50 29.56
N GLY A 209 -22.67 -13.18 29.43
CA GLY A 209 -23.76 -12.27 29.78
C GLY A 209 -24.73 -11.99 28.65
N LEU A 210 -24.58 -12.67 27.52
CA LEU A 210 -25.45 -12.47 26.37
C LEU A 210 -26.82 -13.15 26.46
N PRO A 211 -27.90 -12.41 26.21
CA PRO A 211 -29.21 -13.06 26.27
C PRO A 211 -29.27 -14.10 25.15
N ASP A 212 -30.22 -15.02 25.23
CA ASP A 212 -30.35 -16.07 24.22
C ASP A 212 -30.49 -15.57 22.78
N ASP A 213 -31.12 -14.41 22.59
CA ASP A 213 -31.33 -13.88 21.25
C ASP A 213 -30.43 -12.71 20.89
N TRP A 214 -29.27 -12.63 21.54
CA TRP A 214 -28.32 -11.56 21.28
C TRP A 214 -27.11 -12.07 20.50
N LYS A 215 -26.39 -11.15 19.88
CA LYS A 215 -25.19 -11.48 19.14
C LYS A 215 -24.06 -10.60 19.66
N LEU A 216 -22.83 -11.12 19.56
CA LEU A 216 -21.65 -10.37 19.98
C LEU A 216 -20.78 -10.22 18.75
N PHE A 217 -20.53 -8.97 18.36
CA PHE A 217 -19.71 -8.70 17.18
C PHE A 217 -18.36 -8.14 17.55
N SER A 218 -17.30 -8.71 16.97
CA SER A 218 -15.96 -8.20 17.21
C SER A 218 -15.54 -7.53 15.89
N GLU A 219 -14.90 -6.37 15.99
CA GLU A 219 -14.49 -5.60 14.81
C GLU A 219 -12.97 -5.52 14.65
N HIS A 220 -12.45 -6.01 13.53
CA HIS A 220 -11.01 -5.95 13.30
C HIS A 220 -10.58 -4.62 12.68
N LYS A 221 -9.31 -4.27 12.88
CA LYS A 221 -8.77 -3.04 12.35
C LYS A 221 -7.24 -3.19 12.25
N MET A 222 -6.68 -2.93 11.07
CA MET A 222 -5.25 -3.09 10.86
C MET A 222 -4.36 -2.24 11.76
N TYR A 223 -4.72 -0.97 11.93
CA TYR A 223 -3.95 -0.05 12.76
C TYR A 223 -4.79 1.17 13.14
N GLU A 224 -4.26 1.94 14.09
CA GLU A 224 -4.87 3.16 14.66
C GLU A 224 -5.95 2.81 15.67
N PRO A 225 -5.75 3.17 16.95
CA PRO A 225 -4.64 3.88 17.58
C PRO A 225 -3.29 3.19 17.74
N ALA A 226 -3.21 1.89 17.53
CA ALA A 226 -1.93 1.19 17.66
C ALA A 226 -1.23 1.25 16.31
N PHE A 227 0.04 1.67 16.33
CA PHE A 227 0.78 1.82 15.09
C PHE A 227 1.86 0.80 14.75
N TYR A 228 1.94 -0.29 15.52
CA TYR A 228 2.88 -1.36 15.18
C TYR A 228 2.08 -2.66 15.06
N SER A 229 1.34 -3.01 16.10
CA SER A 229 0.52 -4.21 16.06
C SER A 229 -0.81 -3.92 16.75
N THR A 230 -1.84 -4.66 16.36
CA THR A 230 -3.17 -4.51 16.94
C THR A 230 -3.64 -5.93 17.25
N VAL A 231 -4.25 -6.15 18.41
CA VAL A 231 -4.69 -7.49 18.79
C VAL A 231 -5.69 -8.08 17.77
N VAL A 232 -6.76 -7.35 17.50
CA VAL A 232 -7.75 -7.81 16.51
C VAL A 232 -7.41 -7.02 15.25
N GLN A 233 -6.36 -7.46 14.55
CA GLN A 233 -5.86 -6.74 13.38
C GLN A 233 -6.50 -7.02 12.02
N ASP A 234 -6.98 -8.23 11.79
CA ASP A 234 -7.61 -8.54 10.51
C ASP A 234 -8.71 -9.59 10.64
N TRP A 235 -9.34 -9.92 9.51
CA TRP A 235 -10.43 -10.88 9.52
C TRP A 235 -10.04 -12.30 9.91
N GLY A 236 -8.75 -12.63 9.77
CA GLY A 236 -8.28 -13.95 10.15
C GLY A 236 -8.36 -14.10 11.66
N THR A 237 -7.81 -13.12 12.37
CA THR A 237 -7.85 -13.13 13.82
C THR A 237 -9.32 -13.02 14.24
N ASN A 238 -10.08 -12.22 13.52
CA ASN A 238 -11.49 -12.05 13.84
C ASN A 238 -12.23 -13.37 13.75
N TYR A 239 -11.93 -14.16 12.72
CA TYR A 239 -12.60 -15.45 12.59
C TYR A 239 -12.25 -16.35 13.77
N LEU A 240 -10.98 -16.37 14.15
CA LEU A 240 -10.56 -17.19 15.28
C LEU A 240 -11.33 -16.81 16.53
N ILE A 241 -11.55 -15.50 16.72
CA ILE A 241 -12.30 -15.02 17.87
C ILE A 241 -13.71 -15.57 17.84
N ALA A 242 -14.45 -15.28 16.77
CA ALA A 242 -15.82 -15.73 16.64
C ALA A 242 -15.98 -17.23 16.79
N GLN A 243 -15.12 -18.00 16.13
CA GLN A 243 -15.21 -19.45 16.21
C GLN A 243 -14.95 -19.95 17.63
N THR A 244 -14.00 -19.32 18.32
CA THR A 244 -13.65 -19.69 19.68
C THR A 244 -14.76 -19.39 20.68
N LEU A 245 -15.37 -18.21 20.56
CA LEU A 245 -16.41 -17.79 21.49
C LEU A 245 -17.72 -18.57 21.41
N GLY A 246 -18.19 -18.87 20.21
CA GLY A 246 -19.43 -19.62 20.09
C GLY A 246 -20.40 -19.13 19.02
N PRO A 247 -21.55 -19.79 18.86
CA PRO A 247 -22.59 -19.47 17.89
C PRO A 247 -23.10 -18.03 17.89
N LYS A 248 -23.15 -17.41 19.06
CA LYS A 248 -23.64 -16.04 19.17
C LYS A 248 -22.62 -14.99 18.75
N ALA A 249 -21.36 -15.42 18.58
CA ALA A 249 -20.29 -14.51 18.21
C ALA A 249 -20.02 -14.48 16.72
N GLN A 250 -19.96 -13.28 16.16
CA GLN A 250 -19.70 -13.11 14.73
C GLN A 250 -18.79 -11.92 14.47
N CYS A 251 -18.33 -11.80 13.23
CA CYS A 251 -17.41 -10.73 12.84
C CYS A 251 -18.04 -9.55 12.13
N LEU A 252 -17.59 -8.36 12.49
CA LEU A 252 -18.09 -7.15 11.85
C LEU A 252 -17.00 -6.60 10.94
N VAL A 253 -17.38 -6.30 9.70
CA VAL A 253 -16.45 -5.78 8.70
C VAL A 253 -16.66 -4.29 8.48
N ASP A 254 -15.66 -3.48 8.84
CA ASP A 254 -15.70 -2.03 8.62
C ASP A 254 -14.83 -1.82 7.39
N LEU A 255 -15.44 -1.35 6.30
CA LEU A 255 -14.74 -1.17 5.03
C LEU A 255 -13.38 -0.51 5.04
N GLY A 256 -13.18 0.54 5.85
CA GLY A 256 -11.89 1.20 5.85
C GLY A 256 -10.81 0.64 6.77
N HIS A 257 -11.04 -0.56 7.31
CA HIS A 257 -10.08 -1.15 8.23
C HIS A 257 -9.13 -2.19 7.65
N HIS A 258 -8.90 -2.15 6.35
CA HIS A 258 -8.05 -3.14 5.70
C HIS A 258 -6.78 -2.57 5.07
N ALA A 259 -5.80 -3.45 4.85
CA ALA A 259 -4.54 -3.04 4.25
C ALA A 259 -4.76 -2.55 2.82
N PRO A 260 -3.84 -1.73 2.31
CA PRO A 260 -3.97 -1.22 0.95
C PRO A 260 -4.16 -2.35 -0.07
N ASN A 261 -5.09 -2.15 -1.00
CA ASN A 261 -5.38 -3.11 -2.07
C ASN A 261 -6.09 -4.41 -1.70
N THR A 262 -6.45 -4.56 -0.43
CA THR A 262 -7.14 -5.78 0.02
C THR A 262 -8.42 -6.02 -0.78
N ASN A 263 -8.72 -7.29 -1.07
CA ASN A 263 -9.97 -7.60 -1.77
C ASN A 263 -10.96 -7.79 -0.61
N ILE A 264 -11.70 -6.74 -0.32
CA ILE A 264 -12.65 -6.76 0.78
C ILE A 264 -13.87 -7.63 0.51
N GLU A 265 -14.38 -7.60 -0.72
CA GLU A 265 -15.54 -8.40 -1.06
C GLU A 265 -15.27 -9.90 -0.89
N MET A 266 -14.01 -10.33 -1.03
CA MET A 266 -13.70 -11.74 -0.85
C MET A 266 -13.78 -12.09 0.64
N ILE A 267 -13.34 -11.17 1.50
CA ILE A 267 -13.40 -11.40 2.93
C ILE A 267 -14.87 -11.59 3.31
N VAL A 268 -15.74 -10.75 2.75
CA VAL A 268 -17.16 -10.84 3.01
C VAL A 268 -17.69 -12.21 2.64
N ALA A 269 -17.32 -12.70 1.46
CA ALA A 269 -17.76 -14.01 1.01
C ALA A 269 -17.25 -15.14 1.91
N ARG A 270 -15.99 -15.06 2.32
CA ARG A 270 -15.40 -16.08 3.17
C ARG A 270 -16.14 -16.17 4.52
N LEU A 271 -16.42 -15.02 5.12
CA LEU A 271 -17.11 -14.99 6.39
C LEU A 271 -18.52 -15.56 6.28
N ILE A 272 -19.19 -15.28 5.16
CA ILE A 272 -20.54 -15.79 4.94
C ILE A 272 -20.50 -17.32 4.81
N GLN A 273 -19.52 -17.82 4.08
CA GLN A 273 -19.40 -19.26 3.88
C GLN A 273 -19.28 -20.01 5.20
N PHE A 274 -18.58 -19.41 6.16
CA PHE A 274 -18.38 -20.04 7.46
C PHE A 274 -19.31 -19.53 8.56
N GLY A 275 -20.39 -18.87 8.14
CA GLY A 275 -21.40 -18.36 9.06
C GLY A 275 -20.98 -17.35 10.11
N LYS A 276 -19.95 -16.56 9.83
CA LYS A 276 -19.48 -15.58 10.80
C LYS A 276 -19.52 -14.11 10.36
N LEU A 277 -20.34 -13.79 9.37
CA LEU A 277 -20.44 -12.40 8.95
C LEU A 277 -21.55 -11.78 9.79
N GLY A 278 -21.15 -11.10 10.86
CA GLY A 278 -22.12 -10.48 11.75
C GLY A 278 -22.77 -9.23 11.17
N GLY A 279 -21.97 -8.38 10.55
CA GLY A 279 -22.51 -7.17 9.98
C GLY A 279 -21.45 -6.29 9.35
N PHE A 280 -21.87 -5.10 8.95
CA PHE A 280 -20.99 -4.13 8.29
C PHE A 280 -21.00 -2.74 8.90
N HIS A 281 -19.87 -2.07 8.75
CA HIS A 281 -19.72 -0.68 9.15
C HIS A 281 -19.36 -0.05 7.79
N PHE A 282 -20.32 0.66 7.21
CA PHE A 282 -20.15 1.30 5.91
C PHE A 282 -19.53 2.68 5.98
N ASN A 283 -18.67 2.95 5.00
CA ASN A 283 -17.96 4.21 4.85
C ASN A 283 -17.06 4.04 3.63
N ASP A 284 -16.35 5.10 3.24
CA ASP A 284 -15.44 4.97 2.12
C ASP A 284 -14.08 5.52 2.54
N SER A 285 -13.06 5.27 1.73
CA SER A 285 -11.73 5.73 2.06
C SER A 285 -10.82 5.66 0.83
N LYS A 286 -9.65 6.29 0.94
CA LYS A 286 -8.69 6.25 -0.15
C LYS A 286 -7.30 5.90 0.38
N TYR A 287 -6.98 6.36 1.59
CA TYR A 287 -5.67 6.13 2.20
C TYR A 287 -5.64 5.18 3.39
N GLY A 288 -6.39 5.51 4.44
CA GLY A 288 -6.43 4.67 5.62
C GLY A 288 -7.87 4.53 6.10
N ASP A 289 -8.09 4.63 7.40
CA ASP A 289 -9.47 4.52 7.93
C ASP A 289 -10.00 5.94 7.86
N ASP A 290 -10.20 6.42 6.64
CA ASP A 290 -10.64 7.79 6.41
C ASP A 290 -12.04 8.13 6.88
N ASP A 291 -12.91 7.12 6.99
CA ASP A 291 -14.28 7.32 7.43
C ASP A 291 -15.10 8.33 6.62
N LEU A 292 -14.90 8.33 5.31
CA LEU A 292 -15.61 9.24 4.42
C LEU A 292 -17.00 8.71 4.06
N ASP A 293 -17.81 9.56 3.43
CA ASP A 293 -19.17 9.20 3.01
C ASP A 293 -19.13 7.97 2.12
N ALA A 294 -19.97 6.99 2.42
CA ALA A 294 -20.04 5.75 1.65
C ALA A 294 -20.21 6.01 0.16
N GLY A 295 -19.40 5.32 -0.63
CA GLY A 295 -19.46 5.42 -2.08
C GLY A 295 -18.94 6.71 -2.72
N ALA A 296 -18.49 7.67 -1.91
CA ALA A 296 -17.99 8.92 -2.45
C ALA A 296 -16.63 8.81 -3.14
N ILE A 297 -15.89 7.76 -2.82
CA ILE A 297 -14.57 7.56 -3.41
C ILE A 297 -14.51 6.38 -4.39
N GLU A 298 -15.02 5.23 -3.96
CA GLU A 298 -15.02 4.03 -4.81
C GLU A 298 -16.39 3.36 -4.82
N PRO A 299 -17.31 3.91 -5.62
CA PRO A 299 -18.66 3.34 -5.70
C PRO A 299 -18.74 1.90 -6.24
N TYR A 300 -17.82 1.50 -7.10
CA TYR A 300 -17.88 0.14 -7.64
C TYR A 300 -17.57 -0.90 -6.58
N ARG A 301 -16.60 -0.60 -5.71
CA ARG A 301 -16.23 -1.50 -4.62
C ARG A 301 -17.43 -1.76 -3.70
N LEU A 302 -18.21 -0.71 -3.44
CA LEU A 302 -19.37 -0.84 -2.58
C LEU A 302 -20.38 -1.77 -3.25
N PHE A 303 -20.54 -1.63 -4.57
CA PHE A 303 -21.44 -2.47 -5.34
C PHE A 303 -20.97 -3.92 -5.30
N LEU A 304 -19.65 -4.12 -5.39
CA LEU A 304 -19.11 -5.48 -5.38
C LEU A 304 -19.33 -6.16 -4.03
N VAL A 305 -19.38 -5.37 -2.96
CA VAL A 305 -19.63 -5.93 -1.63
C VAL A 305 -21.10 -6.37 -1.62
N PHE A 306 -21.98 -5.51 -2.11
CA PHE A 306 -23.39 -5.86 -2.14
C PHE A 306 -23.69 -7.02 -3.08
N ASN A 307 -22.84 -7.19 -4.08
CA ASN A 307 -23.01 -8.30 -5.02
C ASN A 307 -22.83 -9.61 -4.26
N GLU A 308 -21.89 -9.62 -3.29
CA GLU A 308 -21.67 -10.84 -2.52
C GLU A 308 -22.83 -11.10 -1.56
N LEU A 309 -23.41 -10.03 -1.03
CA LEU A 309 -24.53 -10.14 -0.10
C LEU A 309 -25.79 -10.66 -0.81
N VAL A 310 -26.02 -10.17 -2.03
CA VAL A 310 -27.18 -10.62 -2.79
C VAL A 310 -26.94 -12.03 -3.32
N ASP A 311 -25.70 -12.37 -3.66
CA ASP A 311 -25.41 -13.71 -4.13
C ASP A 311 -25.68 -14.72 -3.03
N ALA A 312 -25.38 -14.33 -1.78
CA ALA A 312 -25.60 -15.22 -0.65
C ALA A 312 -27.08 -15.66 -0.63
N GLU A 313 -27.98 -14.70 -0.84
CA GLU A 313 -29.40 -15.02 -0.86
C GLU A 313 -29.70 -15.93 -2.05
N ALA A 314 -29.10 -15.61 -3.19
CA ALA A 314 -29.30 -16.41 -4.40
C ALA A 314 -28.84 -17.86 -4.18
N ARG A 315 -27.83 -18.05 -3.35
CA ARG A 315 -27.32 -19.40 -3.08
C ARG A 315 -28.12 -20.12 -2.02
N GLY A 316 -29.06 -19.41 -1.40
CA GLY A 316 -29.90 -20.02 -0.37
C GLY A 316 -29.28 -20.11 1.01
N VAL A 317 -28.33 -19.24 1.32
CA VAL A 317 -27.72 -19.26 2.64
C VAL A 317 -28.84 -19.02 3.65
N LYS A 318 -28.94 -19.90 4.65
CA LYS A 318 -29.99 -19.78 5.64
C LYS A 318 -29.64 -18.97 6.88
N GLY A 319 -30.65 -18.31 7.44
CA GLY A 319 -30.45 -17.50 8.63
C GLY A 319 -29.43 -16.39 8.45
N PHE A 320 -29.36 -15.84 7.25
CA PHE A 320 -28.40 -14.77 6.95
C PHE A 320 -29.06 -13.40 7.06
N HIS A 321 -28.86 -12.74 8.19
CA HIS A 321 -29.41 -11.42 8.43
C HIS A 321 -28.34 -10.51 9.03
N PRO A 322 -27.32 -10.15 8.23
CA PRO A 322 -26.25 -9.29 8.73
C PRO A 322 -26.77 -7.92 9.16
N ALA A 323 -26.15 -7.36 10.20
CA ALA A 323 -26.55 -6.04 10.66
C ALA A 323 -25.83 -5.02 9.77
N HIS A 324 -26.53 -3.97 9.36
CA HIS A 324 -25.94 -2.95 8.51
C HIS A 324 -25.90 -1.62 9.27
N MET A 325 -24.71 -1.02 9.34
CA MET A 325 -24.55 0.24 10.04
C MET A 325 -23.56 1.15 9.33
N ILE A 326 -23.79 2.45 9.43
CA ILE A 326 -22.88 3.42 8.85
C ILE A 326 -21.94 3.84 9.98
N ASP A 327 -20.65 3.91 9.69
CA ASP A 327 -19.67 4.35 10.69
C ASP A 327 -18.77 5.34 9.95
N GLN A 328 -19.09 6.62 10.08
CA GLN A 328 -18.36 7.68 9.39
C GLN A 328 -18.05 8.88 10.28
N SER A 329 -17.16 9.74 9.80
CA SER A 329 -16.79 10.96 10.50
C SER A 329 -17.00 12.07 9.47
N HIS A 330 -17.78 13.07 9.84
CA HIS A 330 -18.07 14.17 8.93
C HIS A 330 -17.33 15.42 9.38
N ASN A 331 -16.16 15.63 8.76
CA ASN A 331 -15.29 16.74 9.12
C ASN A 331 -15.47 18.04 8.36
N VAL A 332 -15.98 17.98 7.14
CA VAL A 332 -16.12 19.19 6.35
C VAL A 332 -17.48 19.38 5.69
N THR A 333 -18.51 18.76 6.24
CA THR A 333 -19.87 18.86 5.71
C THR A 333 -20.88 18.87 6.84
N ASP A 334 -22.14 19.15 6.52
CA ASP A 334 -23.20 19.11 7.54
C ASP A 334 -23.41 17.60 7.74
N PRO A 335 -23.20 17.11 8.98
CA PRO A 335 -23.36 15.67 9.29
C PRO A 335 -24.68 15.05 8.84
N ILE A 336 -25.76 15.80 8.98
CA ILE A 336 -27.06 15.29 8.58
C ILE A 336 -27.12 15.09 7.06
N GLU A 337 -26.53 16.00 6.31
CA GLU A 337 -26.54 15.88 4.86
C GLU A 337 -25.67 14.72 4.39
N SER A 338 -24.52 14.54 5.01
CA SER A 338 -23.65 13.43 4.62
C SER A 338 -24.27 12.08 4.97
N LEU A 339 -24.93 11.98 6.11
CA LEU A 339 -25.56 10.71 6.49
C LEU A 339 -26.70 10.40 5.53
N ILE A 340 -27.43 11.44 5.12
CA ILE A 340 -28.53 11.27 4.17
C ILE A 340 -28.01 10.69 2.85
N ASN A 341 -27.03 11.35 2.25
CA ASN A 341 -26.50 10.87 0.99
C ASN A 341 -25.75 9.56 1.08
N SER A 342 -25.19 9.27 2.26
CA SER A 342 -24.47 8.01 2.45
C SER A 342 -25.47 6.86 2.49
N ALA A 343 -26.56 7.06 3.23
CA ALA A 343 -27.60 6.04 3.32
C ALA A 343 -28.14 5.80 1.91
N ASN A 344 -28.24 6.87 1.13
CA ASN A 344 -28.73 6.81 -0.25
C ASN A 344 -27.78 5.99 -1.12
N GLU A 345 -26.48 6.19 -0.94
CA GLU A 345 -25.49 5.47 -1.74
C GLU A 345 -25.51 3.99 -1.42
N ILE A 346 -25.74 3.65 -0.16
CA ILE A 346 -25.80 2.25 0.23
C ILE A 346 -27.01 1.59 -0.42
N ARG A 347 -28.15 2.26 -0.42
CA ARG A 347 -29.34 1.70 -1.07
C ARG A 347 -29.11 1.62 -2.58
N ARG A 348 -28.31 2.55 -3.10
CA ARG A 348 -27.99 2.59 -4.53
C ARG A 348 -27.25 1.32 -4.94
N ALA A 349 -26.19 1.01 -4.18
CA ALA A 349 -25.38 -0.18 -4.44
C ALA A 349 -26.21 -1.45 -4.30
N TYR A 350 -27.09 -1.45 -3.29
CA TYR A 350 -27.97 -2.58 -3.04
C TYR A 350 -28.89 -2.79 -4.24
N ALA A 351 -29.54 -1.70 -4.69
CA ALA A 351 -30.46 -1.78 -5.83
C ALA A 351 -29.76 -2.30 -7.09
N GLN A 352 -28.55 -1.81 -7.36
CA GLN A 352 -27.84 -2.26 -8.54
C GLN A 352 -27.50 -3.76 -8.43
N ALA A 353 -27.18 -4.22 -7.21
CA ALA A 353 -26.84 -5.62 -6.99
C ALA A 353 -28.05 -6.50 -7.28
N LEU A 354 -29.24 -5.95 -7.05
CA LEU A 354 -30.47 -6.69 -7.30
C LEU A 354 -30.74 -6.82 -8.79
N LEU A 355 -30.19 -5.91 -9.58
CA LEU A 355 -30.40 -5.93 -11.03
C LEU A 355 -29.56 -6.95 -11.78
N VAL A 356 -28.52 -7.46 -11.12
CA VAL A 356 -27.63 -8.43 -11.78
C VAL A 356 -28.39 -9.66 -12.29
N ASP A 357 -28.20 -10.00 -13.57
CA ASP A 357 -28.83 -11.18 -14.14
C ASP A 357 -27.98 -12.35 -13.69
N ARG A 358 -28.34 -12.96 -12.57
CA ARG A 358 -27.55 -14.06 -12.04
C ARG A 358 -27.67 -15.36 -12.81
N ALA A 359 -28.73 -15.49 -13.60
CA ALA A 359 -28.90 -16.68 -14.42
C ALA A 359 -27.80 -16.62 -15.47
N ALA A 360 -27.66 -15.44 -16.09
CA ALA A 360 -26.66 -15.22 -17.10
C ALA A 360 -25.27 -15.31 -16.48
N LEU A 361 -25.08 -14.66 -15.34
CA LEU A 361 -23.79 -14.69 -14.66
C LEU A 361 -23.31 -16.11 -14.35
N SER A 362 -24.21 -16.95 -13.86
CA SER A 362 -23.82 -18.33 -13.54
C SER A 362 -23.33 -19.05 -14.79
N GLY A 363 -23.98 -18.80 -15.92
CA GLY A 363 -23.58 -19.42 -17.16
C GLY A 363 -22.18 -19.01 -17.56
N TYR A 364 -21.90 -17.70 -17.51
CA TYR A 364 -20.58 -17.20 -17.88
C TYR A 364 -19.49 -17.67 -16.92
N GLN A 365 -19.84 -17.89 -15.66
CA GLN A 365 -18.85 -18.36 -14.69
C GLN A 365 -18.50 -19.82 -14.97
N GLU A 366 -19.51 -20.63 -15.27
CA GLU A 366 -19.28 -22.03 -15.55
C GLU A 366 -18.45 -22.23 -16.82
N ASP A 367 -18.65 -21.36 -17.80
CA ASP A 367 -17.92 -21.45 -19.07
C ASP A 367 -16.62 -20.66 -19.09
N ASN A 368 -16.27 -20.06 -17.95
CA ASN A 368 -15.05 -19.26 -17.85
C ASN A 368 -15.00 -18.13 -18.89
N ASP A 369 -16.15 -17.49 -19.12
CA ASP A 369 -16.24 -16.37 -20.05
C ASP A 369 -16.06 -15.13 -19.15
N ALA A 370 -14.82 -14.83 -18.81
CA ALA A 370 -14.51 -13.72 -17.92
C ALA A 370 -15.04 -12.36 -18.39
N LEU A 371 -14.91 -12.08 -19.67
CA LEU A 371 -15.36 -10.81 -20.21
C LEU A 371 -16.87 -10.62 -20.07
N MET A 372 -17.66 -11.60 -20.48
CA MET A 372 -19.10 -11.46 -20.36
C MET A 372 -19.55 -11.50 -18.90
N ALA A 373 -18.82 -12.24 -18.07
CA ALA A 373 -19.17 -12.30 -16.66
C ALA A 373 -19.02 -10.91 -16.03
N THR A 374 -17.91 -10.24 -16.32
CA THR A 374 -17.69 -8.90 -15.75
C THR A 374 -18.69 -7.90 -16.35
N GLU A 375 -19.01 -8.06 -17.62
CA GLU A 375 -19.96 -7.16 -18.26
C GLU A 375 -21.37 -7.36 -17.72
N THR A 376 -21.65 -8.56 -17.21
CA THR A 376 -22.97 -8.84 -16.64
C THR A 376 -23.10 -8.01 -15.35
N LEU A 377 -22.01 -7.92 -14.59
CA LEU A 377 -22.04 -7.12 -13.37
C LEU A 377 -22.14 -5.64 -13.73
N LYS A 378 -21.40 -5.22 -14.75
CA LYS A 378 -21.40 -3.81 -15.17
C LYS A 378 -22.74 -3.33 -15.70
N ARG A 379 -23.47 -4.18 -16.41
CA ARG A 379 -24.76 -3.77 -16.95
C ARG A 379 -25.70 -3.34 -15.82
N ALA A 380 -25.55 -3.98 -14.66
CA ALA A 380 -26.36 -3.64 -13.50
C ALA A 380 -25.83 -2.38 -12.83
N TYR A 381 -24.52 -2.36 -12.59
CA TYR A 381 -23.86 -1.23 -11.94
C TYR A 381 -23.98 0.09 -12.70
N ARG A 382 -23.94 0.03 -14.02
CA ARG A 382 -24.01 1.25 -14.84
C ARG A 382 -25.41 1.86 -14.87
N THR A 383 -26.41 1.10 -14.43
CA THR A 383 -27.79 1.58 -14.43
C THR A 383 -28.01 2.65 -13.36
N ASP A 384 -28.59 3.78 -13.77
CA ASP A 384 -28.86 4.85 -12.83
C ASP A 384 -30.15 4.51 -12.10
N VAL A 385 -30.03 4.04 -10.87
CA VAL A 385 -31.20 3.65 -10.10
C VAL A 385 -31.78 4.74 -9.22
N GLU A 386 -31.30 5.97 -9.39
CA GLU A 386 -31.80 7.09 -8.59
C GLU A 386 -33.32 7.18 -8.62
N PRO A 387 -33.96 6.91 -9.78
CA PRO A 387 -35.43 6.99 -9.81
C PRO A 387 -36.08 5.99 -8.86
N ILE A 388 -35.47 4.82 -8.72
CA ILE A 388 -35.98 3.79 -7.82
C ILE A 388 -35.83 4.24 -6.36
N LEU A 389 -34.67 4.82 -6.03
CA LEU A 389 -34.45 5.29 -4.67
C LEU A 389 -35.43 6.42 -4.33
N ALA A 390 -35.63 7.33 -5.27
CA ALA A 390 -36.52 8.46 -5.07
C ALA A 390 -37.98 8.03 -4.91
N GLU A 391 -38.41 7.08 -5.74
CA GLU A 391 -39.80 6.59 -5.67
C GLU A 391 -40.01 5.84 -4.36
N ALA A 392 -38.99 5.11 -3.92
CA ALA A 392 -39.09 4.36 -2.66
C ALA A 392 -39.32 5.36 -1.52
N ARG A 393 -38.65 6.51 -1.59
CA ARG A 393 -38.83 7.53 -0.55
C ARG A 393 -40.22 8.16 -0.65
N ARG A 394 -40.65 8.51 -1.86
CA ARG A 394 -41.96 9.14 -2.05
C ARG A 394 -43.09 8.31 -1.47
N ARG A 395 -43.08 7.01 -1.75
CA ARG A 395 -44.15 6.15 -1.27
C ARG A 395 -44.11 5.82 0.22
N THR A 396 -42.99 6.10 0.89
CA THR A 396 -42.89 5.81 2.32
C THR A 396 -42.85 7.03 3.24
N GLY A 397 -43.15 8.20 2.68
CA GLY A 397 -43.18 9.41 3.48
C GLY A 397 -41.91 10.23 3.46
N GLY A 398 -40.96 9.81 2.62
CA GLY A 398 -39.69 10.52 2.51
C GLY A 398 -39.67 11.57 1.42
N ALA A 399 -38.48 12.11 1.16
CA ALA A 399 -38.30 13.16 0.16
C ALA A 399 -37.67 12.68 -1.14
N VAL A 400 -38.21 13.14 -2.27
CA VAL A 400 -37.69 12.79 -3.58
C VAL A 400 -36.21 13.18 -3.66
N ASP A 401 -35.89 14.39 -3.18
CA ASP A 401 -34.50 14.87 -3.12
C ASP A 401 -34.30 15.26 -1.65
N PRO A 402 -33.81 14.32 -0.82
CA PRO A 402 -33.58 14.54 0.62
C PRO A 402 -32.76 15.75 1.03
N VAL A 403 -31.56 15.91 0.48
CA VAL A 403 -30.74 17.06 0.87
C VAL A 403 -31.37 18.40 0.48
N ALA A 404 -31.94 18.47 -0.72
CA ALA A 404 -32.58 19.71 -1.17
C ALA A 404 -33.74 20.07 -0.25
N THR A 405 -34.47 19.05 0.19
CA THR A 405 -35.60 19.27 1.07
C THR A 405 -35.10 19.70 2.45
N TYR A 406 -34.01 19.08 2.90
CA TYR A 406 -33.42 19.42 4.18
C TYR A 406 -33.00 20.88 4.19
N ARG A 407 -32.40 21.33 3.08
CA ARG A 407 -31.96 22.72 2.98
C ARG A 407 -33.14 23.69 2.92
N ALA A 408 -34.19 23.30 2.21
CA ALA A 408 -35.38 24.14 2.06
C ALA A 408 -36.11 24.32 3.39
N SER A 409 -35.97 23.34 4.28
CA SER A 409 -36.64 23.38 5.57
C SER A 409 -36.05 24.39 6.56
N GLY A 410 -34.76 24.68 6.41
CA GLY A 410 -34.11 25.60 7.31
C GLY A 410 -33.80 24.97 8.67
N TYR A 411 -33.80 23.64 8.71
CA TYR A 411 -33.54 22.89 9.95
C TYR A 411 -32.23 23.26 10.66
N ARG A 412 -31.13 23.32 9.92
CA ARG A 412 -29.85 23.63 10.53
C ARG A 412 -29.88 24.99 11.24
N ALA A 413 -30.40 26.01 10.56
CA ALA A 413 -30.48 27.34 11.15
C ALA A 413 -31.37 27.31 12.39
N ARG A 414 -32.40 26.48 12.36
CA ARG A 414 -33.32 26.36 13.49
C ARG A 414 -32.61 25.83 14.74
N VAL A 415 -31.92 24.69 14.60
CA VAL A 415 -31.22 24.11 15.73
C VAL A 415 -30.01 24.94 16.15
N ALA A 416 -29.45 25.70 15.21
CA ALA A 416 -28.30 26.55 15.52
C ALA A 416 -28.75 27.61 16.53
N ALA A 417 -29.99 28.06 16.41
CA ALA A 417 -30.52 29.07 17.32
C ALA A 417 -30.95 28.46 18.65
N GLU A 418 -31.31 27.19 18.64
CA GLU A 418 -31.76 26.49 19.85
C GLU A 418 -30.63 25.94 20.72
N ARG A 419 -29.52 25.58 20.09
CA ARG A 419 -28.41 24.97 20.80
C ARG A 419 -27.21 25.86 21.04
N PRO A 420 -26.73 25.91 22.29
CA PRO A 420 -25.56 26.74 22.60
C PRO A 420 -24.30 25.98 22.20
N ALA A 421 -23.35 26.68 21.59
CA ALA A 421 -22.11 26.04 21.18
C ALA A 421 -21.22 25.89 22.41
N SER A 422 -20.37 24.85 22.42
CA SER A 422 -19.47 24.62 23.53
C SER A 422 -18.45 25.75 23.58
N VAL A 423 -18.14 26.24 24.78
CA VAL A 423 -17.20 27.32 24.93
C VAL A 423 -15.85 26.86 25.51
N ALA A 424 -15.88 25.78 26.28
CA ALA A 424 -14.66 25.25 26.87
C ALA A 424 -14.55 23.74 26.67
N PHE B 4 21.44 23.17 35.58
CA PHE B 4 21.39 21.78 35.08
C PHE B 4 20.09 21.10 35.52
N ARG B 5 19.35 20.54 34.57
CA ARG B 5 18.10 19.87 34.89
C ARG B 5 18.42 18.57 35.62
N ILE B 6 19.52 17.93 35.22
CA ILE B 6 19.94 16.68 35.83
C ILE B 6 21.22 16.99 36.61
N ALA B 7 21.24 16.64 37.90
CA ALA B 7 22.41 16.89 38.74
C ALA B 7 23.67 16.32 38.10
N GLN B 8 24.74 17.11 38.09
CA GLN B 8 26.00 16.67 37.50
C GLN B 8 26.56 15.45 38.23
N ASP B 9 26.31 15.35 39.53
CA ASP B 9 26.81 14.22 40.30
C ASP B 9 26.17 12.92 39.83
N VAL B 10 24.90 12.98 39.47
CA VAL B 10 24.20 11.79 38.99
C VAL B 10 24.78 11.35 37.65
N VAL B 11 25.01 12.31 36.77
CA VAL B 11 25.58 11.99 35.47
C VAL B 11 26.96 11.38 35.67
N ALA B 12 27.75 12.00 36.54
CA ALA B 12 29.10 11.51 36.82
C ALA B 12 29.06 10.09 37.38
N ARG B 13 28.20 9.88 38.38
CA ARG B 13 28.07 8.56 39.00
C ARG B 13 27.68 7.47 38.00
N GLU B 14 26.65 7.74 37.20
CA GLU B 14 26.18 6.76 36.24
C GLU B 14 27.19 6.51 35.11
N ASN B 15 28.00 7.51 34.80
CA ASN B 15 29.02 7.36 33.76
C ASN B 15 30.15 6.49 34.29
N ASP B 16 30.60 6.77 35.52
CA ASP B 16 31.69 6.00 36.12
C ASP B 16 31.31 4.53 36.26
N ARG B 17 30.04 4.28 36.57
CA ARG B 17 29.55 2.92 36.75
C ARG B 17 29.67 2.10 35.46
N ARG B 18 29.56 2.77 34.33
CA ARG B 18 29.61 2.11 33.03
C ARG B 18 30.89 2.39 32.24
N ALA B 19 31.80 3.16 32.83
CA ALA B 19 33.05 3.53 32.18
C ALA B 19 33.90 2.37 31.70
N SER B 20 34.17 1.41 32.58
CA SER B 20 35.01 0.28 32.23
C SER B 20 34.51 -0.56 31.06
N ALA B 21 33.20 -0.82 31.03
CA ALA B 21 32.63 -1.61 29.95
C ALA B 21 32.75 -0.85 28.63
N LEU B 22 32.53 0.46 28.67
CA LEU B 22 32.62 1.29 27.48
C LEU B 22 34.04 1.26 26.93
N LYS B 23 35.02 1.29 27.84
CA LYS B 23 36.42 1.26 27.42
C LYS B 23 36.69 -0.02 26.63
N GLU B 24 36.22 -1.15 27.15
CA GLU B 24 36.42 -2.43 26.49
C GLU B 24 35.75 -2.50 25.11
N ASP B 25 34.52 -2.00 25.02
CA ASP B 25 33.79 -2.01 23.75
C ASP B 25 34.35 -1.01 22.74
N TYR B 26 34.78 0.15 23.21
CA TYR B 26 35.32 1.17 22.31
C TYR B 26 36.66 0.70 21.72
N GLU B 27 37.51 0.11 22.55
CA GLU B 27 38.81 -0.37 22.08
C GLU B 27 38.66 -1.53 21.10
N ALA B 28 37.70 -2.41 21.35
CA ALA B 28 37.44 -3.55 20.47
C ALA B 28 36.98 -3.05 19.11
N LEU B 29 36.04 -2.09 19.11
CA LEU B 29 35.52 -1.54 17.87
C LEU B 29 36.64 -0.77 17.17
N GLY B 30 37.49 -0.13 17.95
CA GLY B 30 38.59 0.63 17.39
C GLY B 30 39.52 -0.30 16.62
N ALA B 31 39.81 -1.45 17.20
CA ALA B 31 40.69 -2.43 16.57
C ALA B 31 40.04 -2.96 15.30
N ASN B 32 38.75 -3.28 15.37
CA ASN B 32 38.02 -3.79 14.22
C ASN B 32 38.01 -2.79 13.07
N LEU B 33 37.75 -1.53 13.39
CA LEU B 33 37.73 -0.51 12.35
C LEU B 33 39.12 -0.27 11.79
N ALA B 34 40.14 -0.43 12.63
CA ALA B 34 41.52 -0.24 12.19
C ALA B 34 41.86 -1.27 11.12
N ARG B 35 41.45 -2.52 11.35
CA ARG B 35 41.70 -3.58 10.39
C ARG B 35 40.97 -3.28 9.08
N ARG B 36 39.98 -2.40 9.14
CA ARG B 36 39.20 -2.02 7.96
C ARG B 36 39.69 -0.70 7.38
N GLY B 37 40.77 -0.17 7.93
CA GLY B 37 41.34 1.08 7.44
C GLY B 37 40.60 2.33 7.86
N VAL B 38 39.92 2.28 8.99
CA VAL B 38 39.17 3.43 9.49
C VAL B 38 39.63 3.80 10.89
N ASP B 39 39.77 5.10 11.14
CA ASP B 39 40.20 5.60 12.45
C ASP B 39 38.96 5.97 13.26
N ILE B 40 38.66 5.16 14.27
CA ILE B 40 37.50 5.37 15.11
C ILE B 40 37.44 6.77 15.72
N GLU B 41 38.60 7.35 16.01
CA GLU B 41 38.64 8.69 16.58
C GLU B 41 38.09 9.75 15.63
N ALA B 42 38.27 9.52 14.34
CA ALA B 42 37.78 10.44 13.32
C ALA B 42 36.26 10.38 13.24
N VAL B 43 35.72 9.17 13.36
CA VAL B 43 34.27 8.98 13.30
C VAL B 43 33.61 9.62 14.51
N THR B 44 34.16 9.36 15.69
CA THR B 44 33.62 9.91 16.93
C THR B 44 33.61 11.44 16.85
N ALA B 45 34.69 12.02 16.33
CA ALA B 45 34.79 13.46 16.20
C ALA B 45 33.63 14.03 15.37
N LYS B 46 33.28 13.33 14.29
CA LYS B 46 32.18 13.79 13.43
C LYS B 46 30.83 13.59 14.11
N VAL B 47 30.64 12.43 14.73
CA VAL B 47 29.37 12.14 15.42
C VAL B 47 29.08 13.20 16.48
N GLU B 48 30.12 13.62 17.19
CA GLU B 48 29.99 14.63 18.23
C GLU B 48 29.40 15.94 17.69
N LYS B 49 29.59 16.18 16.40
CA LYS B 49 29.13 17.40 15.77
C LYS B 49 27.79 17.32 15.05
N PHE B 50 27.15 16.15 15.09
CA PHE B 50 25.86 15.99 14.43
C PHE B 50 24.71 16.33 15.36
N PHE B 51 23.93 17.34 14.97
CA PHE B 51 22.80 17.79 15.79
C PHE B 51 21.46 17.70 15.07
N VAL B 52 20.40 17.43 15.83
CA VAL B 52 19.06 17.35 15.29
C VAL B 52 18.14 18.12 16.25
N ALA B 53 17.28 18.96 15.72
CA ALA B 53 16.38 19.77 16.55
C ALA B 53 15.27 18.94 17.18
N VAL B 54 14.90 19.30 18.41
CA VAL B 54 13.82 18.62 19.14
C VAL B 54 12.57 19.47 19.03
N PRO B 55 11.41 18.83 18.82
CA PRO B 55 10.14 19.55 18.70
C PRO B 55 9.54 19.92 20.06
N SER B 56 9.17 21.19 20.22
CA SER B 56 8.58 21.61 21.49
C SER B 56 7.31 20.82 21.72
N TRP B 57 6.60 20.51 20.64
CA TRP B 57 5.34 19.78 20.71
C TRP B 57 5.52 18.28 20.96
N GLY B 58 6.78 17.84 21.03
CA GLY B 58 7.06 16.43 21.25
C GLY B 58 7.42 16.01 22.67
N VAL B 59 7.64 16.97 23.57
CA VAL B 59 7.98 16.60 24.95
C VAL B 59 6.74 16.32 25.80
N GLY B 60 5.58 16.63 25.25
CA GLY B 60 4.35 16.35 25.96
C GLY B 60 3.83 15.04 25.36
N THR B 61 3.00 14.32 26.10
CA THR B 61 2.45 13.07 25.59
C THR B 61 1.49 13.36 24.42
N GLY B 62 1.61 12.58 23.35
CA GLY B 62 0.76 12.78 22.20
C GLY B 62 -0.48 11.90 22.24
N GLY B 63 -1.37 12.07 21.27
CA GLY B 63 -2.58 11.26 21.24
C GLY B 63 -3.14 11.11 19.85
N THR B 64 -4.25 10.37 19.74
CA THR B 64 -4.92 10.14 18.46
C THR B 64 -6.31 10.78 18.52
N ARG B 65 -7.08 10.64 17.44
CA ARG B 65 -8.42 11.22 17.42
C ARG B 65 -9.35 10.48 18.37
N PHE B 66 -8.93 9.31 18.83
CA PHE B 66 -9.74 8.51 19.74
C PHE B 66 -9.52 8.86 21.21
N ALA B 67 -8.29 9.20 21.56
CA ALA B 67 -7.99 9.56 22.94
C ALA B 67 -6.53 9.96 23.17
N ARG B 68 -6.29 10.57 24.32
CA ARG B 68 -4.95 10.98 24.74
C ARG B 68 -4.80 10.50 26.17
N PHE B 69 -3.71 9.80 26.46
CA PHE B 69 -3.45 9.26 27.79
C PHE B 69 -2.21 9.91 28.37
N PRO B 70 -2.37 11.10 28.97
CA PRO B 70 -1.22 11.80 29.55
C PRO B 70 -0.50 11.05 30.67
N GLY B 71 0.81 11.27 30.76
CA GLY B 71 1.60 10.66 31.82
C GLY B 71 1.65 11.64 32.97
N THR B 72 2.59 11.46 33.90
CA THR B 72 2.69 12.39 35.02
C THR B 72 3.66 13.51 34.66
N GLY B 73 3.55 14.64 35.36
CA GLY B 73 4.43 15.76 35.10
C GLY B 73 4.42 16.26 33.68
N GLU B 74 3.24 16.31 33.07
CA GLU B 74 3.11 16.78 31.70
C GLU B 74 3.47 18.26 31.63
N PRO B 75 4.35 18.63 30.69
CA PRO B 75 4.72 20.05 30.57
C PRO B 75 3.56 20.81 29.95
N ARG B 76 3.28 21.99 30.47
CA ARG B 76 2.21 22.78 29.93
C ARG B 76 2.75 24.20 29.75
N GLY B 77 2.81 24.63 28.50
CA GLY B 77 3.35 25.95 28.22
C GLY B 77 4.75 25.73 27.71
N ILE B 78 5.24 26.66 26.91
CA ILE B 78 6.57 26.55 26.34
C ILE B 78 7.71 26.55 27.38
N PHE B 79 7.53 27.24 28.50
CA PHE B 79 8.58 27.26 29.51
C PHE B 79 8.81 25.88 30.11
N ASP B 80 7.73 25.16 30.42
CA ASP B 80 7.86 23.80 30.95
C ASP B 80 8.51 22.92 29.87
N LYS B 81 8.08 23.12 28.64
CA LYS B 81 8.60 22.33 27.53
C LYS B 81 10.10 22.54 27.30
N LEU B 82 10.55 23.79 27.38
CA LEU B 82 11.97 24.07 27.21
C LEU B 82 12.77 23.39 28.32
N ASP B 83 12.22 23.41 29.54
CA ASP B 83 12.87 22.77 30.68
C ASP B 83 13.09 21.28 30.40
N ASP B 84 12.09 20.63 29.81
CA ASP B 84 12.21 19.20 29.51
C ASP B 84 13.14 18.96 28.31
N CYS B 85 13.09 19.84 27.32
CA CYS B 85 13.95 19.69 26.16
C CYS B 85 15.41 19.79 26.62
N ALA B 86 15.65 20.59 27.65
CA ALA B 86 16.99 20.78 28.18
C ALA B 86 17.58 19.46 28.70
N VAL B 87 16.73 18.59 29.22
CA VAL B 87 17.19 17.29 29.72
C VAL B 87 17.72 16.44 28.57
N ILE B 88 17.01 16.45 27.45
CA ILE B 88 17.41 15.68 26.28
C ILE B 88 18.79 16.12 25.77
N GLN B 89 19.00 17.42 25.71
CA GLN B 89 20.27 17.97 25.26
C GLN B 89 21.41 17.68 26.24
N GLN B 90 21.13 17.85 27.53
CA GLN B 90 22.16 17.61 28.54
C GLN B 90 22.67 16.18 28.49
N LEU B 91 21.76 15.22 28.35
CA LEU B 91 22.14 13.81 28.33
C LEU B 91 22.63 13.26 26.99
N THR B 92 22.11 13.75 25.88
CA THR B 92 22.53 13.25 24.57
C THR B 92 23.54 14.15 23.87
N ARG B 93 23.50 15.44 24.18
CA ARG B 93 24.38 16.44 23.57
C ARG B 93 24.19 16.45 22.06
N ALA B 94 23.06 15.93 21.59
CA ALA B 94 22.79 15.88 20.16
C ALA B 94 21.62 16.77 19.74
N THR B 95 20.99 17.42 20.71
CA THR B 95 19.83 18.26 20.44
C THR B 95 19.89 19.67 21.04
N PRO B 96 20.93 20.45 20.68
CA PRO B 96 21.06 21.81 21.22
C PRO B 96 19.96 22.81 20.84
N ASN B 97 19.22 22.54 19.76
CA ASN B 97 18.18 23.48 19.33
C ASN B 97 16.76 22.93 19.39
N VAL B 98 15.81 23.83 19.63
CA VAL B 98 14.39 23.48 19.72
C VAL B 98 13.56 24.09 18.58
N SER B 99 12.58 23.32 18.09
CA SER B 99 11.69 23.78 17.03
C SER B 99 10.41 24.27 17.70
N LEU B 100 10.00 25.50 17.42
CA LEU B 100 8.78 26.05 18.02
C LEU B 100 7.62 26.04 17.05
N ASN B 101 6.40 26.05 17.60
CA ASN B 101 5.17 26.11 16.82
C ASN B 101 4.40 27.31 17.33
N ILE B 102 3.96 28.18 16.42
CA ILE B 102 3.19 29.37 16.79
C ILE B 102 1.78 29.10 16.28
N PRO B 103 0.73 29.45 17.07
CA PRO B 103 0.73 30.08 18.39
C PRO B 103 0.87 29.19 19.62
N TRP B 104 1.05 27.89 19.44
CA TRP B 104 1.18 27.01 20.60
C TRP B 104 2.22 27.51 21.60
N ASP B 105 3.39 27.91 21.09
CA ASP B 105 4.49 28.37 21.94
C ASP B 105 4.65 29.89 22.02
N LYS B 106 3.56 30.62 21.79
CA LYS B 106 3.63 32.07 21.86
C LYS B 106 4.05 32.56 23.24
N ALA B 107 5.02 33.47 23.25
CA ALA B 107 5.53 34.06 24.48
C ALA B 107 6.44 35.21 24.08
N ASP B 108 6.76 36.08 25.02
CA ASP B 108 7.63 37.20 24.71
C ASP B 108 8.98 36.69 24.24
N PRO B 109 9.40 37.06 23.01
CA PRO B 109 10.68 36.59 22.49
C PRO B 109 11.83 36.80 23.47
N LYS B 110 11.85 37.95 24.13
CA LYS B 110 12.89 38.27 25.09
C LYS B 110 13.01 37.19 26.16
N GLU B 111 11.87 36.68 26.63
CA GLU B 111 11.85 35.65 27.65
C GLU B 111 12.19 34.27 27.09
N LEU B 112 11.77 34.01 25.86
CA LEU B 112 12.07 32.73 25.22
C LEU B 112 13.58 32.63 25.09
N LYS B 113 14.19 33.67 24.56
CA LYS B 113 15.64 33.70 24.38
C LYS B 113 16.36 33.60 25.71
N ALA B 114 15.87 34.33 26.71
CA ALA B 114 16.50 34.31 28.03
C ALA B 114 16.46 32.91 28.64
N ARG B 115 15.32 32.23 28.51
CA ARG B 115 15.18 30.89 29.05
C ARG B 115 16.06 29.91 28.26
N GLY B 116 16.05 30.04 26.94
CA GLY B 116 16.85 29.17 26.11
C GLY B 116 18.32 29.31 26.47
N ASP B 117 18.79 30.54 26.59
CA ASP B 117 20.20 30.78 26.92
C ASP B 117 20.56 30.17 28.27
N ALA B 118 19.67 30.30 29.25
CA ALA B 118 19.93 29.77 30.58
C ALA B 118 20.01 28.24 30.60
N LEU B 119 19.27 27.60 29.69
CA LEU B 119 19.22 26.15 29.60
C LEU B 119 20.23 25.53 28.64
N GLY B 120 20.90 26.38 27.87
CA GLY B 120 21.88 25.87 26.91
C GLY B 120 21.20 25.41 25.63
N LEU B 121 20.08 26.06 25.28
CA LEU B 121 19.31 25.72 24.09
C LEU B 121 19.18 26.89 23.11
N GLY B 122 19.21 26.56 21.82
CA GLY B 122 19.05 27.55 20.79
C GLY B 122 17.71 27.25 20.11
N PHE B 123 17.41 27.94 19.01
CA PHE B 123 16.14 27.72 18.32
C PHE B 123 16.33 27.45 16.84
N ASP B 124 15.67 26.40 16.35
CA ASP B 124 15.74 26.01 14.95
C ASP B 124 14.60 26.67 14.17
N ALA B 125 14.26 26.11 13.02
CA ALA B 125 13.20 26.65 12.18
C ALA B 125 11.88 26.86 12.91
N MET B 126 11.20 27.96 12.60
CA MET B 126 9.91 28.28 13.18
C MET B 126 8.89 27.45 12.41
N ASN B 127 7.79 27.07 13.06
CA ASN B 127 6.74 26.30 12.42
C ASN B 127 5.42 27.05 12.56
N SER B 128 4.83 27.46 11.44
CA SER B 128 3.56 28.18 11.47
C SER B 128 2.44 27.16 11.66
N ASN B 129 1.27 27.66 12.07
CA ASN B 129 0.14 26.78 12.32
C ASN B 129 -1.17 27.34 11.77
N THR B 130 -1.53 26.93 10.56
CA THR B 130 -2.81 27.35 9.97
C THR B 130 -3.59 26.10 9.63
N PHE B 131 -3.47 25.08 10.48
CA PHE B 131 -4.18 23.82 10.30
C PHE B 131 -5.15 23.62 11.46
N SER B 132 -5.27 24.65 12.30
CA SER B 132 -6.17 24.64 13.44
C SER B 132 -6.60 26.07 13.72
N ASP B 133 -7.77 26.26 14.32
CA ASP B 133 -8.26 27.60 14.62
C ASP B 133 -7.90 28.05 16.02
N ALA B 134 -7.47 29.29 16.15
CA ALA B 134 -7.13 29.86 17.45
C ALA B 134 -8.32 30.74 17.85
N PRO B 135 -8.57 30.92 19.15
CA PRO B 135 -9.69 31.74 19.59
C PRO B 135 -9.62 33.18 19.07
N GLY B 136 -10.78 33.77 18.82
CA GLY B 136 -10.84 35.14 18.33
C GLY B 136 -10.34 35.34 16.91
N GLN B 137 -10.25 34.24 16.17
CA GLN B 137 -9.78 34.27 14.79
C GLN B 137 -10.90 34.78 13.89
N ALA B 138 -10.58 35.73 13.02
CA ALA B 138 -11.57 36.30 12.11
C ALA B 138 -12.09 35.31 11.07
N HIS B 139 -11.19 34.52 10.51
CA HIS B 139 -11.55 33.55 9.49
C HIS B 139 -11.10 32.14 9.88
N SER B 140 -11.98 31.15 9.69
CA SER B 140 -11.69 29.76 10.02
C SER B 140 -10.88 29.07 8.92
N TYR B 141 -10.03 28.13 9.32
CA TYR B 141 -9.23 27.37 8.35
C TYR B 141 -9.87 26.02 8.04
N LYS B 142 -11.14 25.86 8.40
CA LYS B 142 -11.86 24.61 8.15
C LYS B 142 -11.71 24.12 6.70
N TYR B 143 -11.84 25.04 5.75
CA TYR B 143 -11.75 24.71 4.34
C TYR B 143 -10.43 25.09 3.69
N GLY B 144 -9.40 25.30 4.50
CA GLY B 144 -8.10 25.66 3.95
C GLY B 144 -7.54 26.92 4.56
N SER B 145 -6.32 27.26 4.21
CA SER B 145 -5.66 28.44 4.73
C SER B 145 -4.98 29.23 3.61
N LEU B 146 -3.72 28.91 3.31
CA LEU B 146 -3.00 29.59 2.25
C LEU B 146 -3.62 29.34 0.87
N SER B 147 -4.43 28.29 0.73
CA SER B 147 -5.07 27.98 -0.55
C SER B 147 -6.60 28.11 -0.48
N HIS B 148 -7.09 28.69 0.62
CA HIS B 148 -8.54 28.88 0.81
C HIS B 148 -9.11 29.71 -0.34
N THR B 149 -10.36 29.45 -0.73
CA THR B 149 -10.99 30.20 -1.81
C THR B 149 -11.23 31.67 -1.47
N ASN B 150 -11.39 31.96 -0.17
CA ASN B 150 -11.62 33.33 0.31
C ASN B 150 -10.31 34.10 0.43
N ALA B 151 -10.23 35.24 -0.25
CA ALA B 151 -9.02 36.05 -0.23
C ALA B 151 -8.59 36.53 1.16
N ALA B 152 -9.55 36.97 1.97
CA ALA B 152 -9.24 37.46 3.31
C ALA B 152 -8.66 36.35 4.19
N THR B 153 -9.09 35.11 3.96
CA THR B 153 -8.60 33.99 4.73
C THR B 153 -7.15 33.71 4.37
N ARG B 154 -6.83 33.78 3.08
CA ARG B 154 -5.46 33.55 2.65
C ARG B 154 -4.57 34.65 3.21
N ALA B 155 -5.08 35.88 3.24
CA ALA B 155 -4.32 37.03 3.74
C ALA B 155 -4.04 36.86 5.23
N GLN B 156 -5.01 36.33 5.97
CA GLN B 156 -4.85 36.11 7.39
C GLN B 156 -3.74 35.08 7.63
N ALA B 157 -3.75 34.02 6.83
CA ALA B 157 -2.75 32.96 6.93
C ALA B 157 -1.35 33.49 6.60
N VAL B 158 -1.27 34.37 5.60
CA VAL B 158 0.01 34.95 5.20
C VAL B 158 0.54 35.82 6.33
N GLU B 159 -0.34 36.64 6.91
CA GLU B 159 0.06 37.50 8.00
C GLU B 159 0.56 36.68 9.19
N HIS B 160 -0.08 35.54 9.45
CA HIS B 160 0.33 34.69 10.55
C HIS B 160 1.77 34.20 10.32
N ASN B 161 2.06 33.78 9.10
CA ASN B 161 3.40 33.30 8.77
C ASN B 161 4.43 34.42 8.90
N LEU B 162 4.07 35.64 8.50
CA LEU B 162 5.01 36.75 8.62
C LEU B 162 5.30 37.01 10.10
N GLU B 163 4.29 36.80 10.95
CA GLU B 163 4.48 37.00 12.38
C GLU B 163 5.45 35.94 12.92
N CYS B 164 5.40 34.74 12.36
CA CYS B 164 6.29 33.67 12.79
C CYS B 164 7.72 34.07 12.45
N ILE B 165 7.91 34.74 11.32
CA ILE B 165 9.24 35.18 10.92
C ILE B 165 9.74 36.24 11.91
N GLU B 166 8.86 37.16 12.30
CA GLU B 166 9.25 38.20 13.24
C GLU B 166 9.71 37.62 14.56
N ILE B 167 8.99 36.63 15.06
CA ILE B 167 9.34 35.98 16.32
C ILE B 167 10.66 35.24 16.16
N GLY B 168 10.82 34.56 15.04
CA GLY B 168 12.05 33.82 14.80
C GLY B 168 13.25 34.73 14.74
N LYS B 169 13.12 35.87 14.08
CA LYS B 169 14.24 36.80 13.97
C LYS B 169 14.72 37.25 15.35
N ALA B 170 13.77 37.45 16.26
CA ALA B 170 14.11 37.89 17.60
C ALA B 170 14.77 36.83 18.49
N ILE B 171 14.59 35.55 18.16
CA ILE B 171 15.18 34.50 19.00
C ILE B 171 16.34 33.73 18.37
N GLY B 172 16.73 34.11 17.16
CA GLY B 172 17.86 33.43 16.53
C GLY B 172 17.56 32.40 15.46
N SER B 173 16.28 32.22 15.14
CA SER B 173 15.90 31.26 14.11
C SER B 173 16.33 31.79 12.74
N LYS B 174 16.48 30.90 11.76
CA LYS B 174 16.88 31.31 10.42
C LYS B 174 16.05 30.64 9.32
N ALA B 175 14.88 30.13 9.68
CA ALA B 175 14.03 29.49 8.68
C ALA B 175 12.59 29.34 9.16
N LEU B 176 11.69 29.23 8.20
CA LEU B 176 10.27 29.04 8.46
C LEU B 176 9.81 27.80 7.74
N THR B 177 9.23 26.86 8.48
CA THR B 177 8.71 25.64 7.88
C THR B 177 7.20 25.80 7.78
N VAL B 178 6.67 25.53 6.58
CA VAL B 178 5.25 25.65 6.31
C VAL B 178 4.60 24.32 5.95
N TRP B 179 3.81 23.79 6.87
CA TRP B 179 3.04 22.56 6.62
C TRP B 179 1.59 22.93 6.87
N ILE B 180 0.73 22.66 5.90
CA ILE B 180 -0.68 22.97 6.08
C ILE B 180 -1.51 21.74 5.78
N GLY B 181 -2.75 21.73 6.25
CA GLY B 181 -3.62 20.60 6.01
C GLY B 181 -4.42 20.72 4.74
N ASP B 182 -4.39 21.90 4.13
CA ASP B 182 -5.13 22.20 2.91
C ASP B 182 -5.29 21.05 1.92
N GLY B 183 -6.54 20.75 1.61
CA GLY B 183 -6.85 19.68 0.68
C GLY B 183 -8.35 19.49 0.62
N SER B 184 -8.78 18.33 0.15
CA SER B 184 -10.20 18.03 0.06
C SER B 184 -10.47 16.62 0.55
N ASN B 185 -11.71 16.36 0.94
CA ASN B 185 -12.12 15.04 1.42
C ASN B 185 -13.04 14.36 0.40
N PHE B 186 -13.45 15.10 -0.63
CA PHE B 186 -14.34 14.58 -1.66
C PHE B 186 -13.97 15.02 -3.07
N PRO B 187 -14.09 14.11 -4.05
CA PRO B 187 -13.77 14.48 -5.43
C PRO B 187 -14.67 15.67 -5.81
N GLY B 188 -14.13 16.66 -6.51
CA GLY B 188 -14.94 17.81 -6.89
C GLY B 188 -14.95 18.96 -5.90
N GLN B 189 -14.74 18.66 -4.63
CA GLN B 189 -14.75 19.72 -3.60
C GLN B 189 -13.77 20.84 -3.95
N SER B 190 -12.59 20.46 -4.43
CA SER B 190 -11.56 21.41 -4.81
C SER B 190 -11.16 21.24 -6.27
N ASN B 191 -10.75 22.34 -6.90
CA ASN B 191 -10.24 22.27 -8.27
C ASN B 191 -8.73 22.22 -8.00
N PHE B 192 -8.12 21.07 -8.26
CA PHE B 192 -6.69 20.87 -7.99
C PHE B 192 -5.79 22.02 -8.42
N THR B 193 -5.89 22.42 -9.67
CA THR B 193 -5.04 23.47 -10.21
C THR B 193 -5.29 24.85 -9.62
N ARG B 194 -6.56 25.23 -9.46
CA ARG B 194 -6.84 26.54 -8.89
C ARG B 194 -6.38 26.65 -7.45
N ALA B 195 -6.57 25.58 -6.67
CA ALA B 195 -6.13 25.58 -5.28
C ALA B 195 -4.61 25.75 -5.20
N PHE B 196 -3.90 25.09 -6.10
CA PHE B 196 -2.43 25.18 -6.11
C PHE B 196 -1.99 26.58 -6.54
N GLU B 197 -2.71 27.18 -7.49
CA GLU B 197 -2.37 28.54 -7.92
C GLU B 197 -2.53 29.49 -6.73
N ARG B 198 -3.61 29.32 -5.97
CA ARG B 198 -3.85 30.17 -4.81
C ARG B 198 -2.73 29.98 -3.78
N TYR B 199 -2.31 28.73 -3.59
CA TYR B 199 -1.24 28.43 -2.64
C TYR B 199 0.06 29.10 -3.08
N LEU B 200 0.41 28.96 -4.35
CA LEU B 200 1.65 29.55 -4.86
C LEU B 200 1.69 31.07 -4.71
N SER B 201 0.56 31.72 -4.94
CA SER B 201 0.50 33.18 -4.83
C SER B 201 0.68 33.63 -3.39
N ALA B 202 0.10 32.88 -2.45
CA ALA B 202 0.20 33.21 -1.03
C ALA B 202 1.63 32.97 -0.53
N MET B 203 2.24 31.87 -0.96
CA MET B 203 3.59 31.56 -0.55
C MET B 203 4.56 32.63 -1.07
N ALA B 204 4.26 33.20 -2.23
CA ALA B 204 5.12 34.25 -2.80
C ALA B 204 5.14 35.45 -1.87
N GLU B 205 4.01 35.75 -1.24
CA GLU B 205 3.89 36.87 -0.31
C GLU B 205 4.76 36.61 0.91
N ILE B 206 4.74 35.36 1.40
CA ILE B 206 5.54 34.98 2.56
C ILE B 206 7.03 35.06 2.20
N TYR B 207 7.38 34.61 1.00
CA TYR B 207 8.76 34.62 0.53
C TYR B 207 9.33 36.04 0.54
N LYS B 208 8.49 37.02 0.20
CA LYS B 208 8.92 38.41 0.17
C LYS B 208 9.34 38.93 1.54
N GLY B 209 8.84 38.31 2.60
CA GLY B 209 9.18 38.74 3.95
C GLY B 209 10.37 38.05 4.57
N LEU B 210 11.06 37.22 3.79
CA LEU B 210 12.23 36.48 4.27
C LEU B 210 13.51 37.30 4.26
N PRO B 211 14.25 37.30 5.38
CA PRO B 211 15.51 38.06 5.42
C PRO B 211 16.46 37.40 4.42
N ASP B 212 17.58 38.07 4.12
CA ASP B 212 18.55 37.54 3.16
C ASP B 212 19.13 36.18 3.55
N ASP B 213 19.32 35.96 4.84
CA ASP B 213 19.91 34.73 5.33
C ASP B 213 18.93 33.69 5.87
N TRP B 214 17.67 33.79 5.44
CA TRP B 214 16.63 32.86 5.87
C TRP B 214 16.24 31.89 4.76
N LYS B 215 15.61 30.79 5.16
CA LYS B 215 15.13 29.80 4.22
C LYS B 215 13.66 29.57 4.49
N LEU B 216 12.92 29.15 3.47
CA LEU B 216 11.49 28.86 3.59
C LEU B 216 11.33 27.41 3.17
N PHE B 217 10.85 26.57 4.09
CA PHE B 217 10.66 25.16 3.80
C PHE B 217 9.18 24.80 3.66
N SER B 218 8.83 24.10 2.59
CA SER B 218 7.46 23.64 2.41
C SER B 218 7.54 22.13 2.67
N GLU B 219 6.53 21.59 3.35
CA GLU B 219 6.51 20.17 3.69
C GLU B 219 5.35 19.42 3.04
N HIS B 220 5.66 18.40 2.23
CA HIS B 220 4.61 17.64 1.57
C HIS B 220 4.08 16.52 2.46
N LYS B 221 2.85 16.07 2.18
CA LYS B 221 2.23 15.00 2.94
C LYS B 221 1.13 14.40 2.07
N MET B 222 1.17 13.09 1.89
CA MET B 222 0.18 12.41 1.05
C MET B 222 -1.26 12.62 1.49
N TYR B 223 -1.52 12.47 2.78
CA TYR B 223 -2.88 12.65 3.30
C TYR B 223 -2.87 12.90 4.79
N GLU B 224 -4.03 13.31 5.30
CA GLU B 224 -4.29 13.63 6.70
C GLU B 224 -3.77 15.02 7.03
N PRO B 225 -4.66 15.95 7.44
CA PRO B 225 -6.12 15.84 7.63
C PRO B 225 -7.04 15.70 6.42
N ALA B 226 -6.54 15.96 5.22
CA ALA B 226 -7.36 15.81 4.02
C ALA B 226 -7.30 14.35 3.56
N PHE B 227 -8.46 13.75 3.34
CA PHE B 227 -8.51 12.34 2.95
C PHE B 227 -8.81 11.95 1.51
N TYR B 228 -8.85 12.93 0.60
CA TYR B 228 -9.05 12.62 -0.81
C TYR B 228 -7.86 13.23 -1.56
N SER B 229 -7.65 14.52 -1.39
CA SER B 229 -6.52 15.19 -2.02
C SER B 229 -5.88 16.20 -1.07
N THR B 230 -4.59 16.44 -1.26
CA THR B 230 -3.84 17.41 -0.45
C THR B 230 -3.10 18.32 -1.44
N VAL B 231 -3.10 19.61 -1.19
CA VAL B 231 -2.43 20.54 -2.11
C VAL B 231 -0.94 20.22 -2.28
N VAL B 232 -0.22 20.11 -1.17
CA VAL B 232 1.21 19.78 -1.23
C VAL B 232 1.23 18.30 -0.84
N GLN B 233 0.91 17.44 -1.81
CA GLN B 233 0.80 16.00 -1.56
C GLN B 233 2.07 15.15 -1.67
N ASP B 234 3.02 15.54 -2.51
CA ASP B 234 4.25 14.77 -2.63
C ASP B 234 5.44 15.62 -3.02
N TRP B 235 6.61 14.99 -3.17
CA TRP B 235 7.83 15.73 -3.48
C TRP B 235 7.84 16.40 -4.85
N GLY B 236 7.03 15.88 -5.78
CA GLY B 236 6.98 16.46 -7.11
C GLY B 236 6.33 17.83 -7.00
N THR B 237 5.22 17.90 -6.29
CA THR B 237 4.55 19.19 -6.10
C THR B 237 5.47 20.09 -5.28
N ASN B 238 6.14 19.50 -4.28
CA ASN B 238 7.03 20.28 -3.43
C ASN B 238 8.15 20.90 -4.26
N TYR B 239 8.70 20.12 -5.19
CA TYR B 239 9.77 20.65 -6.03
C TYR B 239 9.27 21.84 -6.85
N LEU B 240 8.07 21.71 -7.42
CA LEU B 240 7.49 22.77 -8.23
C LEU B 240 7.34 24.04 -7.40
N ILE B 241 7.01 23.86 -6.11
CA ILE B 241 6.85 25.00 -5.20
C ILE B 241 8.18 25.72 -4.97
N ALA B 242 9.20 24.95 -4.56
CA ALA B 242 10.51 25.50 -4.28
C ALA B 242 11.14 26.19 -5.48
N GLN B 243 11.08 25.54 -6.63
CA GLN B 243 11.65 26.10 -7.86
C GLN B 243 10.93 27.38 -8.28
N THR B 244 9.62 27.40 -8.11
CA THR B 244 8.82 28.57 -8.46
C THR B 244 9.08 29.76 -7.55
N LEU B 245 9.20 29.52 -6.25
CA LEU B 245 9.40 30.58 -5.27
C LEU B 245 10.75 31.30 -5.30
N GLY B 246 11.84 30.54 -5.45
CA GLY B 246 13.14 31.16 -5.48
C GLY B 246 14.22 30.39 -4.75
N PRO B 247 15.48 30.84 -4.83
CA PRO B 247 16.61 30.18 -4.18
C PRO B 247 16.55 29.98 -2.66
N LYS B 248 15.76 30.80 -1.97
CA LYS B 248 15.64 30.66 -0.53
C LYS B 248 14.60 29.63 -0.11
N ALA B 249 13.83 29.13 -1.09
CA ALA B 249 12.80 28.14 -0.83
C ALA B 249 13.27 26.72 -1.14
N GLN B 250 13.10 25.81 -0.18
CA GLN B 250 13.48 24.41 -0.36
C GLN B 250 12.43 23.46 0.20
N CYS B 251 12.62 22.16 -0.05
CA CYS B 251 11.66 21.14 0.37
C CYS B 251 12.05 20.39 1.63
N LEU B 252 11.08 20.18 2.50
CA LEU B 252 11.32 19.43 3.73
C LEU B 252 10.70 18.05 3.58
N VAL B 253 11.48 17.03 3.87
CA VAL B 253 11.05 15.64 3.76
C VAL B 253 10.76 15.02 5.12
N ASP B 254 9.49 14.69 5.38
CA ASP B 254 9.10 14.05 6.63
C ASP B 254 8.94 12.57 6.26
N LEU B 255 9.78 11.71 6.84
CA LEU B 255 9.77 10.29 6.51
C LEU B 255 8.43 9.55 6.43
N GLY B 256 7.52 9.85 7.35
CA GLY B 256 6.24 9.15 7.34
C GLY B 256 5.14 9.73 6.46
N HIS B 257 5.50 10.66 5.57
CA HIS B 257 4.52 11.30 4.70
C HIS B 257 4.43 10.79 3.27
N HIS B 258 4.85 9.55 3.05
CA HIS B 258 4.87 8.98 1.70
C HIS B 258 3.96 7.78 1.52
N ALA B 259 3.63 7.50 0.26
CA ALA B 259 2.76 6.38 -0.09
C ALA B 259 3.41 5.05 0.30
N PRO B 260 2.58 4.01 0.50
CA PRO B 260 3.15 2.70 0.87
C PRO B 260 4.22 2.24 -0.13
N ASN B 261 5.33 1.73 0.39
CA ASN B 261 6.43 1.21 -0.42
C ASN B 261 7.30 2.22 -1.19
N THR B 262 7.05 3.51 -1.00
CA THR B 262 7.84 4.54 -1.68
C THR B 262 9.33 4.43 -1.38
N ASN B 263 10.16 4.66 -2.38
CA ASN B 263 11.61 4.64 -2.13
C ASN B 263 11.95 6.08 -1.74
N ILE B 264 11.97 6.31 -0.42
CA ILE B 264 12.22 7.63 0.14
C ILE B 264 13.65 8.11 -0.05
N GLU B 265 14.61 7.21 0.08
CA GLU B 265 16.01 7.61 -0.08
C GLU B 265 16.28 8.15 -1.48
N MET B 266 15.53 7.69 -2.49
CA MET B 266 15.73 8.19 -3.85
C MET B 266 15.19 9.62 -3.95
N ILE B 267 14.08 9.89 -3.26
CA ILE B 267 13.51 11.23 -3.27
C ILE B 267 14.57 12.17 -2.69
N VAL B 268 15.22 11.72 -1.63
CA VAL B 268 16.26 12.52 -1.00
C VAL B 268 17.37 12.80 -2.01
N ALA B 269 17.81 11.77 -2.72
CA ALA B 269 18.85 11.95 -3.73
C ALA B 269 18.44 12.93 -4.83
N ARG B 270 17.20 12.81 -5.30
CA ARG B 270 16.71 13.68 -6.36
C ARG B 270 16.68 15.16 -5.93
N LEU B 271 16.19 15.42 -4.72
CA LEU B 271 16.13 16.79 -4.21
C LEU B 271 17.52 17.38 -4.07
N ILE B 272 18.47 16.58 -3.60
CA ILE B 272 19.85 17.03 -3.44
C ILE B 272 20.43 17.40 -4.80
N GLN B 273 20.19 16.56 -5.81
CA GLN B 273 20.73 16.82 -7.13
C GLN B 273 20.26 18.16 -7.71
N PHE B 274 19.02 18.53 -7.44
CA PHE B 274 18.48 19.78 -7.96
C PHE B 274 18.50 20.93 -6.94
N GLY B 275 19.30 20.75 -5.90
CA GLY B 275 19.47 21.76 -4.87
C GLY B 275 18.28 22.20 -4.05
N LYS B 276 17.31 21.32 -3.86
CA LYS B 276 16.13 21.69 -3.08
C LYS B 276 15.85 20.89 -1.82
N LEU B 277 16.85 20.17 -1.30
CA LEU B 277 16.63 19.42 -0.06
C LEU B 277 16.84 20.37 1.11
N GLY B 278 15.74 20.93 1.62
CA GLY B 278 15.85 21.87 2.72
C GLY B 278 16.14 21.24 4.07
N GLY B 279 15.53 20.09 4.33
CA GLY B 279 15.76 19.43 5.60
C GLY B 279 14.89 18.21 5.79
N PHE B 280 15.00 17.63 6.97
CA PHE B 280 14.26 16.43 7.32
C PHE B 280 13.46 16.53 8.60
N HIS B 281 12.41 15.71 8.64
CA HIS B 281 11.59 15.56 9.82
C HIS B 281 11.71 14.06 10.04
N PHE B 282 12.49 13.67 11.05
CA PHE B 282 12.73 12.26 11.36
C PHE B 282 11.68 11.64 12.27
N ASN B 283 11.40 10.37 11.99
CA ASN B 283 10.44 9.55 12.74
C ASN B 283 10.38 8.22 12.01
N ASP B 284 9.63 7.26 12.55
CA ASP B 284 9.49 5.98 11.87
C ASP B 284 7.99 5.67 11.75
N SER B 285 7.68 4.67 10.95
CA SER B 285 6.28 4.30 10.75
C SER B 285 6.17 2.93 10.11
N LYS B 286 4.94 2.40 10.10
CA LYS B 286 4.69 1.10 9.51
C LYS B 286 3.46 1.14 8.62
N TYR B 287 2.48 1.95 8.99
CA TYR B 287 1.21 2.04 8.25
C TYR B 287 0.95 3.36 7.53
N GLY B 288 0.96 4.45 8.30
CA GLY B 288 0.72 5.77 7.72
C GLY B 288 1.67 6.77 8.35
N ASP B 289 1.19 7.96 8.70
CA ASP B 289 2.06 8.95 9.34
C ASP B 289 2.00 8.65 10.83
N ASP B 290 2.55 7.50 11.19
CA ASP B 290 2.54 7.02 12.56
C ASP B 290 3.31 7.86 13.57
N ASP B 291 4.31 8.60 13.10
CA ASP B 291 5.10 9.46 13.98
C ASP B 291 5.76 8.72 15.14
N LEU B 292 6.25 7.51 14.88
CA LEU B 292 6.90 6.70 15.90
C LEU B 292 8.39 7.05 16.06
N ASP B 293 9.00 6.55 17.13
CA ASP B 293 10.42 6.81 17.42
C ASP B 293 11.31 6.42 16.24
N ALA B 294 12.15 7.36 15.79
CA ALA B 294 13.04 7.09 14.67
C ALA B 294 13.80 5.78 14.80
N GLY B 295 13.82 5.00 13.73
CA GLY B 295 14.53 3.73 13.71
C GLY B 295 13.95 2.57 14.50
N ALA B 296 12.85 2.80 15.20
CA ALA B 296 12.24 1.74 16.00
C ALA B 296 11.52 0.68 15.16
N ILE B 297 11.20 1.02 13.92
CA ILE B 297 10.50 0.06 13.05
C ILE B 297 11.34 -0.42 11.88
N GLU B 298 11.98 0.51 11.18
CA GLU B 298 12.82 0.16 10.04
C GLU B 298 14.16 0.88 10.09
N PRO B 299 15.08 0.37 10.92
CA PRO B 299 16.40 1.00 11.03
C PRO B 299 17.24 1.04 9.75
N TYR B 300 17.11 0.04 8.88
CA TYR B 300 17.92 0.02 7.66
C TYR B 300 17.52 1.16 6.73
N ARG B 301 16.23 1.43 6.63
CA ARG B 301 15.74 2.52 5.80
C ARG B 301 16.34 3.85 6.26
N LEU B 302 16.43 4.04 7.57
CA LEU B 302 17.00 5.27 8.11
C LEU B 302 18.47 5.34 7.70
N PHE B 303 19.15 4.21 7.74
CA PHE B 303 20.55 4.14 7.35
C PHE B 303 20.71 4.48 5.86
N LEU B 304 19.80 3.96 5.03
CA LEU B 304 19.87 4.22 3.59
C LEU B 304 19.63 5.69 3.26
N VAL B 305 18.86 6.37 4.11
CA VAL B 305 18.62 7.80 3.90
C VAL B 305 19.92 8.53 4.21
N PHE B 306 20.56 8.15 5.32
CA PHE B 306 21.82 8.77 5.69
C PHE B 306 22.95 8.40 4.72
N ASN B 307 22.81 7.27 4.04
CA ASN B 307 23.82 6.87 3.08
C ASN B 307 23.83 7.93 1.96
N GLU B 308 22.64 8.42 1.59
CA GLU B 308 22.55 9.43 0.55
C GLU B 308 23.09 10.78 1.02
N LEU B 309 22.90 11.08 2.29
CA LEU B 309 23.39 12.34 2.85
C LEU B 309 24.92 12.36 2.88
N VAL B 310 25.51 11.24 3.26
CA VAL B 310 26.96 11.15 3.33
C VAL B 310 27.56 11.13 1.93
N ASP B 311 26.89 10.44 1.00
CA ASP B 311 27.38 10.38 -0.37
C ASP B 311 27.40 11.77 -1.01
N ALA B 312 26.41 12.60 -0.67
CA ALA B 312 26.32 13.94 -1.22
C ALA B 312 27.58 14.74 -0.89
N GLU B 313 28.04 14.63 0.35
CA GLU B 313 29.25 15.34 0.75
C GLU B 313 30.46 14.73 0.06
N ALA B 314 30.44 13.41 -0.10
CA ALA B 314 31.54 12.70 -0.74
C ALA B 314 31.70 13.19 -2.18
N ARG B 315 30.57 13.56 -2.79
CA ARG B 315 30.58 14.04 -4.17
C ARG B 315 30.83 15.54 -4.26
N GLY B 316 30.91 16.20 -3.11
CA GLY B 316 31.15 17.63 -3.07
C GLY B 316 29.98 18.45 -3.58
N VAL B 317 28.77 18.02 -3.23
CA VAL B 317 27.57 18.73 -3.65
C VAL B 317 27.52 20.15 -3.09
N LYS B 318 27.02 21.07 -3.92
CA LYS B 318 26.90 22.48 -3.55
C LYS B 318 25.45 22.78 -3.16
N GLY B 319 25.29 23.65 -2.16
CA GLY B 319 23.96 24.01 -1.71
C GLY B 319 23.31 22.92 -0.87
N PHE B 320 24.15 22.09 -0.26
CA PHE B 320 23.68 21.00 0.58
C PHE B 320 24.01 21.23 2.06
N HIS B 321 23.10 21.86 2.78
CA HIS B 321 23.25 22.15 4.20
C HIS B 321 21.88 21.91 4.82
N PRO B 322 21.35 20.68 4.72
CA PRO B 322 20.02 20.36 5.26
C PRO B 322 19.81 20.55 6.76
N ALA B 323 18.62 20.99 7.11
CA ALA B 323 18.26 21.17 8.51
C ALA B 323 17.76 19.80 8.95
N HIS B 324 17.96 19.46 10.22
CA HIS B 324 17.52 18.16 10.72
C HIS B 324 16.65 18.36 11.94
N MET B 325 15.46 17.77 11.92
CA MET B 325 14.56 17.89 13.06
C MET B 325 13.81 16.59 13.30
N ILE B 326 13.45 16.37 14.55
CA ILE B 326 12.68 15.19 14.93
C ILE B 326 11.22 15.66 14.98
N ASP B 327 10.32 14.89 14.38
CA ASP B 327 8.91 15.24 14.41
C ASP B 327 8.19 13.94 14.76
N GLN B 328 7.91 13.77 16.05
CA GLN B 328 7.27 12.55 16.53
C GLN B 328 6.16 12.78 17.53
N SER B 329 5.38 11.73 17.77
CA SER B 329 4.28 11.77 18.73
C SER B 329 4.56 10.61 19.67
N HIS B 330 4.59 10.88 20.96
CA HIS B 330 4.87 9.85 21.94
C HIS B 330 3.62 9.56 22.74
N ASN B 331 2.91 8.52 22.31
CA ASN B 331 1.64 8.15 22.91
C ASN B 331 1.65 7.14 24.04
N VAL B 332 2.67 6.30 24.12
CA VAL B 332 2.72 5.29 25.18
C VAL B 332 4.07 5.16 25.88
N THR B 333 4.88 6.21 25.83
CA THR B 333 6.18 6.22 26.50
C THR B 333 6.45 7.58 27.12
N ASP B 334 7.50 7.68 27.93
CA ASP B 334 7.90 8.94 28.52
C ASP B 334 8.50 9.69 27.34
N PRO B 335 7.89 10.82 26.94
CA PRO B 335 8.37 11.61 25.81
C PRO B 335 9.86 11.92 25.83
N ILE B 336 10.38 12.24 27.01
CA ILE B 336 11.80 12.57 27.14
C ILE B 336 12.68 11.37 26.78
N GLU B 337 12.30 10.18 27.24
CA GLU B 337 13.06 8.97 26.95
C GLU B 337 13.03 8.61 25.47
N SER B 338 11.86 8.76 24.85
CA SER B 338 11.72 8.45 23.43
C SER B 338 12.55 9.42 22.58
N LEU B 339 12.52 10.70 22.93
CA LEU B 339 13.30 11.68 22.17
C LEU B 339 14.79 11.40 22.34
N ILE B 340 15.18 10.98 23.54
CA ILE B 340 16.58 10.65 23.80
C ILE B 340 17.01 9.50 22.88
N ASN B 341 16.26 8.40 22.91
CA ASN B 341 16.63 7.24 22.10
C ASN B 341 16.45 7.45 20.60
N SER B 342 15.57 8.38 20.22
CA SER B 342 15.35 8.68 18.81
C SER B 342 16.55 9.47 18.28
N ALA B 343 17.03 10.42 19.09
CA ALA B 343 18.19 11.22 18.69
C ALA B 343 19.39 10.29 18.57
N ASN B 344 19.47 9.32 19.47
CA ASN B 344 20.56 8.34 19.46
C ASN B 344 20.51 7.50 18.19
N GLU B 345 19.31 7.11 17.78
CA GLU B 345 19.14 6.28 16.59
C GLU B 345 19.52 7.04 15.33
N ILE B 346 19.28 8.34 15.33
CA ILE B 346 19.63 9.17 14.18
C ILE B 346 21.15 9.26 14.09
N ARG B 347 21.81 9.46 15.23
CA ARG B 347 23.28 9.51 15.24
C ARG B 347 23.85 8.14 14.89
N ARG B 348 23.11 7.08 15.25
CA ARG B 348 23.57 5.72 14.97
C ARG B 348 23.61 5.50 13.45
N ALA B 349 22.53 5.89 12.76
CA ALA B 349 22.48 5.74 11.31
C ALA B 349 23.56 6.58 10.63
N TYR B 350 23.76 7.79 11.14
CA TYR B 350 24.78 8.69 10.59
C TYR B 350 26.16 8.06 10.72
N ALA B 351 26.48 7.55 11.91
CA ALA B 351 27.76 6.93 12.17
C ALA B 351 28.02 5.74 11.24
N GLN B 352 27.01 4.91 11.05
CA GLN B 352 27.17 3.76 10.18
C GLN B 352 27.35 4.19 8.73
N ALA B 353 26.68 5.26 8.32
CA ALA B 353 26.83 5.73 6.95
C ALA B 353 28.27 6.24 6.74
N LEU B 354 28.87 6.77 7.80
CA LEU B 354 30.25 7.27 7.73
C LEU B 354 31.24 6.13 7.56
N LEU B 355 30.83 4.93 7.93
CA LEU B 355 31.71 3.75 7.84
C LEU B 355 31.77 3.12 6.46
N VAL B 356 30.82 3.46 5.59
CA VAL B 356 30.79 2.88 4.24
C VAL B 356 32.07 3.17 3.47
N ASP B 357 32.66 2.12 2.91
CA ASP B 357 33.87 2.26 2.12
C ASP B 357 33.42 2.76 0.75
N ARG B 358 33.42 4.07 0.55
CA ARG B 358 32.97 4.69 -0.70
C ARG B 358 33.76 4.23 -1.93
N ALA B 359 35.06 4.06 -1.78
CA ALA B 359 35.89 3.62 -2.90
C ALA B 359 35.44 2.25 -3.39
N ALA B 360 35.32 1.31 -2.45
CA ALA B 360 34.90 -0.05 -2.76
C ALA B 360 33.51 -0.05 -3.37
N LEU B 361 32.59 0.72 -2.79
CA LEU B 361 31.23 0.80 -3.29
C LEU B 361 31.18 1.28 -4.74
N SER B 362 31.90 2.37 -5.03
CA SER B 362 31.94 2.92 -6.37
C SER B 362 32.45 1.88 -7.37
N GLY B 363 33.44 1.12 -6.96
CA GLY B 363 34.00 0.09 -7.82
C GLY B 363 32.96 -0.97 -8.18
N TYR B 364 32.24 -1.45 -7.17
CA TYR B 364 31.22 -2.47 -7.39
C TYR B 364 30.04 -1.93 -8.18
N GLN B 365 29.77 -0.63 -8.08
CA GLN B 365 28.67 -0.06 -8.83
C GLN B 365 29.06 0.02 -10.31
N GLU B 366 30.29 0.42 -10.58
CA GLU B 366 30.75 0.53 -11.97
C GLU B 366 30.79 -0.83 -12.66
N ASP B 367 31.15 -1.87 -11.91
CA ASP B 367 31.24 -3.23 -12.45
C ASP B 367 29.93 -4.00 -12.40
N ASN B 368 28.86 -3.34 -11.93
CA ASN B 368 27.55 -3.98 -11.82
C ASN B 368 27.59 -5.26 -10.98
N ASP B 369 28.39 -5.23 -9.92
CA ASP B 369 28.49 -6.35 -8.99
C ASP B 369 27.51 -6.00 -7.87
N ALA B 370 26.22 -6.24 -8.13
CA ALA B 370 25.15 -5.91 -7.20
C ALA B 370 25.29 -6.53 -5.80
N LEU B 371 25.72 -7.79 -5.75
CA LEU B 371 25.84 -8.47 -4.47
C LEU B 371 26.91 -7.84 -3.59
N MET B 372 28.09 -7.56 -4.15
CA MET B 372 29.15 -6.97 -3.35
C MET B 372 28.83 -5.51 -3.01
N ALA B 373 28.11 -4.83 -3.88
CA ALA B 373 27.74 -3.44 -3.64
C ALA B 373 26.82 -3.37 -2.42
N THR B 374 25.84 -4.28 -2.36
CA THR B 374 24.91 -4.27 -1.24
C THR B 374 25.61 -4.75 0.04
N GLU B 375 26.54 -5.69 -0.10
CA GLU B 375 27.26 -6.18 1.07
C GLU B 375 28.20 -5.11 1.61
N THR B 376 28.61 -4.19 0.74
CA THR B 376 29.49 -3.08 1.15
C THR B 376 28.69 -2.16 2.07
N LEU B 377 27.41 -1.97 1.77
CA LEU B 377 26.58 -1.12 2.62
C LEU B 377 26.32 -1.88 3.93
N LYS B 378 26.00 -3.16 3.82
CA LYS B 378 25.73 -3.97 5.00
C LYS B 378 26.92 -4.06 5.95
N ARG B 379 28.14 -4.09 5.43
CA ARG B 379 29.29 -4.16 6.31
C ARG B 379 29.32 -2.98 7.26
N ALA B 380 28.89 -1.82 6.77
CA ALA B 380 28.84 -0.61 7.58
C ALA B 380 27.65 -0.68 8.54
N TYR B 381 26.48 -0.98 7.98
CA TYR B 381 25.25 -1.06 8.76
C TYR B 381 25.26 -2.09 9.88
N ARG B 382 25.87 -3.24 9.65
CA ARG B 382 25.90 -4.28 10.66
C ARG B 382 26.84 -3.95 11.82
N THR B 383 27.68 -2.94 11.65
CA THR B 383 28.61 -2.55 12.71
C THR B 383 27.89 -1.90 13.88
N ASP B 384 28.11 -2.42 15.08
CA ASP B 384 27.49 -1.87 16.28
C ASP B 384 28.29 -0.64 16.69
N VAL B 385 27.76 0.54 16.37
CA VAL B 385 28.43 1.80 16.69
C VAL B 385 28.06 2.42 18.03
N GLU B 386 27.34 1.67 18.87
CA GLU B 386 26.95 2.17 20.19
C GLU B 386 28.13 2.72 21.00
N PRO B 387 29.31 2.07 20.94
CA PRO B 387 30.45 2.57 21.70
C PRO B 387 30.87 3.98 21.26
N ILE B 388 30.75 4.24 19.97
CA ILE B 388 31.11 5.54 19.42
C ILE B 388 30.11 6.57 19.90
N LEU B 389 28.83 6.21 19.90
CA LEU B 389 27.79 7.12 20.36
C LEU B 389 27.95 7.43 21.84
N ALA B 390 28.23 6.41 22.64
CA ALA B 390 28.39 6.58 24.07
C ALA B 390 29.62 7.40 24.42
N GLU B 391 30.72 7.16 23.70
CA GLU B 391 31.96 7.89 23.94
C GLU B 391 31.81 9.35 23.50
N ALA B 392 31.05 9.57 22.43
CA ALA B 392 30.81 10.92 21.95
C ALA B 392 30.05 11.70 23.04
N ARG B 393 29.10 11.04 23.69
CA ARG B 393 28.33 11.70 24.75
C ARG B 393 29.21 11.97 25.97
N ARG B 394 29.98 10.97 26.38
CA ARG B 394 30.86 11.09 27.55
C ARG B 394 31.83 12.26 27.40
N ARG B 395 32.43 12.38 26.23
CA ARG B 395 33.41 13.44 25.97
C ARG B 395 32.81 14.84 25.90
N THR B 396 31.52 14.94 25.64
CA THR B 396 30.87 16.24 25.53
C THR B 396 29.95 16.64 26.68
N GLY B 397 30.04 15.92 27.80
CA GLY B 397 29.22 16.24 28.96
C GLY B 397 27.93 15.46 29.09
N GLY B 398 27.73 14.51 28.19
CA GLY B 398 26.52 13.70 28.22
C GLY B 398 26.65 12.42 29.01
N ALA B 399 25.64 11.56 28.91
CA ALA B 399 25.60 10.30 29.63
C ALA B 399 25.94 9.10 28.75
N VAL B 400 26.69 8.16 29.30
CA VAL B 400 27.05 6.95 28.57
C VAL B 400 25.77 6.20 28.18
N ASP B 401 24.85 6.09 29.12
CA ASP B 401 23.55 5.45 28.87
C ASP B 401 22.53 6.50 29.30
N PRO B 402 22.05 7.33 28.35
CA PRO B 402 21.08 8.41 28.57
C PRO B 402 19.80 8.05 29.32
N VAL B 403 19.04 7.09 28.81
CA VAL B 403 17.80 6.72 29.49
C VAL B 403 18.06 6.19 30.89
N ALA B 404 19.09 5.36 31.06
CA ALA B 404 19.40 4.81 32.37
C ALA B 404 19.70 5.94 33.35
N THR B 405 20.44 6.94 32.90
CA THR B 405 20.80 8.08 33.76
C THR B 405 19.56 8.91 34.06
N TYR B 406 18.71 9.07 33.04
CA TYR B 406 17.48 9.82 33.22
C TYR B 406 16.62 9.15 34.30
N ARG B 407 16.52 7.82 34.26
CA ARG B 407 15.72 7.12 35.25
C ARG B 407 16.34 7.19 36.64
N ALA B 408 17.67 7.15 36.71
CA ALA B 408 18.37 7.21 37.99
C ALA B 408 18.22 8.59 38.64
N SER B 409 18.05 9.62 37.82
CA SER B 409 17.93 10.99 38.31
C SER B 409 16.60 11.27 39.00
N GLY B 410 15.56 10.54 38.60
CA GLY B 410 14.24 10.73 39.18
C GLY B 410 13.56 12.00 38.66
N TYR B 411 14.02 12.49 37.51
CA TYR B 411 13.47 13.70 36.92
C TYR B 411 11.97 13.67 36.71
N ARG B 412 11.45 12.57 36.15
CA ARG B 412 10.02 12.50 35.90
C ARG B 412 9.24 12.69 37.19
N ALA B 413 9.68 12.03 38.26
CA ALA B 413 9.00 12.16 39.54
C ALA B 413 9.13 13.60 40.05
N ARG B 414 10.25 14.23 39.74
CA ARG B 414 10.47 15.61 40.17
C ARG B 414 9.47 16.58 39.56
N VAL B 415 9.33 16.54 38.24
CA VAL B 415 8.39 17.44 37.57
C VAL B 415 6.94 17.08 37.86
N ALA B 416 6.70 15.81 38.17
CA ALA B 416 5.35 15.36 38.49
C ALA B 416 4.91 16.04 39.77
N ALA B 417 5.86 16.26 40.67
CA ALA B 417 5.58 16.91 41.95
C ALA B 417 5.45 18.43 41.83
N GLU B 418 5.96 18.99 40.74
CA GLU B 418 5.90 20.43 40.51
C GLU B 418 4.73 20.84 39.62
N ARG B 419 4.30 19.92 38.77
CA ARG B 419 3.22 20.21 37.83
C ARG B 419 1.92 19.48 38.18
N PRO B 420 0.80 20.21 38.21
CA PRO B 420 -0.49 19.62 38.52
C PRO B 420 -1.10 18.90 37.33
N ALA B 421 -1.63 17.70 37.54
CA ALA B 421 -2.27 16.96 36.46
C ALA B 421 -3.75 17.34 36.51
N SER B 422 -4.50 16.94 35.49
CA SER B 422 -5.94 17.25 35.48
C SER B 422 -6.62 16.59 36.67
N VAL B 423 -6.16 15.38 36.99
CA VAL B 423 -6.70 14.62 38.12
C VAL B 423 -5.56 13.85 38.77
N ALA B 424 -5.68 13.60 40.07
CA ALA B 424 -4.66 12.88 40.82
C ALA B 424 -4.38 11.52 40.19
N GLU C 3 31.67 -36.37 -2.64
CA GLU C 3 32.25 -35.41 -3.62
C GLU C 3 32.44 -34.02 -3.03
N PHE C 4 33.28 -33.23 -3.68
CA PHE C 4 33.57 -31.87 -3.24
C PHE C 4 33.61 -30.93 -4.45
N ARG C 5 32.49 -30.25 -4.69
CA ARG C 5 32.39 -29.31 -5.82
C ARG C 5 33.50 -28.27 -5.71
N ILE C 6 33.82 -27.89 -4.48
CA ILE C 6 34.87 -26.90 -4.23
C ILE C 6 36.07 -27.61 -3.61
N ALA C 7 37.24 -27.42 -4.23
CA ALA C 7 38.47 -28.05 -3.74
C ALA C 7 38.73 -27.74 -2.29
N GLN C 8 39.04 -28.77 -1.51
CA GLN C 8 39.32 -28.62 -0.08
C GLN C 8 40.50 -27.68 0.18
N ASP C 9 41.51 -27.73 -0.69
CA ASP C 9 42.68 -26.87 -0.53
C ASP C 9 42.31 -25.40 -0.66
N VAL C 10 41.28 -25.11 -1.45
CA VAL C 10 40.83 -23.74 -1.65
C VAL C 10 40.14 -23.25 -0.38
N VAL C 11 39.30 -24.10 0.19
CA VAL C 11 38.57 -23.76 1.41
C VAL C 11 39.55 -23.55 2.56
N ALA C 12 40.54 -24.44 2.67
CA ALA C 12 41.54 -24.33 3.73
C ALA C 12 42.37 -23.07 3.53
N ARG C 13 42.72 -22.79 2.29
CA ARG C 13 43.53 -21.63 1.95
C ARG C 13 42.84 -20.32 2.33
N GLU C 14 41.58 -20.17 1.92
CA GLU C 14 40.82 -18.97 2.20
C GLU C 14 40.45 -18.81 3.67
N ASN C 15 40.34 -19.94 4.37
CA ASN C 15 40.01 -19.89 5.79
C ASN C 15 41.24 -19.44 6.60
N ASP C 16 42.41 -19.98 6.25
CA ASP C 16 43.63 -19.61 6.95
C ASP C 16 43.95 -18.13 6.77
N ARG C 17 43.67 -17.62 5.57
CA ARG C 17 43.92 -16.22 5.25
C ARG C 17 43.08 -15.27 6.11
N ARG C 18 41.97 -15.77 6.64
CA ARG C 18 41.07 -14.95 7.45
C ARG C 18 40.97 -15.41 8.89
N ALA C 19 41.68 -16.48 9.22
CA ALA C 19 41.66 -17.05 10.56
C ALA C 19 42.09 -16.06 11.65
N SER C 20 43.13 -15.29 11.38
CA SER C 20 43.64 -14.33 12.34
C SER C 20 42.59 -13.29 12.73
N ALA C 21 41.96 -12.67 11.72
CA ALA C 21 40.94 -11.66 11.97
C ALA C 21 39.73 -12.24 12.70
N LEU C 22 39.33 -13.45 12.30
CA LEU C 22 38.18 -14.11 12.92
C LEU C 22 38.42 -14.36 14.41
N LYS C 23 39.62 -14.82 14.74
CA LYS C 23 39.96 -15.10 16.13
C LYS C 23 39.78 -13.84 16.98
N GLU C 24 40.24 -12.70 16.46
CA GLU C 24 40.14 -11.44 17.17
C GLU C 24 38.68 -11.03 17.37
N ASP C 25 37.90 -11.09 16.30
CA ASP C 25 36.50 -10.69 16.36
C ASP C 25 35.63 -11.63 17.20
N TYR C 26 35.92 -12.92 17.14
CA TYR C 26 35.15 -13.90 17.91
C TYR C 26 35.42 -13.74 19.41
N GLU C 27 36.67 -13.54 19.78
CA GLU C 27 37.02 -13.37 21.18
C GLU C 27 36.46 -12.06 21.73
N ALA C 28 36.46 -11.01 20.91
CA ALA C 28 35.93 -9.72 21.33
C ALA C 28 34.43 -9.85 21.58
N LEU C 29 33.72 -10.50 20.66
CA LEU C 29 32.28 -10.69 20.80
C LEU C 29 32.02 -11.59 22.01
N GLY C 30 32.86 -12.60 22.19
CA GLY C 30 32.69 -13.50 23.32
C GLY C 30 32.77 -12.76 24.64
N ALA C 31 33.69 -11.80 24.73
CA ALA C 31 33.87 -11.01 25.94
C ALA C 31 32.67 -10.10 26.15
N ASN C 32 32.17 -9.51 25.08
CA ASN C 32 31.01 -8.62 25.15
C ASN C 32 29.79 -9.40 25.62
N LEU C 33 29.57 -10.56 25.01
CA LEU C 33 28.43 -11.38 25.38
C LEU C 33 28.56 -11.87 26.83
N ALA C 34 29.79 -12.17 27.23
CA ALA C 34 30.05 -12.64 28.59
C ALA C 34 29.62 -11.55 29.58
N ARG C 35 29.96 -10.31 29.27
CA ARG C 35 29.59 -9.19 30.14
C ARG C 35 28.07 -9.08 30.21
N ARG C 36 27.40 -9.61 29.19
CA ARG C 36 25.94 -9.57 29.09
C ARG C 36 25.28 -10.84 29.63
N GLY C 37 26.09 -11.73 30.21
CA GLY C 37 25.56 -12.96 30.77
C GLY C 37 25.21 -14.02 29.74
N VAL C 38 25.86 -13.98 28.60
CA VAL C 38 25.62 -14.95 27.53
C VAL C 38 26.90 -15.67 27.14
N ASP C 39 26.81 -16.99 26.98
CA ASP C 39 27.94 -17.81 26.58
C ASP C 39 27.93 -17.97 25.06
N ILE C 40 28.86 -17.29 24.40
CA ILE C 40 28.94 -17.33 22.94
C ILE C 40 28.97 -18.76 22.40
N GLU C 41 29.58 -19.68 23.14
CA GLU C 41 29.65 -21.08 22.69
C GLU C 41 28.25 -21.69 22.55
N ALA C 42 27.36 -21.36 23.48
CA ALA C 42 26.00 -21.88 23.45
C ALA C 42 25.24 -21.40 22.21
N VAL C 43 25.53 -20.17 21.80
CA VAL C 43 24.88 -19.59 20.63
C VAL C 43 25.43 -20.22 19.35
N THR C 44 26.75 -20.34 19.28
CA THR C 44 27.40 -20.92 18.11
C THR C 44 26.92 -22.37 17.90
N ALA C 45 26.77 -23.10 19.00
CA ALA C 45 26.32 -24.48 18.93
C ALA C 45 24.94 -24.62 18.29
N LYS C 46 24.05 -23.67 18.56
CA LYS C 46 22.71 -23.71 17.98
C LYS C 46 22.72 -23.26 16.53
N VAL C 47 23.50 -22.23 16.22
CA VAL C 47 23.59 -21.73 14.85
C VAL C 47 24.10 -22.80 13.90
N GLU C 48 25.05 -23.61 14.36
CA GLU C 48 25.61 -24.68 13.53
C GLU C 48 24.55 -25.69 13.16
N LYS C 49 23.47 -25.74 13.94
CA LYS C 49 22.40 -26.69 13.70
C LYS C 49 21.15 -26.13 13.04
N PHE C 50 21.20 -24.88 12.61
CA PHE C 50 20.03 -24.30 11.95
C PHE C 50 20.13 -24.45 10.44
N PHE C 51 19.17 -25.17 9.86
CA PHE C 51 19.17 -25.43 8.43
C PHE C 51 17.94 -24.87 7.71
N VAL C 52 18.14 -24.49 6.44
CA VAL C 52 17.07 -23.97 5.60
C VAL C 52 17.24 -24.60 4.21
N ALA C 53 16.14 -25.08 3.64
CA ALA C 53 16.19 -25.72 2.33
C ALA C 53 16.36 -24.74 1.19
N VAL C 54 17.06 -25.18 0.14
CA VAL C 54 17.29 -24.34 -1.03
C VAL C 54 16.40 -24.80 -2.18
N PRO C 55 15.86 -23.84 -2.94
CA PRO C 55 14.99 -24.12 -4.08
C PRO C 55 15.77 -24.53 -5.33
N SER C 56 15.43 -25.67 -5.90
CA SER C 56 16.12 -26.14 -7.10
C SER C 56 15.92 -25.14 -8.23
N TRP C 57 14.75 -24.51 -8.27
CA TRP C 57 14.43 -23.52 -9.30
C TRP C 57 15.08 -22.18 -8.99
N GLY C 58 15.84 -22.13 -7.90
CA GLY C 58 16.50 -20.89 -7.52
C GLY C 58 17.97 -20.85 -7.89
N VAL C 59 18.54 -21.99 -8.29
CA VAL C 59 19.95 -22.02 -8.66
C VAL C 59 20.18 -21.55 -10.09
N GLY C 60 19.09 -21.38 -10.84
CA GLY C 60 19.20 -20.90 -12.20
C GLY C 60 18.79 -19.44 -12.19
N THR C 61 19.25 -18.65 -13.15
CA THR C 61 18.89 -17.23 -13.18
C THR C 61 17.40 -17.04 -13.44
N GLY C 62 16.77 -16.15 -12.67
CA GLY C 62 15.34 -15.90 -12.85
C GLY C 62 15.08 -14.70 -13.74
N GLY C 63 13.81 -14.46 -14.05
CA GLY C 63 13.46 -13.32 -14.88
C GLY C 63 12.06 -12.82 -14.59
N THR C 64 11.62 -11.81 -15.34
CA THR C 64 10.29 -11.22 -15.17
C THR C 64 9.53 -11.43 -16.46
N ARG C 65 8.28 -10.94 -16.53
CA ARG C 65 7.50 -11.11 -17.74
C ARG C 65 8.09 -10.32 -18.91
N PHE C 66 8.95 -9.36 -18.60
CA PHE C 66 9.57 -8.52 -19.63
C PHE C 66 10.80 -9.14 -20.28
N ALA C 67 11.60 -9.84 -19.48
CA ALA C 67 12.81 -10.44 -20.00
C ALA C 67 13.54 -11.32 -19.00
N ARG C 68 14.49 -12.09 -19.53
CA ARG C 68 15.33 -12.96 -18.71
C ARG C 68 16.74 -12.78 -19.26
N PHE C 69 17.68 -12.52 -18.37
CA PHE C 69 19.06 -12.30 -18.76
C PHE C 69 19.94 -13.35 -18.09
N PRO C 70 20.03 -14.55 -18.70
CA PRO C 70 20.84 -15.62 -18.12
C PRO C 70 22.34 -15.33 -18.10
N GLY C 71 23.02 -15.89 -17.11
CA GLY C 71 24.45 -15.70 -17.00
C GLY C 71 25.14 -16.88 -17.64
N THR C 72 26.39 -17.12 -17.28
CA THR C 72 27.13 -18.26 -17.84
C THR C 72 26.93 -19.49 -16.97
N GLY C 73 27.14 -20.67 -17.57
CA GLY C 73 27.00 -21.91 -16.84
C GLY C 73 25.64 -22.16 -16.20
N GLU C 74 24.56 -21.79 -16.88
CA GLU C 74 23.22 -22.03 -16.35
C GLU C 74 22.99 -23.54 -16.25
N PRO C 75 22.48 -24.01 -15.10
CA PRO C 75 22.22 -25.44 -14.95
C PRO C 75 21.15 -25.90 -15.93
N ARG C 76 21.38 -27.04 -16.57
CA ARG C 76 20.45 -27.56 -17.57
C ARG C 76 19.24 -28.27 -16.98
N GLY C 77 19.48 -29.26 -16.11
CA GLY C 77 18.38 -29.98 -15.50
C GLY C 77 18.55 -30.12 -14.01
N ILE C 78 17.77 -31.00 -13.39
CA ILE C 78 17.82 -31.20 -11.95
C ILE C 78 19.20 -31.66 -11.46
N PHE C 79 19.88 -32.48 -12.26
CA PHE C 79 21.19 -32.97 -11.85
C PHE C 79 22.22 -31.84 -11.77
N ASP C 80 22.20 -30.92 -12.73
CA ASP C 80 23.11 -29.79 -12.71
C ASP C 80 22.78 -28.93 -11.51
N LYS C 81 21.48 -28.73 -11.28
CA LYS C 81 21.02 -27.91 -10.16
C LYS C 81 21.47 -28.47 -8.82
N LEU C 82 21.42 -29.79 -8.68
CA LEU C 82 21.84 -30.43 -7.44
C LEU C 82 23.34 -30.20 -7.24
N ASP C 83 24.09 -30.24 -8.34
CA ASP C 83 25.54 -30.01 -8.27
C ASP C 83 25.82 -28.63 -7.72
N ASP C 84 25.05 -27.64 -8.16
CA ASP C 84 25.22 -26.27 -7.69
C ASP C 84 24.77 -26.11 -6.24
N CYS C 85 23.70 -26.81 -5.87
CA CYS C 85 23.21 -26.74 -4.50
C CYS C 85 24.25 -27.31 -3.55
N ALA C 86 25.02 -28.28 -4.05
CA ALA C 86 26.06 -28.91 -3.25
C ALA C 86 27.12 -27.89 -2.85
N VAL C 87 27.35 -26.90 -3.70
CA VAL C 87 28.33 -25.86 -3.42
C VAL C 87 27.86 -24.99 -2.28
N ILE C 88 26.57 -24.63 -2.30
CA ILE C 88 26.01 -23.78 -1.26
C ILE C 88 26.12 -24.47 0.10
N GLN C 89 25.78 -25.75 0.16
CA GLN C 89 25.86 -26.51 1.39
C GLN C 89 27.29 -26.70 1.88
N GLN C 90 28.21 -27.00 0.97
CA GLN C 90 29.61 -27.20 1.36
C GLN C 90 30.20 -25.96 2.01
N LEU C 91 29.91 -24.79 1.43
CA LEU C 91 30.45 -23.54 1.93
C LEU C 91 29.72 -22.91 3.12
N THR C 92 28.40 -23.03 3.18
CA THR C 92 27.64 -22.45 4.29
C THR C 92 27.25 -23.46 5.37
N ARG C 93 27.11 -24.72 4.97
CA ARG C 93 26.73 -25.80 5.88
C ARG C 93 25.37 -25.53 6.50
N ALA C 94 24.59 -24.68 5.85
CA ALA C 94 23.26 -24.31 6.34
C ALA C 94 22.12 -24.78 5.44
N THR C 95 22.47 -25.39 4.30
CA THR C 95 21.47 -25.84 3.35
C THR C 95 21.62 -27.30 2.91
N PRO C 96 21.53 -28.24 3.86
CA PRO C 96 21.67 -29.66 3.52
C PRO C 96 20.54 -30.27 2.69
N ASN C 97 19.39 -29.61 2.65
CA ASN C 97 18.25 -30.14 1.88
C ASN C 97 17.82 -29.27 0.70
N VAL C 98 17.26 -29.93 -0.32
CA VAL C 98 16.82 -29.25 -1.53
C VAL C 98 15.31 -29.45 -1.77
N SER C 99 14.65 -28.40 -2.24
CA SER C 99 13.22 -28.43 -2.54
C SER C 99 13.04 -28.67 -4.04
N LEU C 100 12.27 -29.69 -4.40
CA LEU C 100 12.04 -30.01 -5.79
C LEU C 100 10.66 -29.58 -6.29
N ASN C 101 10.60 -29.27 -7.59
CA ASN C 101 9.35 -28.88 -8.23
C ASN C 101 9.10 -29.84 -9.39
N ILE C 102 7.92 -30.42 -9.43
CA ILE C 102 7.56 -31.35 -10.49
C ILE C 102 6.54 -30.65 -11.38
N PRO C 103 6.60 -30.85 -12.71
CA PRO C 103 7.52 -31.71 -13.46
C PRO C 103 8.90 -31.13 -13.82
N TRP C 104 9.17 -29.89 -13.42
CA TRP C 104 10.46 -29.28 -13.74
C TRP C 104 11.64 -30.21 -13.44
N ASP C 105 11.64 -30.82 -12.26
CA ASP C 105 12.73 -31.71 -11.86
C ASP C 105 12.42 -33.18 -11.96
N LYS C 106 11.38 -33.54 -12.71
CA LYS C 106 11.02 -34.94 -12.85
C LYS C 106 12.18 -35.75 -13.43
N ALA C 107 12.53 -36.85 -12.74
CA ALA C 107 13.63 -37.72 -13.15
C ALA C 107 13.54 -39.01 -12.36
N ASP C 108 14.34 -40.00 -12.74
CA ASP C 108 14.34 -41.28 -12.05
C ASP C 108 14.59 -41.11 -10.55
N PRO C 109 13.57 -41.34 -9.72
CA PRO C 109 13.67 -41.21 -8.27
C PRO C 109 14.92 -41.88 -7.69
N LYS C 110 15.30 -43.02 -8.28
CA LYS C 110 16.48 -43.75 -7.84
C LYS C 110 17.75 -42.95 -8.08
N GLU C 111 17.85 -42.34 -9.27
CA GLU C 111 19.02 -41.54 -9.63
C GLU C 111 19.10 -40.29 -8.77
N LEU C 112 17.96 -39.63 -8.57
CA LEU C 112 17.91 -38.41 -7.76
C LEU C 112 18.46 -38.68 -6.36
N LYS C 113 17.94 -39.71 -5.72
CA LYS C 113 18.39 -40.08 -4.37
C LYS C 113 19.87 -40.42 -4.37
N ALA C 114 20.31 -41.12 -5.42
CA ALA C 114 21.71 -41.52 -5.54
C ALA C 114 22.62 -40.30 -5.63
N ARG C 115 22.22 -39.31 -6.42
CA ARG C 115 23.02 -38.10 -6.58
C ARG C 115 23.05 -37.30 -5.29
N GLY C 116 21.91 -37.20 -4.62
CA GLY C 116 21.84 -36.47 -3.38
C GLY C 116 22.78 -37.04 -2.33
N ASP C 117 22.73 -38.35 -2.13
CA ASP C 117 23.59 -39.00 -1.16
C ASP C 117 25.07 -38.74 -1.46
N ALA C 118 25.42 -38.79 -2.74
CA ALA C 118 26.79 -38.57 -3.17
C ALA C 118 27.26 -37.15 -2.89
N LEU C 119 26.37 -36.19 -3.08
CA LEU C 119 26.68 -34.78 -2.85
C LEU C 119 26.46 -34.38 -1.40
N GLY C 120 25.84 -35.25 -0.62
CA GLY C 120 25.58 -34.96 0.77
C GLY C 120 24.38 -34.05 0.92
N LEU C 121 23.35 -34.30 0.13
CA LEU C 121 22.13 -33.50 0.17
C LEU C 121 20.90 -34.37 0.40
N GLY C 122 19.92 -33.80 1.09
CA GLY C 122 18.68 -34.50 1.35
C GLY C 122 17.59 -33.77 0.58
N PHE C 123 16.35 -34.23 0.71
CA PHE C 123 15.24 -33.60 0.00
C PHE C 123 14.17 -33.13 0.96
N ASP C 124 13.75 -31.87 0.79
CA ASP C 124 12.73 -31.27 1.63
C ASP C 124 11.37 -31.49 0.97
N ALA C 125 10.40 -30.66 1.32
CA ALA C 125 9.06 -30.78 0.76
C ALA C 125 9.00 -30.75 -0.76
N MET C 126 8.10 -31.56 -1.32
CA MET C 126 7.90 -31.62 -2.77
C MET C 126 7.02 -30.42 -3.12
N ASN C 127 7.16 -29.92 -4.34
CA ASN C 127 6.38 -28.79 -4.81
C ASN C 127 5.65 -29.15 -6.10
N SER C 128 4.31 -29.17 -6.05
CA SER C 128 3.52 -29.48 -7.23
C SER C 128 3.43 -28.26 -8.15
N ASN C 129 3.14 -28.49 -9.42
CA ASN C 129 3.06 -27.40 -10.39
C ASN C 129 1.83 -27.46 -11.28
N THR C 130 0.78 -26.73 -10.91
CA THR C 130 -0.41 -26.69 -11.74
C THR C 130 -0.73 -25.23 -12.07
N PHE C 131 0.33 -24.43 -12.20
CA PHE C 131 0.19 -23.02 -12.55
C PHE C 131 0.76 -22.77 -13.95
N SER C 132 1.07 -23.86 -14.64
CA SER C 132 1.59 -23.80 -16.00
C SER C 132 1.24 -25.11 -16.71
N ASP C 133 1.14 -25.07 -18.03
CA ASP C 133 0.80 -26.27 -18.80
C ASP C 133 2.05 -26.98 -19.31
N ALA C 134 2.03 -28.30 -19.24
CA ALA C 134 3.15 -29.09 -19.73
C ALA C 134 2.70 -29.79 -21.02
N PRO C 135 3.65 -30.09 -21.92
CA PRO C 135 3.30 -30.75 -23.18
C PRO C 135 2.52 -32.04 -22.96
N GLY C 136 1.59 -32.32 -23.88
CA GLY C 136 0.79 -33.53 -23.79
C GLY C 136 -0.26 -33.51 -22.70
N GLN C 137 -0.50 -32.34 -22.11
CA GLN C 137 -1.48 -32.19 -21.04
C GLN C 137 -2.88 -32.16 -21.64
N ALA C 138 -3.76 -33.01 -21.11
CA ALA C 138 -5.13 -33.11 -21.61
C ALA C 138 -5.99 -31.88 -21.34
N HIS C 139 -5.83 -31.28 -20.17
CA HIS C 139 -6.62 -30.11 -19.79
C HIS C 139 -5.71 -28.96 -19.39
N SER C 140 -5.99 -27.76 -19.91
CA SER C 140 -5.18 -26.58 -19.59
C SER C 140 -5.54 -25.97 -18.25
N TYR C 141 -4.55 -25.37 -17.60
CA TYR C 141 -4.77 -24.74 -16.30
C TYR C 141 -5.00 -23.22 -16.42
N LYS C 142 -5.25 -22.77 -17.64
CA LYS C 142 -5.50 -21.35 -17.91
C LYS C 142 -6.52 -20.73 -16.96
N TYR C 143 -7.63 -21.43 -16.74
CA TYR C 143 -8.68 -20.90 -15.87
C TYR C 143 -8.70 -21.51 -14.48
N GLY C 144 -7.58 -22.12 -14.08
CA GLY C 144 -7.52 -22.72 -12.76
C GLY C 144 -7.06 -24.16 -12.83
N SER C 145 -6.92 -24.76 -11.66
CA SER C 145 -6.48 -26.16 -11.59
C SER C 145 -7.31 -26.91 -10.55
N LEU C 146 -6.90 -26.85 -9.28
CA LEU C 146 -7.63 -27.54 -8.22
C LEU C 146 -9.01 -26.93 -7.99
N SER C 147 -9.21 -25.68 -8.42
CA SER C 147 -10.50 -25.01 -8.23
C SER C 147 -11.20 -24.73 -9.56
N HIS C 148 -10.66 -25.29 -10.64
CA HIS C 148 -11.21 -25.12 -11.99
C HIS C 148 -12.67 -25.61 -12.02
N THR C 149 -13.53 -24.94 -12.79
CA THR C 149 -14.94 -25.33 -12.90
C THR C 149 -15.16 -26.71 -13.52
N ASN C 150 -14.22 -27.16 -14.35
CA ASN C 150 -14.32 -28.45 -15.02
C ASN C 150 -13.80 -29.58 -14.12
N ALA C 151 -14.68 -30.54 -13.82
CA ALA C 151 -14.32 -31.66 -12.95
C ALA C 151 -13.08 -32.43 -13.41
N ALA C 152 -12.99 -32.68 -14.71
CA ALA C 152 -11.86 -33.43 -15.26
C ALA C 152 -10.54 -32.72 -15.04
N THR C 153 -10.56 -31.38 -15.08
CA THR C 153 -9.36 -30.59 -14.88
C THR C 153 -8.91 -30.68 -13.41
N ARG C 154 -9.87 -30.61 -12.50
CA ARG C 154 -9.55 -30.71 -11.08
C ARG C 154 -8.96 -32.10 -10.79
N ALA C 155 -9.52 -33.13 -11.42
CA ALA C 155 -9.04 -34.49 -11.22
C ALA C 155 -7.62 -34.64 -11.74
N GLN C 156 -7.33 -34.00 -12.87
CA GLN C 156 -6.00 -34.06 -13.47
C GLN C 156 -4.99 -33.40 -12.51
N ALA C 157 -5.40 -32.31 -11.89
CA ALA C 157 -4.54 -31.59 -10.96
C ALA C 157 -4.33 -32.42 -9.70
N VAL C 158 -5.37 -33.12 -9.26
CA VAL C 158 -5.27 -33.95 -8.07
C VAL C 158 -4.31 -35.10 -8.35
N GLU C 159 -4.42 -35.70 -9.53
CA GLU C 159 -3.54 -36.81 -9.90
C GLU C 159 -2.09 -36.37 -9.91
N HIS C 160 -1.81 -35.19 -10.45
CA HIS C 160 -0.45 -34.66 -10.50
C HIS C 160 0.12 -34.54 -9.09
N ASN C 161 -0.66 -34.00 -8.17
CA ASN C 161 -0.20 -33.85 -6.80
C ASN C 161 0.12 -35.21 -6.17
N LEU C 162 -0.74 -36.20 -6.43
CA LEU C 162 -0.51 -37.54 -5.88
C LEU C 162 0.78 -38.13 -6.45
N GLU C 163 1.09 -37.78 -7.69
CA GLU C 163 2.32 -38.27 -8.32
C GLU C 163 3.52 -37.65 -7.60
N CYS C 164 3.37 -36.40 -7.18
CA CYS C 164 4.45 -35.71 -6.47
C CYS C 164 4.73 -36.40 -5.15
N ILE C 165 3.67 -36.90 -4.52
CA ILE C 165 3.82 -37.59 -3.24
C ILE C 165 4.57 -38.90 -3.44
N GLU C 166 4.25 -39.60 -4.53
CA GLU C 166 4.91 -40.86 -4.84
C GLU C 166 6.41 -40.67 -5.07
N ILE C 167 6.78 -39.61 -5.78
CA ILE C 167 8.18 -39.33 -6.05
C ILE C 167 8.88 -38.95 -4.75
N GLY C 168 8.20 -38.15 -3.93
CA GLY C 168 8.78 -37.74 -2.66
C GLY C 168 9.01 -38.91 -1.73
N LYS C 169 8.07 -39.84 -1.71
CA LYS C 169 8.19 -41.03 -0.85
C LYS C 169 9.44 -41.83 -1.21
N ALA C 170 9.81 -41.81 -2.49
CA ALA C 170 10.96 -42.55 -2.96
C ALA C 170 12.31 -41.89 -2.69
N ILE C 171 12.32 -40.58 -2.50
CA ILE C 171 13.58 -39.88 -2.26
C ILE C 171 13.79 -39.42 -0.81
N GLY C 172 12.81 -39.67 0.04
CA GLY C 172 12.95 -39.30 1.44
C GLY C 172 12.21 -38.03 1.87
N SER C 173 11.41 -37.48 0.97
CA SER C 173 10.66 -36.27 1.30
C SER C 173 9.55 -36.64 2.29
N LYS C 174 9.06 -35.66 3.04
CA LYS C 174 8.02 -35.91 4.03
C LYS C 174 6.90 -34.86 4.01
N ALA C 175 6.80 -34.12 2.90
CA ALA C 175 5.76 -33.10 2.80
C ALA C 175 5.51 -32.67 1.36
N LEU C 176 4.32 -32.15 1.13
CA LEU C 176 3.92 -31.66 -0.19
C LEU C 176 3.43 -30.23 -0.03
N THR C 177 4.01 -29.32 -0.79
CA THR C 177 3.60 -27.92 -0.74
C THR C 177 2.80 -27.62 -1.98
N VAL C 178 1.62 -27.06 -1.77
CA VAL C 178 0.74 -26.74 -2.87
C VAL C 178 0.51 -25.24 -3.01
N TRP C 179 1.04 -24.66 -4.08
CA TRP C 179 0.80 -23.25 -4.37
C TRP C 179 0.24 -23.24 -5.77
N ILE C 180 -0.89 -22.56 -5.95
CA ILE C 180 -1.50 -22.48 -7.26
C ILE C 180 -1.83 -21.02 -7.60
N GLY C 181 -1.99 -20.75 -8.89
CA GLY C 181 -2.29 -19.40 -9.33
C GLY C 181 -3.78 -19.12 -9.37
N ASP C 182 -4.58 -20.16 -9.17
CA ASP C 182 -6.04 -20.08 -9.21
C ASP C 182 -6.63 -18.78 -8.67
N GLY C 183 -7.41 -18.12 -9.51
CA GLY C 183 -8.02 -16.86 -9.13
C GLY C 183 -8.70 -16.24 -10.33
N SER C 184 -9.05 -14.97 -10.24
CA SER C 184 -9.71 -14.27 -11.34
C SER C 184 -9.04 -12.93 -11.59
N ASN C 185 -9.22 -12.39 -12.80
CA ASN C 185 -8.66 -11.09 -13.15
C ASN C 185 -9.77 -10.05 -13.31
N PHE C 186 -11.02 -10.50 -13.21
CA PHE C 186 -12.16 -9.59 -13.38
C PHE C 186 -13.30 -9.85 -12.40
N PRO C 187 -13.93 -8.79 -11.90
CA PRO C 187 -15.04 -9.03 -10.97
C PRO C 187 -16.10 -9.85 -11.73
N GLY C 188 -16.70 -10.82 -11.04
CA GLY C 188 -17.72 -11.63 -11.69
C GLY C 188 -17.20 -12.87 -12.39
N GLN C 189 -15.93 -12.86 -12.80
CA GLN C 189 -15.35 -14.01 -13.48
C GLN C 189 -15.50 -15.28 -12.67
N SER C 190 -15.23 -15.18 -11.37
CA SER C 190 -15.33 -16.31 -10.45
C SER C 190 -16.33 -16.02 -9.34
N ASN C 191 -16.96 -17.08 -8.83
CA ASN C 191 -17.84 -16.94 -7.68
C ASN C 191 -16.87 -17.35 -6.58
N PHE C 192 -16.49 -16.38 -5.72
CA PHE C 192 -15.53 -16.66 -4.66
C PHE C 192 -15.80 -17.91 -3.84
N THR C 193 -17.03 -18.05 -3.37
CA THR C 193 -17.37 -19.18 -2.54
C THR C 193 -17.35 -20.52 -3.26
N ARG C 194 -17.94 -20.58 -4.46
CA ARG C 194 -17.97 -21.82 -5.24
C ARG C 194 -16.55 -22.29 -5.59
N ALA C 195 -15.70 -21.35 -5.97
CA ALA C 195 -14.32 -21.68 -6.32
C ALA C 195 -13.59 -22.27 -5.12
N PHE C 196 -13.79 -21.67 -3.94
CA PHE C 196 -13.14 -22.16 -2.73
C PHE C 196 -13.67 -23.53 -2.34
N GLU C 197 -14.97 -23.75 -2.55
CA GLU C 197 -15.56 -25.04 -2.24
C GLU C 197 -14.93 -26.11 -3.12
N ARG C 198 -14.71 -25.78 -4.38
CA ARG C 198 -14.09 -26.71 -5.33
C ARG C 198 -12.67 -27.03 -4.89
N TYR C 199 -11.93 -25.99 -4.51
CA TYR C 199 -10.56 -26.15 -4.05
C TYR C 199 -10.49 -27.09 -2.84
N LEU C 200 -11.33 -26.83 -1.85
CA LEU C 200 -11.36 -27.64 -0.64
C LEU C 200 -11.65 -29.13 -0.91
N SER C 201 -12.56 -29.39 -1.85
CA SER C 201 -12.91 -30.77 -2.19
C SER C 201 -11.74 -31.49 -2.87
N ALA C 202 -11.01 -30.77 -3.71
CA ALA C 202 -9.87 -31.35 -4.41
C ALA C 202 -8.74 -31.60 -3.42
N MET C 203 -8.49 -30.64 -2.54
CA MET C 203 -7.43 -30.79 -1.55
C MET C 203 -7.71 -31.97 -0.63
N ALA C 204 -8.99 -32.24 -0.39
CA ALA C 204 -9.38 -33.37 0.45
C ALA C 204 -8.95 -34.68 -0.19
N GLU C 205 -9.01 -34.75 -1.51
CA GLU C 205 -8.60 -35.95 -2.23
C GLU C 205 -7.10 -36.14 -2.12
N ILE C 206 -6.37 -35.04 -2.19
CA ILE C 206 -4.92 -35.09 -2.08
C ILE C 206 -4.54 -35.50 -0.66
N TYR C 207 -5.27 -34.97 0.32
CA TYR C 207 -5.01 -35.29 1.72
C TYR C 207 -5.12 -36.80 1.97
N LYS C 208 -6.05 -37.44 1.27
CA LYS C 208 -6.25 -38.88 1.43
C LYS C 208 -5.05 -39.72 0.99
N GLY C 209 -4.21 -39.15 0.14
CA GLY C 209 -3.05 -39.88 -0.36
C GLY C 209 -1.77 -39.62 0.41
N LEU C 210 -1.88 -38.91 1.52
CA LEU C 210 -0.72 -38.58 2.34
C LEU C 210 -0.33 -39.67 3.31
N PRO C 211 0.97 -40.03 3.35
CA PRO C 211 1.40 -41.08 4.29
C PRO C 211 1.09 -40.56 5.69
N ASP C 212 1.06 -41.46 6.68
CA ASP C 212 0.75 -41.05 8.04
C ASP C 212 1.75 -40.08 8.68
N ASP C 213 2.94 -39.98 8.11
CA ASP C 213 3.96 -39.10 8.67
C ASP C 213 4.30 -37.93 7.76
N TRP C 214 3.42 -37.64 6.82
CA TRP C 214 3.61 -36.53 5.89
C TRP C 214 2.78 -35.31 6.27
N LYS C 215 3.16 -34.16 5.74
CA LYS C 215 2.45 -32.91 5.98
C LYS C 215 2.04 -32.36 4.62
N LEU C 216 0.93 -31.63 4.59
CA LEU C 216 0.44 -31.01 3.37
C LEU C 216 0.41 -29.50 3.66
N PHE C 217 1.22 -28.74 2.92
CA PHE C 217 1.29 -27.30 3.11
C PHE C 217 0.59 -26.54 1.99
N SER C 218 -0.31 -25.63 2.38
CA SER C 218 -0.99 -24.79 1.41
C SER C 218 -0.32 -23.42 1.59
N GLU C 219 -0.08 -22.72 0.48
CA GLU C 219 0.61 -21.43 0.51
C GLU C 219 -0.24 -20.29 -0.03
N HIS C 220 -0.55 -19.31 0.83
CA HIS C 220 -1.35 -18.17 0.38
C HIS C 220 -0.53 -17.14 -0.38
N LYS C 221 -1.23 -16.32 -1.18
CA LYS C 221 -0.59 -15.26 -1.96
C LYS C 221 -1.67 -14.25 -2.35
N MET C 222 -1.44 -12.99 -2.01
CA MET C 222 -2.40 -11.93 -2.30
C MET C 222 -2.78 -11.79 -3.79
N TYR C 223 -1.78 -11.82 -4.66
CA TYR C 223 -2.03 -11.70 -6.10
C TYR C 223 -0.85 -12.19 -6.91
N GLU C 224 -1.05 -12.29 -8.23
CA GLU C 224 -0.07 -12.76 -9.21
C GLU C 224 0.08 -14.27 -9.15
N PRO C 225 -0.27 -14.98 -10.24
CA PRO C 225 -0.77 -14.49 -11.54
C PRO C 225 -2.19 -13.92 -11.63
N ALA C 226 -3.01 -14.10 -10.60
CA ALA C 226 -4.38 -13.56 -10.64
C ALA C 226 -4.33 -12.12 -10.15
N PHE C 227 -4.91 -11.20 -10.92
CA PHE C 227 -4.86 -9.78 -10.55
C PHE C 227 -6.13 -9.11 -10.01
N TYR C 228 -7.16 -9.90 -9.69
CA TYR C 228 -8.36 -9.34 -9.07
C TYR C 228 -8.64 -10.11 -7.78
N SER C 229 -8.70 -11.44 -7.87
CA SER C 229 -8.92 -12.26 -6.69
C SER C 229 -8.11 -13.53 -6.83
N THR C 230 -7.72 -14.09 -5.69
CA THR C 230 -6.94 -15.33 -5.67
C THR C 230 -7.67 -16.22 -4.67
N VAL C 231 -7.85 -17.49 -5.00
CA VAL C 231 -8.55 -18.40 -4.10
C VAL C 231 -7.87 -18.47 -2.72
N VAL C 232 -6.58 -18.76 -2.68
CA VAL C 232 -5.87 -18.81 -1.40
C VAL C 232 -5.11 -17.48 -1.33
N GLN C 233 -5.84 -16.42 -1.00
CA GLN C 233 -5.28 -15.07 -0.97
C GLN C 233 -4.55 -14.60 0.27
N ASP C 234 -4.92 -15.09 1.45
CA ASP C 234 -4.25 -14.68 2.68
C ASP C 234 -4.21 -15.76 3.75
N TRP C 235 -3.62 -15.43 4.89
CA TRP C 235 -3.48 -16.41 5.97
C TRP C 235 -4.81 -16.84 6.59
N GLY C 236 -5.83 -16.00 6.46
CA GLY C 236 -7.13 -16.33 7.01
C GLY C 236 -7.71 -17.50 6.22
N THR C 237 -7.72 -17.37 4.90
CA THR C 237 -8.23 -18.43 4.05
C THR C 237 -7.35 -19.66 4.24
N ASN C 238 -6.05 -19.44 4.39
CA ASN C 238 -5.11 -20.54 4.57
C ASN C 238 -5.44 -21.30 5.86
N TYR C 239 -5.76 -20.57 6.94
CA TYR C 239 -6.10 -21.24 8.18
C TYR C 239 -7.35 -22.10 7.99
N LEU C 240 -8.37 -21.54 7.32
CA LEU C 240 -9.60 -22.28 7.07
C LEU C 240 -9.32 -23.57 6.32
N ILE C 241 -8.37 -23.52 5.40
CA ILE C 241 -7.99 -24.70 4.61
C ILE C 241 -7.39 -25.78 5.53
N ALA C 242 -6.34 -25.41 6.26
CA ALA C 242 -5.67 -26.34 7.16
C ALA C 242 -6.62 -26.92 8.19
N GLN C 243 -7.42 -26.08 8.83
CA GLN C 243 -8.39 -26.53 9.83
C GLN C 243 -9.38 -27.52 9.23
N THR C 244 -9.83 -27.24 8.02
CA THR C 244 -10.80 -28.11 7.34
C THR C 244 -10.23 -29.45 6.89
N LEU C 245 -9.03 -29.43 6.35
CA LEU C 245 -8.42 -30.66 5.84
C LEU C 245 -8.02 -31.69 6.89
N GLY C 246 -7.44 -31.24 8.00
CA GLY C 246 -7.04 -32.18 9.03
C GLY C 246 -5.71 -31.90 9.67
N PRO C 247 -5.32 -32.70 10.67
CA PRO C 247 -4.07 -32.60 11.42
C PRO C 247 -2.80 -32.50 10.59
N LYS C 248 -2.76 -33.21 9.46
CA LYS C 248 -1.57 -33.20 8.62
C LYS C 248 -1.46 -31.99 7.70
N ALA C 249 -2.50 -31.16 7.66
CA ALA C 249 -2.50 -29.97 6.82
C ALA C 249 -2.10 -28.73 7.62
N GLN C 250 -1.11 -27.98 7.12
CA GLN C 250 -0.65 -26.77 7.78
C GLN C 250 -0.41 -25.63 6.79
N CYS C 251 -0.16 -24.43 7.31
CA CYS C 251 0.04 -23.26 6.47
C CYS C 251 1.49 -22.85 6.25
N LEU C 252 1.81 -22.49 5.01
CA LEU C 252 3.15 -22.07 4.63
C LEU C 252 3.10 -20.55 4.44
N VAL C 253 4.02 -19.84 5.10
CA VAL C 253 4.08 -18.39 5.02
C VAL C 253 5.27 -17.92 4.18
N ASP C 254 4.96 -17.32 3.02
CA ASP C 254 6.00 -16.78 2.14
C ASP C 254 6.01 -15.29 2.41
N LEU C 255 7.13 -14.78 2.91
CA LEU C 255 7.25 -13.37 3.28
C LEU C 255 6.75 -12.30 2.30
N GLY C 256 7.02 -12.45 1.01
CA GLY C 256 6.58 -11.45 0.06
C GLY C 256 5.16 -11.57 -0.48
N HIS C 257 4.35 -12.43 0.12
CA HIS C 257 2.98 -12.63 -0.36
C HIS C 257 1.88 -11.91 0.41
N HIS C 258 2.25 -10.81 1.08
CA HIS C 258 1.27 -10.07 1.88
C HIS C 258 1.02 -8.64 1.40
N ALA C 259 -0.13 -8.11 1.75
CA ALA C 259 -0.49 -6.75 1.36
C ALA C 259 0.52 -5.75 1.92
N PRO C 260 0.63 -4.58 1.31
CA PRO C 260 1.58 -3.57 1.80
C PRO C 260 1.34 -3.27 3.29
N ASN C 261 2.44 -3.20 4.04
CA ASN C 261 2.42 -2.86 5.47
C ASN C 261 1.90 -3.90 6.45
N THR C 262 1.54 -5.08 5.95
CA THR C 262 1.04 -6.16 6.81
C THR C 262 2.04 -6.49 7.91
N ASN C 263 1.55 -6.78 9.11
CA ASN C 263 2.44 -7.17 10.19
C ASN C 263 2.57 -8.69 10.03
N ILE C 264 3.63 -9.10 9.36
CA ILE C 264 3.85 -10.52 9.07
C ILE C 264 4.23 -11.35 10.29
N GLU C 265 5.06 -10.78 11.17
CA GLU C 265 5.44 -11.52 12.37
C GLU C 265 4.22 -11.89 13.22
N MET C 266 3.16 -11.06 13.20
CA MET C 266 1.97 -11.40 13.98
C MET C 266 1.27 -12.61 13.38
N ILE C 267 1.27 -12.69 12.06
CA ILE C 267 0.64 -13.83 11.39
C ILE C 267 1.35 -15.11 11.82
N VAL C 268 2.68 -15.03 11.93
CA VAL C 268 3.47 -16.18 12.34
C VAL C 268 3.08 -16.59 13.75
N ALA C 269 2.95 -15.61 14.64
CA ALA C 269 2.56 -15.88 16.02
C ALA C 269 1.19 -16.53 16.10
N ARG C 270 0.23 -16.00 15.33
CA ARG C 270 -1.12 -16.54 15.32
C ARG C 270 -1.17 -17.99 14.85
N LEU C 271 -0.44 -18.30 13.80
CA LEU C 271 -0.41 -19.66 13.28
C LEU C 271 0.24 -20.65 14.25
N ILE C 272 1.25 -20.18 14.98
CA ILE C 272 1.91 -21.02 15.97
C ILE C 272 0.94 -21.31 17.10
N GLN C 273 0.22 -20.27 17.54
CA GLN C 273 -0.74 -20.43 18.64
C GLN C 273 -1.77 -21.50 18.33
N PHE C 274 -2.24 -21.54 17.10
CA PHE C 274 -3.26 -22.50 16.71
C PHE C 274 -2.72 -23.74 16.01
N GLY C 275 -1.43 -23.97 16.19
CA GLY C 275 -0.76 -25.14 15.64
C GLY C 275 -0.81 -25.38 14.14
N LYS C 276 -0.86 -24.30 13.36
CA LYS C 276 -0.93 -24.45 11.92
C LYS C 276 0.21 -23.81 11.14
N LEU C 277 1.33 -23.55 11.79
CA LEU C 277 2.48 -22.98 11.09
C LEU C 277 3.29 -24.14 10.51
N GLY C 278 3.13 -24.38 9.22
CA GLY C 278 3.84 -25.46 8.58
C GLY C 278 5.29 -25.13 8.28
N GLY C 279 5.54 -23.89 7.89
CA GLY C 279 6.89 -23.48 7.57
C GLY C 279 6.93 -22.16 6.85
N PHE C 280 8.13 -21.77 6.41
CA PHE C 280 8.32 -20.49 5.72
C PHE C 280 8.98 -20.59 4.36
N HIS C 281 8.81 -19.52 3.60
CA HIS C 281 9.44 -19.35 2.31
C HIS C 281 10.11 -18.00 2.52
N PHE C 282 11.41 -18.03 2.75
CA PHE C 282 12.18 -16.82 3.00
C PHE C 282 12.62 -16.10 1.75
N ASN C 283 12.55 -14.76 1.81
CA ASN C 283 12.93 -13.86 0.74
C ASN C 283 12.68 -12.46 1.27
N ASP C 284 13.00 -11.44 0.48
CA ASP C 284 12.73 -10.07 0.91
C ASP C 284 12.02 -9.35 -0.23
N SER C 285 11.51 -8.16 0.05
CA SER C 285 10.80 -7.40 -0.97
C SER C 285 10.57 -5.97 -0.51
N LYS C 286 10.15 -5.13 -1.45
CA LYS C 286 9.86 -3.73 -1.17
C LYS C 286 8.51 -3.32 -1.76
N TYR C 287 8.16 -3.90 -2.92
CA TYR C 287 6.91 -3.54 -3.59
C TYR C 287 5.83 -4.62 -3.65
N GLY C 288 6.18 -5.79 -4.18
CA GLY C 288 5.23 -6.88 -4.25
C GLY C 288 5.94 -8.17 -3.92
N ASP C 289 5.67 -9.23 -4.68
CA ASP C 289 6.33 -10.50 -4.46
C ASP C 289 7.64 -10.41 -5.23
N ASP C 290 8.54 -9.55 -4.77
CA ASP C 290 9.80 -9.30 -5.44
C ASP C 290 10.80 -10.46 -5.44
N ASP C 291 10.68 -11.36 -4.48
CA ASP C 291 11.57 -12.53 -4.38
C ASP C 291 13.04 -12.20 -4.31
N LEU C 292 13.39 -11.12 -3.63
CA LEU C 292 14.78 -10.69 -3.49
C LEU C 292 15.50 -11.46 -2.39
N ASP C 293 16.82 -11.29 -2.32
CA ASP C 293 17.64 -11.96 -1.31
C ASP C 293 17.17 -11.65 0.11
N ALA C 294 16.96 -12.69 0.91
CA ALA C 294 16.51 -12.52 2.29
C ALA C 294 17.32 -11.49 3.06
N GLY C 295 16.60 -10.58 3.73
CA GLY C 295 17.24 -9.54 4.53
C GLY C 295 17.98 -8.42 3.82
N ALA C 296 17.98 -8.43 2.49
CA ALA C 296 18.68 -7.40 1.73
C ALA C 296 17.96 -6.06 1.71
N ILE C 297 16.66 -6.08 1.99
CA ILE C 297 15.85 -4.86 1.99
C ILE C 297 15.42 -4.44 3.39
N GLU C 298 14.88 -5.38 4.15
CA GLU C 298 14.42 -5.10 5.51
C GLU C 298 14.91 -6.15 6.51
N PRO C 299 16.18 -6.04 6.92
CA PRO C 299 16.76 -7.00 7.88
C PRO C 299 16.08 -7.06 9.25
N TYR C 300 15.56 -5.94 9.74
CA TYR C 300 14.92 -5.96 11.05
C TYR C 300 13.65 -6.79 11.00
N ARG C 301 12.90 -6.68 9.91
CA ARG C 301 11.66 -7.44 9.76
C ARG C 301 11.97 -8.94 9.85
N LEU C 302 13.06 -9.37 9.21
CA LEU C 302 13.45 -10.77 9.24
C LEU C 302 13.76 -11.17 10.68
N PHE C 303 14.46 -10.31 11.40
CA PHE C 303 14.78 -10.55 12.80
C PHE C 303 13.51 -10.69 13.62
N LEU C 304 12.54 -9.79 13.40
CA LEU C 304 11.29 -9.85 14.15
C LEU C 304 10.53 -11.15 13.91
N VAL C 305 10.65 -11.72 12.71
CA VAL C 305 9.98 -12.99 12.42
C VAL C 305 10.69 -14.07 13.25
N PHE C 306 12.01 -14.04 13.28
CA PHE C 306 12.75 -15.01 14.07
C PHE C 306 12.55 -14.80 15.56
N ASN C 307 12.21 -13.59 15.97
CA ASN C 307 11.98 -13.33 17.37
C ASN C 307 10.77 -14.13 17.83
N GLU C 308 9.76 -14.23 16.96
CA GLU C 308 8.56 -15.00 17.29
C GLU C 308 8.88 -16.49 17.31
N LEU C 309 9.73 -16.91 16.38
CA LEU C 309 10.11 -18.32 16.28
C LEU C 309 10.92 -18.77 17.50
N VAL C 310 11.88 -17.95 17.91
CA VAL C 310 12.69 -18.29 19.08
C VAL C 310 11.89 -18.23 20.37
N ASP C 311 10.91 -17.33 20.44
CA ASP C 311 10.07 -17.25 21.63
C ASP C 311 9.36 -18.58 21.82
N ALA C 312 8.93 -19.18 20.70
CA ALA C 312 8.25 -20.47 20.74
C ALA C 312 9.27 -21.56 21.04
N GLU C 313 10.45 -21.42 20.47
CA GLU C 313 11.53 -22.39 20.65
C GLU C 313 12.07 -22.30 22.08
N ALA C 314 11.69 -21.24 22.79
CA ALA C 314 12.14 -21.03 24.16
C ALA C 314 11.03 -21.31 25.17
N ARG C 315 9.79 -20.94 24.82
CA ARG C 315 8.66 -21.17 25.71
C ARG C 315 8.21 -22.62 25.68
N GLY C 316 9.10 -23.50 25.23
CA GLY C 316 8.80 -24.92 25.17
C GLY C 316 7.56 -25.32 24.38
N VAL C 317 7.44 -24.83 23.15
CA VAL C 317 6.30 -25.15 22.32
C VAL C 317 6.48 -26.56 21.75
N LYS C 318 5.96 -27.55 22.47
CA LYS C 318 6.07 -28.94 22.07
C LYS C 318 5.55 -29.18 20.65
N GLY C 319 6.17 -30.12 19.95
CA GLY C 319 5.76 -30.42 18.59
C GLY C 319 5.81 -29.20 17.70
N PHE C 320 7.00 -28.61 17.58
CA PHE C 320 7.18 -27.41 16.76
C PHE C 320 8.44 -27.51 15.92
N HIS C 321 8.29 -27.95 14.67
CA HIS C 321 9.41 -28.07 13.76
C HIS C 321 9.02 -27.59 12.36
N PRO C 322 8.87 -26.27 12.20
CA PRO C 322 8.50 -25.65 10.93
C PRO C 322 9.51 -25.97 9.84
N ALA C 323 9.03 -26.14 8.61
CA ALA C 323 9.92 -26.42 7.49
C ALA C 323 10.38 -25.08 6.92
N HIS C 324 11.66 -24.78 7.07
CA HIS C 324 12.23 -23.53 6.58
C HIS C 324 12.80 -23.71 5.18
N MET C 325 12.41 -22.82 4.27
CA MET C 325 12.90 -22.89 2.90
C MET C 325 13.12 -21.50 2.30
N ILE C 326 14.08 -21.41 1.39
CA ILE C 326 14.37 -20.16 0.71
C ILE C 326 13.62 -20.22 -0.63
N ASP C 327 12.86 -19.17 -0.93
CA ASP C 327 12.13 -19.10 -2.19
C ASP C 327 12.41 -17.74 -2.77
N GLN C 328 13.38 -17.69 -3.67
CA GLN C 328 13.80 -16.43 -4.28
C GLN C 328 14.02 -16.56 -5.78
N SER C 329 14.17 -15.39 -6.42
CA SER C 329 14.43 -15.31 -7.85
C SER C 329 15.67 -14.43 -7.97
N HIS C 330 16.69 -14.93 -8.64
CA HIS C 330 17.92 -14.17 -8.78
C HIS C 330 18.06 -13.70 -10.22
N ASN C 331 17.64 -12.45 -10.45
CA ASN C 331 17.66 -11.88 -11.79
C ASN C 331 18.90 -11.09 -12.18
N VAL C 332 19.67 -10.60 -11.21
CA VAL C 332 20.85 -9.80 -11.54
C VAL C 332 22.13 -10.17 -10.80
N THR C 333 22.16 -11.36 -10.23
CA THR C 333 23.33 -11.84 -9.50
C THR C 333 23.57 -13.31 -9.81
N ASP C 334 24.72 -13.81 -9.37
CA ASP C 334 25.05 -15.23 -9.55
C ASP C 334 24.17 -15.93 -8.53
N PRO C 335 23.22 -16.76 -8.99
CA PRO C 335 22.29 -17.50 -8.12
C PRO C 335 22.96 -18.17 -6.92
N ILE C 336 24.10 -18.80 -7.15
CA ILE C 336 24.80 -19.47 -6.07
C ILE C 336 25.25 -18.48 -5.00
N GLU C 337 25.78 -17.33 -5.41
CA GLU C 337 26.24 -16.33 -4.45
C GLU C 337 25.08 -15.75 -3.65
N SER C 338 23.96 -15.46 -4.31
CA SER C 338 22.80 -14.91 -3.60
C SER C 338 22.24 -15.91 -2.61
N LEU C 339 22.15 -17.18 -3.00
CA LEU C 339 21.62 -18.18 -2.10
C LEU C 339 22.53 -18.34 -0.90
N ILE C 340 23.84 -18.22 -1.12
CA ILE C 340 24.81 -18.33 -0.03
C ILE C 340 24.59 -17.23 1.00
N ASN C 341 24.59 -15.98 0.55
CA ASN C 341 24.40 -14.86 1.46
C ASN C 341 23.01 -14.79 2.06
N SER C 342 22.02 -15.33 1.35
CA SER C 342 20.65 -15.34 1.85
C SER C 342 20.55 -16.32 3.02
N ALA C 343 21.19 -17.48 2.85
CA ALA C 343 21.19 -18.49 3.89
C ALA C 343 21.93 -17.92 5.10
N ASN C 344 22.98 -17.15 4.82
CA ASN C 344 23.77 -16.53 5.89
C ASN C 344 22.94 -15.51 6.65
N GLU C 345 22.15 -14.72 5.92
CA GLU C 345 21.31 -13.70 6.55
C GLU C 345 20.23 -14.30 7.43
N ILE C 346 19.70 -15.45 7.00
CA ILE C 346 18.68 -16.15 7.76
C ILE C 346 19.30 -16.64 9.08
N ARG C 347 20.52 -17.17 9.01
CA ARG C 347 21.20 -17.62 10.23
C ARG C 347 21.56 -16.41 11.11
N ARG C 348 21.77 -15.26 10.48
CA ARG C 348 22.12 -14.03 11.20
C ARG C 348 20.94 -13.60 12.06
N ALA C 349 19.75 -13.56 11.45
CA ALA C 349 18.54 -13.17 12.16
C ALA C 349 18.26 -14.16 13.29
N TYR C 350 18.49 -15.44 13.02
CA TYR C 350 18.28 -16.48 14.03
C TYR C 350 19.22 -16.26 15.23
N ALA C 351 20.50 -16.09 14.94
CA ALA C 351 21.49 -15.88 16.00
C ALA C 351 21.16 -14.66 16.86
N GLN C 352 20.75 -13.58 16.21
CA GLN C 352 20.41 -12.37 16.96
C GLN C 352 19.17 -12.61 17.83
N ALA C 353 18.22 -13.38 17.33
CA ALA C 353 17.02 -13.68 18.11
C ALA C 353 17.40 -14.49 19.36
N LEU C 354 18.42 -15.33 19.23
CA LEU C 354 18.89 -16.14 20.35
C LEU C 354 19.54 -15.28 21.43
N LEU C 355 19.97 -14.08 21.06
CA LEU C 355 20.62 -13.17 22.01
C LEU C 355 19.66 -12.36 22.85
N VAL C 356 18.38 -12.38 22.51
CA VAL C 356 17.39 -11.62 23.27
C VAL C 356 17.25 -12.13 24.69
N ASP C 357 17.30 -11.23 25.66
CA ASP C 357 17.14 -11.59 27.06
C ASP C 357 15.65 -11.78 27.27
N ARG C 358 15.19 -13.03 27.15
CA ARG C 358 13.77 -13.35 27.29
C ARG C 358 13.16 -12.97 28.63
N ALA C 359 13.89 -13.18 29.72
CA ALA C 359 13.39 -12.85 31.05
C ALA C 359 13.18 -11.33 31.16
N ALA C 360 14.16 -10.57 30.69
CA ALA C 360 14.08 -9.12 30.73
C ALA C 360 12.90 -8.64 29.89
N LEU C 361 12.77 -9.19 28.69
CA LEU C 361 11.68 -8.82 27.79
C LEU C 361 10.33 -9.06 28.45
N SER C 362 10.15 -10.25 29.02
CA SER C 362 8.90 -10.60 29.69
C SER C 362 8.57 -9.59 30.78
N GLY C 363 9.58 -9.19 31.54
CA GLY C 363 9.36 -8.23 32.60
C GLY C 363 8.88 -6.90 32.06
N TYR C 364 9.53 -6.39 31.02
CA TYR C 364 9.15 -5.12 30.43
C TYR C 364 7.77 -5.18 29.79
N GLN C 365 7.41 -6.36 29.28
CA GLN C 365 6.09 -6.51 28.68
C GLN C 365 5.02 -6.46 29.77
N GLU C 366 5.25 -7.18 30.87
CA GLU C 366 4.28 -7.19 31.96
C GLU C 366 4.11 -5.81 32.60
N ASP C 367 5.17 -5.02 32.64
CA ASP C 367 5.14 -3.68 33.23
C ASP C 367 4.74 -2.59 32.25
N ASN C 368 4.47 -2.98 31.00
CA ASN C 368 4.10 -2.04 29.97
C ASN C 368 5.18 -0.96 29.77
N ASP C 369 6.43 -1.38 29.84
CA ASP C 369 7.57 -0.49 29.63
C ASP C 369 7.94 -0.67 28.16
N ALA C 370 7.16 -0.06 27.27
CA ALA C 370 7.37 -0.19 25.83
C ALA C 370 8.77 0.14 25.34
N LEU C 371 9.34 1.21 25.86
CA LEU C 371 10.68 1.63 25.44
C LEU C 371 11.76 0.62 25.77
N MET C 372 11.77 0.11 27.00
CA MET C 372 12.79 -0.88 27.37
C MET C 372 12.53 -2.22 26.70
N ALA C 373 11.26 -2.52 26.41
CA ALA C 373 10.95 -3.77 25.73
C ALA C 373 11.54 -3.75 24.32
N THR C 374 11.33 -2.63 23.61
CA THR C 374 11.84 -2.51 22.25
C THR C 374 13.37 -2.47 22.27
N GLU C 375 13.93 -1.80 23.27
CA GLU C 375 15.40 -1.72 23.38
C GLU C 375 15.99 -3.08 23.72
N THR C 376 15.20 -3.94 24.37
CA THR C 376 15.67 -5.27 24.70
C THR C 376 15.86 -6.05 23.39
N LEU C 377 14.97 -5.82 22.43
CA LEU C 377 15.10 -6.50 21.14
C LEU C 377 16.27 -5.90 20.38
N LYS C 378 16.37 -4.56 20.39
CA LYS C 378 17.45 -3.89 19.68
C LYS C 378 18.84 -4.26 20.18
N ARG C 379 18.98 -4.49 21.48
CA ARG C 379 20.28 -4.86 22.03
C ARG C 379 20.79 -6.15 21.38
N ALA C 380 19.89 -7.06 21.06
CA ALA C 380 20.26 -8.31 20.41
C ALA C 380 20.50 -8.04 18.92
N TYR C 381 19.52 -7.38 18.28
CA TYR C 381 19.59 -7.08 16.86
C TYR C 381 20.81 -6.26 16.43
N ARG C 382 21.25 -5.31 17.26
CA ARG C 382 22.39 -4.47 16.90
C ARG C 382 23.72 -5.21 17.01
N THR C 383 23.70 -6.37 17.66
CA THR C 383 24.93 -7.13 17.83
C THR C 383 25.38 -7.73 16.49
N ASP C 384 26.62 -7.49 16.11
CA ASP C 384 27.15 -8.03 14.87
C ASP C 384 27.57 -9.48 15.16
N VAL C 385 26.75 -10.42 14.72
CA VAL C 385 27.00 -11.83 14.96
C VAL C 385 27.78 -12.54 13.86
N GLU C 386 28.34 -11.78 12.93
CA GLU C 386 29.09 -12.37 11.83
C GLU C 386 30.18 -13.34 12.32
N PRO C 387 30.89 -12.99 13.42
CA PRO C 387 31.93 -13.91 13.87
C PRO C 387 31.37 -15.28 14.27
N ILE C 388 30.16 -15.28 14.82
CA ILE C 388 29.54 -16.53 15.23
C ILE C 388 29.17 -17.35 14.00
N LEU C 389 28.68 -16.68 12.95
CA LEU C 389 28.30 -17.36 11.73
C LEU C 389 29.53 -17.93 11.03
N ALA C 390 30.61 -17.15 11.01
CA ALA C 390 31.86 -17.56 10.39
C ALA C 390 32.49 -18.74 11.12
N GLU C 391 32.48 -18.68 12.44
CA GLU C 391 33.05 -19.74 13.27
C GLU C 391 32.23 -21.02 13.13
N ALA C 392 30.91 -20.87 13.04
CA ALA C 392 30.04 -22.03 12.88
C ALA C 392 30.38 -22.73 11.57
N ARG C 393 30.57 -21.94 10.51
CA ARG C 393 30.91 -22.51 9.21
C ARG C 393 32.27 -23.19 9.26
N ARG C 394 33.25 -22.55 9.88
CA ARG C 394 34.59 -23.11 9.97
C ARG C 394 34.64 -24.43 10.72
N ARG C 395 33.95 -24.51 11.85
CA ARG C 395 33.96 -25.72 12.67
C ARG C 395 33.18 -26.88 12.06
N THR C 396 32.38 -26.61 11.05
CA THR C 396 31.59 -27.65 10.41
C THR C 396 32.02 -27.98 8.99
N GLY C 397 33.18 -27.48 8.58
CA GLY C 397 33.68 -27.75 7.24
C GLY C 397 33.36 -26.70 6.19
N GLY C 398 32.80 -25.57 6.61
CA GLY C 398 32.47 -24.52 5.68
C GLY C 398 33.55 -23.48 5.50
N ALA C 399 33.20 -22.36 4.87
CA ALA C 399 34.14 -21.27 4.62
C ALA C 399 33.88 -20.06 5.50
N VAL C 400 34.96 -19.45 5.99
CA VAL C 400 34.87 -18.24 6.82
C VAL C 400 34.11 -17.17 6.04
N ASP C 401 34.51 -16.99 4.77
CA ASP C 401 33.85 -16.04 3.87
C ASP C 401 33.41 -16.84 2.64
N PRO C 402 32.19 -17.40 2.67
CA PRO C 402 31.61 -18.20 1.60
C PRO C 402 31.73 -17.66 0.17
N VAL C 403 31.21 -16.47 -0.07
CA VAL C 403 31.27 -15.88 -1.41
C VAL C 403 32.70 -15.64 -1.88
N ALA C 404 33.56 -15.17 -0.97
CA ALA C 404 34.95 -14.91 -1.33
C ALA C 404 35.59 -16.22 -1.77
N THR C 405 35.33 -17.29 -1.02
CA THR C 405 35.88 -18.60 -1.33
C THR C 405 35.32 -19.13 -2.64
N TYR C 406 34.03 -18.91 -2.86
CA TYR C 406 33.38 -19.35 -4.09
C TYR C 406 34.04 -18.70 -5.30
N ARG C 407 34.27 -17.40 -5.21
CA ARG C 407 34.90 -16.67 -6.32
C ARG C 407 36.34 -17.09 -6.52
N ALA C 408 37.02 -17.43 -5.43
CA ALA C 408 38.41 -17.86 -5.51
C ALA C 408 38.55 -19.24 -6.14
N SER C 409 37.51 -20.06 -6.02
CA SER C 409 37.54 -21.41 -6.57
C SER C 409 37.40 -21.46 -8.09
N GLY C 410 36.80 -20.41 -8.66
CA GLY C 410 36.60 -20.38 -10.10
C GLY C 410 35.52 -21.34 -10.56
N TYR C 411 34.62 -21.70 -9.64
CA TYR C 411 33.53 -22.62 -9.93
C TYR C 411 32.63 -22.21 -11.09
N ARG C 412 32.20 -20.95 -11.11
CA ARG C 412 31.32 -20.48 -12.18
C ARG C 412 31.97 -20.66 -13.54
N ALA C 413 33.24 -20.26 -13.66
CA ALA C 413 33.96 -20.39 -14.92
C ALA C 413 34.06 -21.86 -15.32
N ARG C 414 34.19 -22.73 -14.33
CA ARG C 414 34.29 -24.17 -14.56
C ARG C 414 33.02 -24.73 -15.22
N VAL C 415 31.89 -24.52 -14.56
CA VAL C 415 30.62 -25.03 -15.10
C VAL C 415 30.22 -24.31 -16.37
N ALA C 416 30.72 -23.10 -16.56
CA ALA C 416 30.41 -22.32 -17.75
C ALA C 416 31.01 -23.02 -18.96
N ALA C 417 32.18 -23.63 -18.76
CA ALA C 417 32.84 -24.34 -19.85
C ALA C 417 32.22 -25.71 -20.08
N GLU C 418 31.63 -26.28 -19.04
CA GLU C 418 31.01 -27.61 -19.12
C GLU C 418 29.60 -27.59 -19.68
N ARG C 419 28.88 -26.50 -19.42
CA ARG C 419 27.49 -26.36 -19.86
C ARG C 419 27.36 -25.47 -21.08
N PRO C 420 26.31 -25.71 -21.89
CA PRO C 420 26.11 -24.89 -23.11
C PRO C 420 25.82 -23.43 -22.78
N ALA C 421 26.17 -22.55 -23.71
CA ALA C 421 25.94 -21.12 -23.54
C ALA C 421 24.45 -20.84 -23.63
N SER C 422 23.98 -19.84 -22.91
CA SER C 422 22.57 -19.49 -22.92
C SER C 422 22.31 -18.26 -23.79
N VAL C 423 21.03 -17.92 -23.94
CA VAL C 423 20.64 -16.76 -24.74
C VAL C 423 19.50 -16.03 -24.04
N ALA C 424 19.56 -14.70 -24.06
CA ALA C 424 18.52 -13.89 -23.42
C ALA C 424 17.23 -13.94 -24.23
N GLY C 425 16.11 -13.80 -23.55
CA GLY C 425 14.82 -13.82 -24.23
C GLY C 425 13.76 -13.04 -23.49
N GLY C 426 12.50 -13.30 -23.83
CA GLY C 426 11.39 -12.60 -23.19
C GLY C 426 10.98 -13.26 -21.89
N GLY C 427 10.01 -12.66 -21.20
CA GLY C 427 9.55 -13.21 -19.94
C GLY C 427 8.16 -13.83 -19.99
N GLY C 428 7.46 -13.61 -21.09
CA GLY C 428 6.12 -14.18 -21.22
C GLY C 428 5.04 -13.14 -21.46
N ILE C 429 5.41 -11.86 -21.45
CA ILE C 429 4.45 -10.78 -21.67
C ILE C 429 3.92 -10.80 -23.11
N GLU D 3 -11.06 -2.52 -47.12
CA GLU D 3 -11.58 -3.90 -46.91
C GLU D 3 -12.18 -4.04 -45.52
N PHE D 4 -13.06 -5.03 -45.35
CA PHE D 4 -13.71 -5.25 -44.06
C PHE D 4 -13.43 -6.65 -43.50
N ARG D 5 -12.72 -6.70 -42.38
CA ARG D 5 -12.40 -7.97 -41.72
C ARG D 5 -13.69 -8.65 -41.30
N ILE D 6 -14.68 -7.85 -40.92
CA ILE D 6 -15.98 -8.37 -40.51
C ILE D 6 -16.94 -8.05 -41.66
N ALA D 7 -17.68 -9.04 -42.12
CA ALA D 7 -18.62 -8.84 -43.22
C ALA D 7 -19.63 -7.76 -42.89
N GLN D 8 -19.88 -6.87 -43.86
CA GLN D 8 -20.82 -5.77 -43.66
C GLN D 8 -22.24 -6.25 -43.42
N ASP D 9 -22.61 -7.41 -43.96
CA ASP D 9 -23.96 -7.92 -43.76
C ASP D 9 -24.15 -8.36 -42.31
N VAL D 10 -23.07 -8.79 -41.67
CA VAL D 10 -23.13 -9.21 -40.28
C VAL D 10 -23.35 -7.99 -39.40
N VAL D 11 -22.61 -6.92 -39.70
CA VAL D 11 -22.73 -5.68 -38.93
C VAL D 11 -24.14 -5.12 -39.08
N ALA D 12 -24.65 -5.08 -40.32
CA ALA D 12 -25.98 -4.56 -40.58
C ALA D 12 -27.04 -5.38 -39.86
N ARG D 13 -26.91 -6.70 -39.94
CA ARG D 13 -27.86 -7.60 -39.31
C ARG D 13 -27.91 -7.41 -37.79
N GLU D 14 -26.75 -7.43 -37.16
CA GLU D 14 -26.66 -7.27 -35.71
C GLU D 14 -27.10 -5.89 -35.24
N ASN D 15 -26.90 -4.87 -36.08
CA ASN D 15 -27.32 -3.52 -35.73
C ASN D 15 -28.83 -3.40 -35.83
N ASP D 16 -29.40 -3.97 -36.90
CA ASP D 16 -30.85 -3.89 -37.08
C ASP D 16 -31.57 -4.62 -35.97
N ARG D 17 -30.97 -5.71 -35.49
CA ARG D 17 -31.56 -6.51 -34.42
C ARG D 17 -31.68 -5.71 -33.13
N ARG D 18 -30.83 -4.70 -32.97
CA ARG D 18 -30.83 -3.89 -31.75
C ARG D 18 -31.23 -2.43 -31.96
N ALA D 19 -31.60 -2.08 -33.19
CA ALA D 19 -31.98 -0.71 -33.53
C ALA D 19 -33.16 -0.13 -32.75
N SER D 20 -34.21 -0.93 -32.57
CA SER D 20 -35.39 -0.47 -31.86
C SER D 20 -35.10 -0.08 -30.42
N ALA D 21 -34.42 -0.95 -29.69
CA ALA D 21 -34.09 -0.69 -28.30
C ALA D 21 -33.16 0.53 -28.17
N LEU D 22 -32.22 0.66 -29.10
CA LEU D 22 -31.30 1.80 -29.07
C LEU D 22 -32.06 3.10 -29.24
N LYS D 23 -33.04 3.11 -30.12
CA LYS D 23 -33.83 4.31 -30.37
C LYS D 23 -34.55 4.73 -29.09
N GLU D 24 -35.13 3.76 -28.39
CA GLU D 24 -35.86 4.04 -27.16
C GLU D 24 -34.91 4.56 -26.07
N ASP D 25 -33.76 3.90 -25.91
CA ASP D 25 -32.79 4.32 -24.90
C ASP D 25 -32.18 5.68 -25.20
N TYR D 26 -31.86 5.93 -26.47
CA TYR D 26 -31.25 7.19 -26.87
C TYR D 26 -32.22 8.36 -26.66
N GLU D 27 -33.46 8.18 -27.11
CA GLU D 27 -34.46 9.23 -26.96
C GLU D 27 -34.74 9.52 -25.48
N ALA D 28 -34.77 8.47 -24.66
CA ALA D 28 -35.02 8.65 -23.23
C ALA D 28 -33.88 9.45 -22.60
N LEU D 29 -32.65 9.08 -22.95
CA LEU D 29 -31.50 9.79 -22.40
C LEU D 29 -31.48 11.22 -22.92
N GLY D 30 -31.88 11.40 -24.18
CA GLY D 30 -31.90 12.73 -24.76
C GLY D 30 -32.85 13.65 -24.00
N ALA D 31 -34.01 13.11 -23.63
CA ALA D 31 -34.99 13.89 -22.89
C ALA D 31 -34.47 14.22 -21.49
N ASN D 32 -33.83 13.24 -20.86
CA ASN D 32 -33.29 13.46 -19.52
C ASN D 32 -32.23 14.55 -19.55
N LEU D 33 -31.33 14.48 -20.53
CA LEU D 33 -30.27 15.47 -20.65
C LEU D 33 -30.84 16.85 -20.97
N ALA D 34 -31.88 16.89 -21.81
CA ALA D 34 -32.51 18.15 -22.16
C ALA D 34 -33.05 18.83 -20.90
N ARG D 35 -33.60 18.05 -19.98
CA ARG D 35 -34.14 18.59 -18.73
C ARG D 35 -33.00 19.16 -17.88
N ARG D 36 -31.79 18.66 -18.13
CA ARG D 36 -30.60 19.09 -17.41
C ARG D 36 -29.84 20.18 -18.15
N GLY D 37 -30.43 20.66 -19.24
CA GLY D 37 -29.81 21.72 -20.03
C GLY D 37 -28.67 21.26 -20.93
N VAL D 38 -28.66 19.97 -21.27
CA VAL D 38 -27.61 19.42 -22.12
C VAL D 38 -28.19 18.86 -23.41
N ASP D 39 -27.52 19.15 -24.53
CA ASP D 39 -27.94 18.66 -25.86
C ASP D 39 -27.19 17.37 -26.13
N ILE D 40 -27.91 16.26 -26.17
CA ILE D 40 -27.30 14.96 -26.39
C ILE D 40 -26.52 14.89 -27.71
N GLU D 41 -26.99 15.63 -28.72
CA GLU D 41 -26.31 15.63 -30.01
C GLU D 41 -24.90 16.20 -29.92
N ALA D 42 -24.74 17.21 -29.06
CA ALA D 42 -23.44 17.85 -28.88
C ALA D 42 -22.45 16.87 -28.23
N VAL D 43 -22.96 16.03 -27.33
CA VAL D 43 -22.14 15.05 -26.64
C VAL D 43 -21.73 13.93 -27.60
N THR D 44 -22.72 13.39 -28.32
CA THR D 44 -22.44 12.32 -29.28
C THR D 44 -21.43 12.77 -30.32
N ALA D 45 -21.55 14.02 -30.78
CA ALA D 45 -20.64 14.56 -31.78
C ALA D 45 -19.20 14.53 -31.28
N LYS D 46 -19.01 14.85 -30.01
CA LYS D 46 -17.67 14.83 -29.43
C LYS D 46 -17.16 13.41 -29.23
N VAL D 47 -18.03 12.54 -28.74
CA VAL D 47 -17.66 11.16 -28.51
C VAL D 47 -17.19 10.47 -29.80
N GLU D 48 -17.85 10.79 -30.91
CA GLU D 48 -17.50 10.20 -32.21
C GLU D 48 -16.09 10.58 -32.64
N LYS D 49 -15.58 11.67 -32.08
CA LYS D 49 -14.25 12.16 -32.42
C LYS D 49 -13.16 11.78 -31.44
N PHE D 50 -13.50 11.02 -30.40
CA PHE D 50 -12.50 10.62 -29.42
C PHE D 50 -11.85 9.30 -29.84
N PHE D 51 -10.53 9.34 -30.04
CA PHE D 51 -9.79 8.16 -30.46
C PHE D 51 -8.67 7.79 -29.50
N VAL D 52 -8.44 6.49 -29.34
CA VAL D 52 -7.39 5.98 -28.48
C VAL D 52 -6.64 4.90 -29.25
N ALA D 53 -5.31 4.96 -29.23
CA ALA D 53 -4.48 4.00 -29.96
C ALA D 53 -4.42 2.63 -29.29
N VAL D 54 -4.38 1.58 -30.10
CA VAL D 54 -4.31 0.22 -29.58
C VAL D 54 -2.89 -0.29 -29.67
N PRO D 55 -2.41 -1.00 -28.62
CA PRO D 55 -1.07 -1.56 -28.55
C PRO D 55 -0.93 -2.87 -29.33
N SER D 56 0.03 -2.92 -30.25
CA SER D 56 0.24 -4.12 -31.03
C SER D 56 0.57 -5.30 -30.10
N TRP D 57 1.27 -5.00 -29.01
CA TRP D 57 1.67 -6.03 -28.06
C TRP D 57 0.54 -6.57 -27.20
N GLY D 58 -0.65 -5.98 -27.34
CA GLY D 58 -1.80 -6.43 -26.58
C GLY D 58 -2.82 -7.16 -27.43
N VAL D 59 -2.49 -7.34 -28.71
CA VAL D 59 -3.38 -8.01 -29.66
C VAL D 59 -3.28 -9.53 -29.52
N GLY D 60 -2.14 -10.00 -29.03
CA GLY D 60 -1.96 -11.43 -28.80
C GLY D 60 -2.17 -11.65 -27.31
N THR D 61 -2.31 -12.91 -26.89
CA THR D 61 -2.51 -13.21 -25.48
C THR D 61 -1.28 -12.89 -24.64
N GLY D 62 -1.49 -12.23 -23.51
CA GLY D 62 -0.38 -11.87 -22.64
C GLY D 62 -0.12 -12.95 -21.61
N GLY D 63 0.99 -12.82 -20.88
CA GLY D 63 1.32 -13.81 -19.88
C GLY D 63 2.10 -13.21 -18.72
N THR D 64 2.43 -14.04 -17.74
CA THR D 64 3.18 -13.59 -16.57
C THR D 64 4.48 -14.38 -16.51
N ARG D 65 5.30 -14.13 -15.49
CA ARG D 65 6.57 -14.84 -15.37
C ARG D 65 6.35 -16.32 -15.02
N PHE D 66 5.12 -16.65 -14.63
CA PHE D 66 4.77 -18.02 -14.25
C PHE D 66 4.31 -18.88 -15.42
N ALA D 67 3.63 -18.26 -16.39
CA ALA D 67 3.14 -19.00 -17.54
C ALA D 67 2.38 -18.15 -18.54
N ARG D 68 2.20 -18.70 -19.73
CA ARG D 68 1.45 -18.04 -20.79
C ARG D 68 0.48 -19.10 -21.31
N PHE D 69 -0.80 -18.73 -21.42
CA PHE D 69 -1.84 -19.63 -21.89
C PHE D 69 -2.48 -19.07 -23.16
N PRO D 70 -1.81 -19.27 -24.31
CA PRO D 70 -2.34 -18.76 -25.59
C PRO D 70 -3.69 -19.33 -25.99
N GLY D 71 -4.47 -18.53 -26.72
CA GLY D 71 -5.76 -18.97 -27.18
C GLY D 71 -5.59 -19.47 -28.60
N THR D 72 -6.68 -19.57 -29.35
CA THR D 72 -6.60 -20.04 -30.73
C THR D 72 -6.38 -18.88 -31.68
N GLY D 73 -5.81 -19.16 -32.84
CA GLY D 73 -5.58 -18.12 -33.83
C GLY D 73 -4.72 -16.97 -33.37
N GLU D 74 -3.68 -17.25 -32.58
CA GLU D 74 -2.79 -16.21 -32.10
C GLU D 74 -2.07 -15.57 -33.29
N PRO D 75 -1.94 -14.23 -33.30
CA PRO D 75 -1.26 -13.60 -34.43
C PRO D 75 0.21 -14.06 -34.50
N ARG D 76 0.70 -14.29 -35.71
CA ARG D 76 2.07 -14.77 -35.91
C ARG D 76 3.12 -13.66 -35.94
N GLY D 77 2.66 -12.44 -36.23
CA GLY D 77 3.57 -11.31 -36.29
C GLY D 77 2.80 -10.01 -36.39
N ILE D 78 3.48 -8.93 -36.74
CA ILE D 78 2.82 -7.63 -36.82
C ILE D 78 1.72 -7.57 -37.88
N PHE D 79 1.87 -8.28 -38.99
CA PHE D 79 0.85 -8.23 -40.02
C PHE D 79 -0.46 -8.86 -39.56
N ASP D 80 -0.39 -9.97 -38.82
CA ASP D 80 -1.61 -10.59 -38.31
C ASP D 80 -2.21 -9.66 -37.26
N LYS D 81 -1.35 -9.02 -36.49
CA LYS D 81 -1.80 -8.11 -35.45
C LYS D 81 -2.54 -6.91 -36.05
N LEU D 82 -2.04 -6.39 -37.16
CA LEU D 82 -2.70 -5.27 -37.81
C LEU D 82 -4.08 -5.73 -38.28
N ASP D 83 -4.15 -6.93 -38.84
CA ASP D 83 -5.43 -7.47 -39.31
C ASP D 83 -6.44 -7.52 -38.16
N ASP D 84 -5.99 -7.97 -37.00
CA ASP D 84 -6.88 -8.05 -35.84
C ASP D 84 -7.25 -6.66 -35.34
N CYS D 85 -6.32 -5.71 -35.40
CA CYS D 85 -6.59 -4.34 -34.98
C CYS D 85 -7.64 -3.72 -35.89
N ALA D 86 -7.66 -4.14 -37.15
CA ALA D 86 -8.63 -3.62 -38.10
C ALA D 86 -10.05 -3.95 -37.65
N VAL D 87 -10.21 -5.10 -36.99
CA VAL D 87 -11.51 -5.52 -36.49
C VAL D 87 -11.96 -4.60 -35.35
N ILE D 88 -11.04 -4.29 -34.44
CA ILE D 88 -11.36 -3.42 -33.32
C ILE D 88 -11.84 -2.06 -33.83
N GLN D 89 -11.12 -1.50 -34.80
CA GLN D 89 -11.49 -0.20 -35.36
C GLN D 89 -12.80 -0.24 -36.14
N GLN D 90 -13.00 -1.31 -36.92
CA GLN D 90 -14.22 -1.43 -37.71
C GLN D 90 -15.47 -1.44 -36.83
N LEU D 91 -15.41 -2.16 -35.72
CA LEU D 91 -16.55 -2.27 -34.83
C LEU D 91 -16.76 -1.14 -33.82
N THR D 92 -15.67 -0.60 -33.26
CA THR D 92 -15.79 0.47 -32.28
C THR D 92 -15.65 1.88 -32.86
N ARG D 93 -14.89 1.98 -33.95
CA ARG D 93 -14.63 3.24 -34.63
C ARG D 93 -13.91 4.23 -33.70
N ALA D 94 -13.29 3.69 -32.65
CA ALA D 94 -12.58 4.51 -31.68
C ALA D 94 -11.07 4.24 -31.63
N THR D 95 -10.59 3.33 -32.46
CA THR D 95 -9.18 2.97 -32.45
C THR D 95 -8.52 2.98 -33.84
N PRO D 96 -8.57 4.12 -34.54
CA PRO D 96 -7.98 4.19 -35.88
C PRO D 96 -6.45 4.02 -35.95
N ASN D 97 -5.76 4.23 -34.84
CA ASN D 97 -4.30 4.11 -34.85
C ASN D 97 -3.73 3.00 -33.97
N VAL D 98 -2.58 2.48 -34.40
CA VAL D 98 -1.91 1.40 -33.70
C VAL D 98 -0.53 1.84 -33.18
N SER D 99 -0.18 1.38 -31.98
CA SER D 99 1.12 1.69 -31.38
C SER D 99 2.05 0.51 -31.64
N LEU D 100 3.23 0.77 -32.18
CA LEU D 100 4.19 -0.30 -32.46
C LEU D 100 5.36 -0.32 -31.48
N ASN D 101 5.97 -1.48 -31.34
CA ASN D 101 7.13 -1.66 -30.48
C ASN D 101 8.21 -2.31 -31.34
N ILE D 102 9.42 -1.75 -31.28
CA ILE D 102 10.56 -2.27 -32.06
C ILE D 102 11.54 -2.86 -31.05
N PRO D 103 12.13 -4.03 -31.35
CA PRO D 103 12.00 -4.86 -32.55
C PRO D 103 10.84 -5.87 -32.60
N TRP D 104 9.94 -5.84 -31.62
CA TRP D 104 8.83 -6.77 -31.63
C TRP D 104 8.03 -6.73 -32.93
N ASP D 105 7.86 -5.54 -33.50
CA ASP D 105 7.10 -5.38 -34.73
C ASP D 105 7.94 -4.96 -35.93
N LYS D 106 9.24 -5.20 -35.88
CA LYS D 106 10.10 -4.81 -36.99
C LYS D 106 9.76 -5.57 -38.27
N ALA D 107 9.59 -4.80 -39.34
CA ALA D 107 9.27 -5.32 -40.67
C ALA D 107 9.47 -4.14 -41.60
N ASP D 108 9.39 -4.38 -42.91
CA ASP D 108 9.57 -3.29 -43.87
C ASP D 108 8.57 -2.17 -43.61
N PRO D 109 9.07 -0.99 -43.21
CA PRO D 109 8.21 0.16 -42.92
C PRO D 109 7.21 0.45 -44.04
N LYS D 110 7.69 0.40 -45.28
CA LYS D 110 6.84 0.65 -46.44
C LYS D 110 5.68 -0.33 -46.50
N GLU D 111 5.94 -1.59 -46.19
CA GLU D 111 4.90 -2.62 -46.22
C GLU D 111 3.91 -2.40 -45.07
N LEU D 112 4.42 -2.01 -43.91
CA LEU D 112 3.58 -1.75 -42.75
C LEU D 112 2.59 -0.65 -43.10
N LYS D 113 3.09 0.42 -43.71
CA LYS D 113 2.25 1.54 -44.10
C LYS D 113 1.21 1.13 -45.11
N ALA D 114 1.63 0.36 -46.12
CA ALA D 114 0.71 -0.11 -47.15
C ALA D 114 -0.43 -0.90 -46.52
N ARG D 115 -0.09 -1.82 -45.63
CA ARG D 115 -1.11 -2.64 -44.97
C ARG D 115 -2.04 -1.78 -44.13
N GLY D 116 -1.45 -0.85 -43.39
CA GLY D 116 -2.25 0.04 -42.55
C GLY D 116 -3.26 0.81 -43.39
N ASP D 117 -2.79 1.41 -44.48
CA ASP D 117 -3.66 2.18 -45.36
C ASP D 117 -4.80 1.33 -45.92
N ALA D 118 -4.50 0.09 -46.29
CA ALA D 118 -5.50 -0.82 -46.85
C ALA D 118 -6.55 -1.21 -45.81
N LEU D 119 -6.15 -1.24 -44.54
CA LEU D 119 -7.04 -1.62 -43.46
C LEU D 119 -7.74 -0.44 -42.80
N GLY D 120 -7.33 0.77 -43.15
CA GLY D 120 -7.95 1.96 -42.56
C GLY D 120 -7.36 2.23 -41.18
N LEU D 121 -6.09 1.91 -41.01
CA LEU D 121 -5.39 2.12 -39.76
C LEU D 121 -4.17 3.02 -39.91
N GLY D 122 -3.96 3.84 -38.88
CA GLY D 122 -2.81 4.74 -38.86
C GLY D 122 -1.88 4.26 -37.77
N PHE D 123 -0.80 5.01 -37.52
CA PHE D 123 0.16 4.63 -36.49
C PHE D 123 0.42 5.73 -35.49
N ASP D 124 0.37 5.40 -34.21
CA ASP D 124 0.60 6.37 -33.16
C ASP D 124 2.08 6.38 -32.80
N ALA D 125 2.38 6.78 -31.56
CA ALA D 125 3.76 6.85 -31.08
C ALA D 125 4.54 5.55 -31.20
N MET D 126 5.81 5.65 -31.56
CA MET D 126 6.67 4.48 -31.64
C MET D 126 7.11 4.17 -30.22
N ASN D 127 7.35 2.90 -29.93
CA ASN D 127 7.80 2.48 -28.61
C ASN D 127 9.10 1.72 -28.75
N SER D 128 10.17 2.28 -28.18
CA SER D 128 11.47 1.62 -28.23
C SER D 128 11.51 0.49 -27.20
N ASN D 129 12.46 -0.42 -27.37
CA ASN D 129 12.58 -1.57 -26.47
C ASN D 129 14.03 -1.86 -26.06
N THR D 130 14.46 -1.31 -24.93
CA THR D 130 15.81 -1.60 -24.44
C THR D 130 15.68 -2.22 -23.06
N PHE D 131 14.62 -3.01 -22.90
CA PHE D 131 14.36 -3.70 -21.64
C PHE D 131 14.43 -5.21 -21.84
N SER D 132 14.91 -5.63 -23.02
CA SER D 132 15.06 -7.04 -23.34
C SER D 132 16.14 -7.15 -24.42
N ASP D 133 16.80 -8.30 -24.48
CA ASP D 133 17.86 -8.52 -25.46
C ASP D 133 17.35 -9.25 -26.70
N ALA D 134 17.86 -8.84 -27.86
CA ALA D 134 17.50 -9.47 -29.12
C ALA D 134 18.71 -10.29 -29.56
N PRO D 135 18.49 -11.32 -30.39
CA PRO D 135 19.61 -12.15 -30.85
C PRO D 135 20.65 -11.32 -31.60
N GLY D 136 21.93 -11.66 -31.40
CA GLY D 136 23.01 -10.95 -32.08
C GLY D 136 23.31 -9.58 -31.52
N GLN D 137 22.69 -9.25 -30.39
CA GLN D 137 22.90 -7.95 -29.76
C GLN D 137 24.30 -7.90 -29.15
N ALA D 138 25.03 -6.82 -29.44
CA ALA D 138 26.39 -6.67 -28.93
C ALA D 138 26.48 -6.55 -27.41
N HIS D 139 25.69 -5.65 -26.84
CA HIS D 139 25.70 -5.42 -25.40
C HIS D 139 24.35 -5.72 -24.77
N SER D 140 24.39 -6.44 -23.65
CA SER D 140 23.16 -6.82 -22.94
C SER D 140 22.59 -5.70 -22.07
N TYR D 141 21.27 -5.68 -21.95
CA TYR D 141 20.59 -4.66 -21.15
C TYR D 141 20.28 -5.16 -19.74
N LYS D 142 20.90 -6.28 -19.36
CA LYS D 142 20.69 -6.88 -18.05
C LYS D 142 20.85 -5.88 -16.89
N TYR D 143 21.88 -5.05 -16.97
CA TYR D 143 22.15 -4.07 -15.92
C TYR D 143 21.74 -2.65 -16.30
N GLY D 144 20.94 -2.52 -17.34
CA GLY D 144 20.49 -1.20 -17.76
C GLY D 144 20.66 -0.97 -19.25
N SER D 145 20.21 0.19 -19.71
CA SER D 145 20.29 0.56 -21.12
C SER D 145 20.76 2.01 -21.25
N LEU D 146 19.84 2.95 -21.27
CA LEU D 146 20.19 4.37 -21.38
C LEU D 146 20.97 4.87 -20.17
N SER D 147 20.87 4.16 -19.05
CA SER D 147 21.57 4.58 -17.83
C SER D 147 22.64 3.58 -17.40
N HIS D 148 22.98 2.64 -18.29
CA HIS D 148 23.99 1.62 -18.02
C HIS D 148 25.33 2.30 -17.72
N THR D 149 26.13 1.67 -16.87
CA THR D 149 27.44 2.23 -16.53
C THR D 149 28.41 2.21 -17.70
N ASN D 150 28.20 1.29 -18.63
CA ASN D 150 29.05 1.15 -19.81
C ASN D 150 28.64 2.08 -20.95
N ALA D 151 29.53 2.99 -21.32
CA ALA D 151 29.27 3.95 -22.39
C ALA D 151 28.81 3.30 -23.69
N ALA D 152 29.46 2.21 -24.10
CA ALA D 152 29.09 1.54 -25.34
C ALA D 152 27.66 1.00 -25.30
N THR D 153 27.21 0.59 -24.11
CA THR D 153 25.86 0.07 -23.95
C THR D 153 24.85 1.21 -24.08
N ARG D 154 25.17 2.36 -23.49
CA ARG D 154 24.27 3.51 -23.57
C ARG D 154 24.17 3.96 -25.03
N ALA D 155 25.30 3.97 -25.73
CA ALA D 155 25.32 4.39 -27.14
C ALA D 155 24.45 3.46 -27.98
N GLN D 156 24.51 2.17 -27.69
CA GLN D 156 23.73 1.19 -28.44
C GLN D 156 22.24 1.44 -28.22
N ALA D 157 21.88 1.78 -26.99
CA ALA D 157 20.48 2.06 -26.65
C ALA D 157 20.01 3.33 -27.35
N VAL D 158 20.88 4.33 -27.42
CA VAL D 158 20.55 5.58 -28.08
C VAL D 158 20.32 5.34 -29.58
N GLU D 159 21.20 4.54 -30.17
CA GLU D 159 21.09 4.23 -31.60
C GLU D 159 19.80 3.48 -31.90
N HIS D 160 19.41 2.59 -30.99
CA HIS D 160 18.17 1.84 -31.17
C HIS D 160 17.00 2.79 -31.20
N ASN D 161 17.00 3.78 -30.31
CA ASN D 161 15.92 4.75 -30.28
C ASN D 161 15.86 5.58 -31.55
N LEU D 162 17.01 5.94 -32.10
CA LEU D 162 17.05 6.72 -33.33
C LEU D 162 16.52 5.88 -34.49
N GLU D 163 16.77 4.58 -34.43
CA GLU D 163 16.30 3.66 -35.46
C GLU D 163 14.77 3.62 -35.40
N CYS D 164 14.23 3.70 -34.18
CA CYS D 164 12.78 3.69 -33.99
C CYS D 164 12.15 4.92 -34.64
N ILE D 165 12.87 6.04 -34.58
CA ILE D 165 12.38 7.28 -35.16
C ILE D 165 12.35 7.18 -36.68
N GLU D 166 13.38 6.55 -37.25
CA GLU D 166 13.44 6.39 -38.70
C GLU D 166 12.28 5.55 -39.21
N ILE D 167 11.96 4.48 -38.47
CA ILE D 167 10.85 3.61 -38.84
C ILE D 167 9.56 4.40 -38.72
N GLY D 168 9.41 5.15 -37.64
CA GLY D 168 8.20 5.93 -37.44
C GLY D 168 7.99 6.97 -38.52
N LYS D 169 9.05 7.61 -38.97
CA LYS D 169 8.94 8.63 -40.00
C LYS D 169 8.42 8.04 -41.31
N ALA D 170 8.71 6.76 -41.54
CA ALA D 170 8.29 6.10 -42.75
C ALA D 170 6.83 5.63 -42.72
N ILE D 171 6.25 5.51 -41.53
CA ILE D 171 4.87 5.05 -41.43
C ILE D 171 3.85 6.11 -40.98
N GLY D 172 4.33 7.31 -40.67
CA GLY D 172 3.41 8.37 -40.27
C GLY D 172 3.33 8.68 -38.78
N SER D 173 4.24 8.08 -37.99
CA SER D 173 4.24 8.33 -36.55
C SER D 173 4.81 9.73 -36.30
N LYS D 174 4.44 10.35 -35.18
CA LYS D 174 4.91 11.69 -34.86
C LYS D 174 5.42 11.80 -33.43
N ALA D 175 5.77 10.68 -32.82
CA ALA D 175 6.27 10.70 -31.45
C ALA D 175 6.98 9.41 -31.06
N LEU D 176 7.89 9.52 -30.09
CA LEU D 176 8.64 8.38 -29.58
C LEU D 176 8.42 8.27 -28.09
N THR D 177 7.98 7.09 -27.63
CA THR D 177 7.77 6.87 -26.20
C THR D 177 8.90 5.99 -25.68
N VAL D 178 9.54 6.48 -24.63
CA VAL D 178 10.66 5.78 -24.03
C VAL D 178 10.37 5.28 -22.62
N TRP D 179 10.24 3.97 -22.49
CA TRP D 179 10.04 3.33 -21.20
C TRP D 179 11.17 2.31 -21.07
N ILE D 180 11.91 2.37 -19.98
CA ILE D 180 12.99 1.42 -19.76
C ILE D 180 12.86 0.79 -18.37
N GLY D 181 13.45 -0.38 -18.21
CA GLY D 181 13.37 -1.07 -16.93
C GLY D 181 14.51 -0.71 -15.98
N ASP D 182 15.44 0.12 -16.46
CA ASP D 182 16.61 0.55 -15.70
C ASP D 182 16.35 0.84 -14.22
N GLY D 183 17.17 0.22 -13.38
CA GLY D 183 17.04 0.39 -11.95
C GLY D 183 17.92 -0.59 -11.21
N SER D 184 17.65 -0.79 -9.93
CA SER D 184 18.42 -1.72 -9.12
C SER D 184 17.50 -2.62 -8.30
N ASN D 185 18.00 -3.80 -7.95
CA ASN D 185 17.22 -4.73 -7.14
C ASN D 185 17.77 -4.78 -5.71
N PHE D 186 18.90 -4.11 -5.49
CA PHE D 186 19.56 -4.08 -4.17
C PHE D 186 20.10 -2.71 -3.78
N PRO D 187 20.00 -2.36 -2.48
CA PRO D 187 20.52 -1.07 -2.03
C PRO D 187 22.02 -1.05 -2.33
N GLY D 188 22.53 0.07 -2.84
CA GLY D 188 23.95 0.16 -3.14
C GLY D 188 24.34 -0.29 -4.53
N GLN D 189 23.50 -1.11 -5.16
CA GLN D 189 23.80 -1.60 -6.51
C GLN D 189 24.00 -0.42 -7.48
N SER D 190 23.15 0.60 -7.33
CA SER D 190 23.23 1.79 -8.17
C SER D 190 23.41 3.04 -7.32
N ASN D 191 24.06 4.05 -7.89
CA ASN D 191 24.19 5.33 -7.20
C ASN D 191 23.04 6.10 -7.87
N PHE D 192 21.99 6.38 -7.11
CA PHE D 192 20.81 7.05 -7.67
C PHE D 192 21.09 8.26 -8.57
N THR D 193 21.92 9.18 -8.09
CA THR D 193 22.23 10.38 -8.85
C THR D 193 23.04 10.12 -10.11
N ARG D 194 24.07 9.31 -10.02
CA ARG D 194 24.88 9.02 -11.20
C ARG D 194 24.09 8.30 -12.29
N ALA D 195 23.23 7.37 -11.90
CA ALA D 195 22.43 6.65 -12.88
C ALA D 195 21.50 7.63 -13.59
N PHE D 196 20.91 8.55 -12.84
CA PHE D 196 20.01 9.54 -13.42
C PHE D 196 20.79 10.50 -14.32
N GLU D 197 22.01 10.86 -13.92
CA GLU D 197 22.80 11.76 -14.75
C GLU D 197 23.08 11.07 -16.09
N ARG D 198 23.41 9.78 -16.05
CA ARG D 198 23.70 9.05 -17.28
C ARG D 198 22.46 9.00 -18.18
N TYR D 199 21.31 8.77 -17.56
CA TYR D 199 20.04 8.71 -18.29
C TYR D 199 19.75 10.04 -18.98
N LEU D 200 19.92 11.14 -18.25
CA LEU D 200 19.66 12.47 -18.82
C LEU D 200 20.58 12.77 -19.99
N SER D 201 21.83 12.34 -19.90
CA SER D 201 22.77 12.59 -20.98
C SER D 201 22.39 11.80 -22.23
N ALA D 202 21.94 10.56 -22.03
CA ALA D 202 21.55 9.71 -23.15
C ALA D 202 20.28 10.24 -23.83
N MET D 203 19.31 10.63 -23.01
CA MET D 203 18.06 11.16 -23.55
C MET D 203 18.30 12.47 -24.31
N ALA D 204 19.36 13.19 -23.93
CA ALA D 204 19.70 14.44 -24.61
C ALA D 204 20.12 14.12 -26.04
N GLU D 205 20.80 12.99 -26.21
CA GLU D 205 21.24 12.59 -27.54
C GLU D 205 20.02 12.21 -28.38
N ILE D 206 19.07 11.53 -27.76
CA ILE D 206 17.85 11.14 -28.47
C ILE D 206 17.07 12.40 -28.86
N TYR D 207 17.01 13.36 -27.95
CA TYR D 207 16.28 14.60 -28.22
C TYR D 207 16.92 15.34 -29.40
N LYS D 208 18.24 15.27 -29.49
CA LYS D 208 18.97 15.93 -30.58
C LYS D 208 18.60 15.33 -31.93
N GLY D 209 18.25 14.03 -31.92
CA GLY D 209 17.87 13.37 -33.16
C GLY D 209 16.38 13.37 -33.42
N LEU D 210 15.63 14.04 -32.56
CA LEU D 210 14.17 14.09 -32.70
C LEU D 210 13.73 15.15 -33.72
N PRO D 211 12.93 14.76 -34.71
CA PRO D 211 12.45 15.70 -35.73
C PRO D 211 11.74 16.85 -35.04
N ASP D 212 11.69 18.02 -35.71
CA ASP D 212 11.03 19.16 -35.11
C ASP D 212 9.51 19.14 -35.19
N ASP D 213 8.95 18.04 -35.69
CA ASP D 213 7.49 17.90 -35.74
C ASP D 213 7.11 16.65 -34.95
N TRP D 214 8.02 16.23 -34.09
CA TRP D 214 7.83 15.05 -33.23
C TRP D 214 7.84 15.45 -31.75
N LYS D 215 7.37 14.54 -30.91
CA LYS D 215 7.38 14.73 -29.47
C LYS D 215 8.13 13.54 -28.90
N LEU D 216 8.71 13.72 -27.73
CA LEU D 216 9.44 12.66 -27.06
C LEU D 216 8.77 12.47 -25.71
N PHE D 217 8.27 11.27 -25.46
CA PHE D 217 7.58 10.98 -24.20
C PHE D 217 8.37 10.02 -23.32
N SER D 218 8.53 10.37 -22.05
CA SER D 218 9.22 9.50 -21.10
C SER D 218 8.12 8.95 -20.17
N GLU D 219 8.22 7.67 -19.82
CA GLU D 219 7.21 7.03 -18.98
C GLU D 219 7.76 6.53 -17.65
N HIS D 220 7.21 7.05 -16.55
CA HIS D 220 7.65 6.65 -15.22
C HIS D 220 6.95 5.37 -14.75
N LYS D 221 7.60 4.66 -13.84
CA LYS D 221 7.06 3.42 -13.28
C LYS D 221 7.73 3.19 -11.93
N MET D 222 6.93 2.96 -10.90
CA MET D 222 7.46 2.75 -9.55
C MET D 222 8.40 1.54 -9.43
N TYR D 223 8.01 0.41 -9.99
CA TYR D 223 8.83 -0.80 -9.93
C TYR D 223 8.42 -1.80 -11.00
N GLU D 224 9.27 -2.80 -11.21
CA GLU D 224 9.10 -3.87 -12.19
C GLU D 224 9.55 -3.40 -13.57
N PRO D 225 10.61 -4.01 -14.13
CA PRO D 225 11.44 -5.12 -13.64
C PRO D 225 12.40 -4.87 -12.47
N ALA D 226 12.63 -3.61 -12.09
CA ALA D 226 13.53 -3.33 -10.98
C ALA D 226 12.74 -3.36 -9.68
N PHE D 227 13.25 -4.09 -8.68
CA PHE D 227 12.52 -4.22 -7.43
C PHE D 227 12.99 -3.48 -6.18
N TYR D 228 14.00 -2.62 -6.32
CA TYR D 228 14.45 -1.80 -5.19
C TYR D 228 14.31 -0.34 -5.62
N SER D 229 14.94 0.01 -6.74
CA SER D 229 14.84 1.38 -7.24
C SER D 229 14.74 1.36 -8.78
N THR D 230 14.10 2.38 -9.32
CA THR D 230 13.92 2.54 -10.75
C THR D 230 14.34 3.96 -11.08
N VAL D 231 15.12 4.15 -12.14
CA VAL D 231 15.59 5.49 -12.51
C VAL D 231 14.43 6.48 -12.74
N VAL D 232 13.50 6.13 -13.60
CA VAL D 232 12.34 6.99 -13.84
C VAL D 232 11.21 6.36 -13.04
N GLN D 233 11.25 6.57 -11.72
CA GLN D 233 10.29 5.96 -10.81
C GLN D 233 8.92 6.61 -10.60
N ASP D 234 8.84 7.93 -10.70
CA ASP D 234 7.55 8.61 -10.52
C ASP D 234 7.42 9.88 -11.36
N TRP D 235 6.28 10.56 -11.24
CA TRP D 235 6.04 11.76 -12.03
C TRP D 235 6.96 12.93 -11.69
N GLY D 236 7.53 12.93 -10.48
CA GLY D 236 8.42 14.00 -10.08
C GLY D 236 9.69 13.92 -10.91
N THR D 237 10.26 12.72 -10.98
CA THR D 237 11.46 12.52 -11.77
C THR D 237 11.11 12.74 -13.24
N ASN D 238 9.92 12.29 -13.64
CA ASN D 238 9.50 12.44 -15.02
C ASN D 238 9.43 13.93 -15.38
N TYR D 239 8.93 14.75 -14.48
CA TYR D 239 8.86 16.19 -14.75
C TYR D 239 10.26 16.77 -14.95
N LEU D 240 11.18 16.40 -14.07
CA LEU D 240 12.57 16.89 -14.17
C LEU D 240 13.18 16.53 -15.52
N ILE D 241 12.87 15.34 -16.01
CA ILE D 241 13.37 14.87 -17.31
C ILE D 241 12.83 15.73 -18.44
N ALA D 242 11.50 15.84 -18.52
CA ALA D 242 10.87 16.62 -19.58
C ALA D 242 11.32 18.07 -19.60
N GLN D 243 11.36 18.70 -18.43
CA GLN D 243 11.75 20.10 -18.31
C GLN D 243 13.21 20.30 -18.71
N THR D 244 14.04 19.33 -18.38
CA THR D 244 15.47 19.41 -18.71
C THR D 244 15.74 19.25 -20.21
N LEU D 245 15.07 18.29 -20.84
CA LEU D 245 15.27 18.01 -22.25
C LEU D 245 14.82 19.11 -23.22
N GLY D 246 13.64 19.69 -23.01
CA GLY D 246 13.18 20.73 -23.91
C GLY D 246 11.68 20.73 -24.14
N PRO D 247 11.17 21.69 -24.93
CA PRO D 247 9.75 21.83 -25.25
C PRO D 247 9.08 20.63 -25.92
N LYS D 248 9.86 19.86 -26.69
CA LYS D 248 9.30 18.70 -27.39
C LYS D 248 9.23 17.45 -26.51
N ALA D 249 9.73 17.55 -25.29
CA ALA D 249 9.72 16.41 -24.37
C ALA D 249 8.62 16.58 -23.33
N GLN D 250 7.82 15.54 -23.14
CA GLN D 250 6.74 15.56 -22.17
C GLN D 250 6.63 14.23 -21.45
N CYS D 251 5.77 14.19 -20.43
CA CYS D 251 5.58 12.98 -19.62
C CYS D 251 4.36 12.17 -19.99
N LEU D 252 4.53 10.85 -19.98
CA LEU D 252 3.43 9.96 -20.28
C LEU D 252 3.04 9.26 -18.97
N VAL D 253 1.74 9.26 -18.68
CA VAL D 253 1.21 8.67 -17.47
C VAL D 253 0.49 7.34 -17.74
N ASP D 254 1.03 6.26 -17.19
CA ASP D 254 0.43 4.94 -17.32
C ASP D 254 -0.29 4.72 -15.99
N LEU D 255 -1.61 4.60 -16.04
CA LEU D 255 -2.39 4.47 -14.82
C LEU D 255 -1.93 3.47 -13.76
N GLY D 256 -1.44 2.31 -14.18
CA GLY D 256 -1.02 1.32 -13.20
C GLY D 256 0.40 1.40 -12.66
N HIS D 257 1.10 2.49 -12.94
CA HIS D 257 2.49 2.65 -12.52
C HIS D 257 2.72 3.49 -11.26
N HIS D 258 1.72 3.59 -10.42
CA HIS D 258 1.82 4.41 -9.20
C HIS D 258 1.71 3.62 -7.91
N ALA D 259 2.25 4.19 -6.84
CA ALA D 259 2.23 3.56 -5.52
C ALA D 259 0.79 3.36 -5.05
N PRO D 260 0.58 2.39 -4.16
CA PRO D 260 -0.77 2.14 -3.65
C PRO D 260 -1.42 3.42 -3.10
N ASN D 261 -2.68 3.64 -3.45
CA ASN D 261 -3.45 4.79 -2.99
C ASN D 261 -3.09 6.17 -3.53
N THR D 262 -2.18 6.22 -4.49
CA THR D 262 -1.77 7.49 -5.08
C THR D 262 -2.97 8.21 -5.70
N ASN D 263 -3.02 9.54 -5.58
CA ASN D 263 -4.10 10.27 -6.22
C ASN D 263 -3.58 10.60 -7.62
N ILE D 264 -3.91 9.74 -8.58
CA ILE D 264 -3.45 9.90 -9.95
C ILE D 264 -4.04 11.09 -10.71
N GLU D 265 -5.32 11.39 -10.48
CA GLU D 265 -5.91 12.53 -11.17
C GLU D 265 -5.22 13.84 -10.79
N MET D 266 -4.65 13.92 -9.60
CA MET D 266 -3.94 15.15 -9.22
C MET D 266 -2.64 15.24 -10.03
N ILE D 267 -1.97 14.11 -10.22
CA ILE D 267 -0.74 14.10 -11.01
C ILE D 267 -1.05 14.63 -12.40
N VAL D 268 -2.16 14.17 -12.97
CA VAL D 268 -2.59 14.62 -14.29
C VAL D 268 -2.79 16.14 -14.27
N ALA D 269 -3.48 16.63 -13.26
CA ALA D 269 -3.72 18.07 -13.16
C ALA D 269 -2.42 18.87 -13.08
N ARG D 270 -1.49 18.39 -12.25
CA ARG D 270 -0.20 19.07 -12.09
C ARG D 270 0.59 19.14 -13.38
N LEU D 271 0.69 18.02 -14.10
CA LEU D 271 1.42 18.00 -15.36
C LEU D 271 0.79 18.93 -16.39
N ILE D 272 -0.54 19.03 -16.39
CA ILE D 272 -1.21 19.92 -17.34
C ILE D 272 -0.87 21.37 -17.02
N GLN D 273 -0.91 21.72 -15.73
CA GLN D 273 -0.63 23.09 -15.29
C GLN D 273 0.74 23.55 -15.76
N PHE D 274 1.72 22.64 -15.75
CA PHE D 274 3.08 22.99 -16.15
C PHE D 274 3.43 22.56 -17.58
N GLY D 275 2.39 22.29 -18.37
CA GLY D 275 2.54 21.92 -19.77
C GLY D 275 3.37 20.70 -20.12
N LYS D 276 3.41 19.71 -19.23
CA LYS D 276 4.19 18.52 -19.50
C LYS D 276 3.41 17.20 -19.55
N LEU D 277 2.10 17.27 -19.75
CA LEU D 277 1.32 16.04 -19.88
C LEU D 277 1.30 15.67 -21.35
N GLY D 278 2.17 14.74 -21.74
CA GLY D 278 2.26 14.31 -23.13
C GLY D 278 1.17 13.35 -23.56
N GLY D 279 0.82 12.42 -22.67
CA GLY D 279 -0.21 11.46 -23.02
C GLY D 279 -0.49 10.44 -21.93
N PHE D 280 -1.31 9.45 -22.27
CA PHE D 280 -1.71 8.40 -21.34
C PHE D 280 -1.56 6.99 -21.89
N HIS D 281 -1.42 6.06 -20.96
CA HIS D 281 -1.39 4.64 -21.24
C HIS D 281 -2.51 4.16 -20.32
N PHE D 282 -3.66 3.85 -20.91
CA PHE D 282 -4.82 3.40 -20.14
C PHE D 282 -4.86 1.90 -19.87
N ASN D 283 -5.36 1.56 -18.69
CA ASN D 283 -5.52 0.20 -18.22
C ASN D 283 -6.09 0.33 -16.81
N ASP D 284 -6.37 -0.78 -16.14
CA ASP D 284 -6.86 -0.72 -14.78
C ASP D 284 -6.02 -1.66 -13.93
N SER D 285 -6.18 -1.58 -12.63
CA SER D 285 -5.40 -2.44 -11.74
C SER D 285 -5.96 -2.43 -10.33
N LYS D 286 -5.48 -3.36 -9.51
CA LYS D 286 -5.91 -3.45 -8.12
C LYS D 286 -4.70 -3.60 -7.20
N TYR D 287 -3.68 -4.30 -7.67
CA TYR D 287 -2.50 -4.57 -6.86
C TYR D 287 -1.21 -3.86 -7.28
N GLY D 288 -0.79 -4.08 -8.51
CA GLY D 288 0.42 -3.44 -9.03
C GLY D 288 0.16 -2.97 -10.45
N ASP D 289 1.11 -3.22 -11.36
CA ASP D 289 0.92 -2.84 -12.76
C ASP D 289 0.23 -4.04 -13.38
N ASP D 290 -1.02 -4.24 -12.99
CA ASP D 290 -1.80 -5.38 -13.45
C ASP D 290 -2.18 -5.40 -14.93
N ASP D 291 -2.19 -4.23 -15.56
CA ASP D 291 -2.51 -4.13 -16.98
C ASP D 291 -3.85 -4.76 -17.39
N LEU D 292 -4.86 -4.58 -16.53
CA LEU D 292 -6.19 -5.11 -16.79
C LEU D 292 -7.00 -4.18 -17.69
N ASP D 293 -8.15 -4.65 -18.16
CA ASP D 293 -9.03 -3.88 -19.04
C ASP D 293 -9.42 -2.56 -18.37
N ALA D 294 -9.26 -1.45 -19.10
CA ALA D 294 -9.60 -0.14 -18.56
C ALA D 294 -10.99 -0.11 -17.94
N GLY D 295 -11.08 0.48 -16.75
CA GLY D 295 -12.35 0.61 -16.07
C GLY D 295 -13.00 -0.65 -15.50
N ALA D 296 -12.35 -1.80 -15.66
CA ALA D 296 -12.93 -3.05 -15.15
C ALA D 296 -12.85 -3.20 -13.63
N ILE D 297 -11.94 -2.47 -13.01
CA ILE D 297 -11.76 -2.54 -11.56
C ILE D 297 -12.24 -1.27 -10.84
N GLU D 298 -11.81 -0.11 -11.31
CA GLU D 298 -12.18 1.16 -10.70
C GLU D 298 -12.64 2.17 -11.74
N PRO D 299 -13.90 2.06 -12.18
CA PRO D 299 -14.44 2.98 -13.18
C PRO D 299 -14.54 4.45 -12.78
N TYR D 300 -14.73 4.74 -11.49
CA TYR D 300 -14.85 6.13 -11.06
C TYR D 300 -13.51 6.85 -11.17
N ARG D 301 -12.43 6.14 -10.87
CA ARG D 301 -11.08 6.72 -10.96
C ARG D 301 -10.81 7.14 -12.40
N LEU D 302 -11.27 6.32 -13.36
CA LEU D 302 -11.06 6.63 -14.77
C LEU D 302 -11.84 7.90 -15.12
N PHE D 303 -13.06 7.99 -14.60
CA PHE D 303 -13.90 9.16 -14.84
C PHE D 303 -13.22 10.40 -14.24
N LEU D 304 -12.67 10.28 -13.03
CA LEU D 304 -12.03 11.43 -12.39
C LEU D 304 -10.80 11.91 -13.16
N VAL D 305 -10.13 11.01 -13.86
CA VAL D 305 -8.98 11.40 -14.67
C VAL D 305 -9.51 12.22 -15.85
N PHE D 306 -10.59 11.75 -16.47
CA PHE D 306 -11.17 12.48 -17.58
C PHE D 306 -11.81 13.80 -17.14
N ASN D 307 -12.21 13.86 -15.88
CA ASN D 307 -12.77 15.10 -15.35
C ASN D 307 -11.70 16.18 -15.41
N GLU D 308 -10.45 15.81 -15.13
CA GLU D 308 -9.35 16.78 -15.17
C GLU D 308 -9.04 17.20 -16.60
N LEU D 309 -9.16 16.27 -17.55
CA LEU D 309 -8.90 16.58 -18.94
C LEU D 309 -9.94 17.56 -19.49
N VAL D 310 -11.21 17.31 -19.17
CA VAL D 310 -12.27 18.19 -19.62
C VAL D 310 -12.21 19.56 -18.93
N ASP D 311 -11.83 19.57 -17.65
CA ASP D 311 -11.72 20.84 -16.93
C ASP D 311 -10.64 21.71 -17.55
N ALA D 312 -9.57 21.08 -18.01
CA ALA D 312 -8.47 21.81 -18.63
C ALA D 312 -9.01 22.64 -19.80
N GLU D 313 -9.88 22.03 -20.60
CA GLU D 313 -10.47 22.73 -21.74
C GLU D 313 -11.35 23.85 -21.19
N ALA D 314 -12.09 23.55 -20.13
CA ALA D 314 -12.99 24.52 -19.51
C ALA D 314 -12.23 25.70 -18.91
N ARG D 315 -11.05 25.46 -18.36
CA ARG D 315 -10.25 26.52 -17.77
C ARG D 315 -9.60 27.39 -18.84
N GLY D 316 -9.64 26.92 -20.08
CA GLY D 316 -9.04 27.67 -21.18
C GLY D 316 -7.59 27.33 -21.45
N VAL D 317 -7.16 26.12 -21.08
CA VAL D 317 -5.79 25.72 -21.33
C VAL D 317 -5.62 25.59 -22.84
N LYS D 318 -4.54 26.17 -23.37
CA LYS D 318 -4.30 26.14 -24.81
C LYS D 318 -3.21 25.15 -25.21
N GLY D 319 -3.29 24.68 -26.45
CA GLY D 319 -2.31 23.74 -26.99
C GLY D 319 -2.26 22.40 -26.28
N PHE D 320 -3.38 21.99 -25.71
CA PHE D 320 -3.43 20.72 -24.99
C PHE D 320 -4.09 19.62 -25.81
N HIS D 321 -3.26 18.71 -26.34
CA HIS D 321 -3.75 17.61 -27.15
C HIS D 321 -2.97 16.35 -26.76
N PRO D 322 -3.24 15.82 -25.56
CA PRO D 322 -2.54 14.61 -25.10
C PRO D 322 -2.77 13.40 -25.99
N ALA D 323 -1.77 12.53 -26.05
CA ALA D 323 -1.88 11.32 -26.84
C ALA D 323 -2.56 10.25 -25.98
N HIS D 324 -3.60 9.64 -26.52
CA HIS D 324 -4.33 8.60 -25.80
C HIS D 324 -4.02 7.21 -26.34
N MET D 325 -3.55 6.33 -25.47
CA MET D 325 -3.22 4.98 -25.86
C MET D 325 -3.61 3.95 -24.80
N ILE D 326 -3.89 2.74 -25.25
CA ILE D 326 -4.22 1.66 -24.34
C ILE D 326 -2.96 0.83 -24.19
N ASP D 327 -2.63 0.44 -22.97
CA ASP D 327 -1.48 -0.42 -22.71
C ASP D 327 -2.00 -1.45 -21.74
N GLN D 328 -2.36 -2.62 -22.26
CA GLN D 328 -2.91 -3.68 -21.45
C GLN D 328 -2.36 -5.05 -21.83
N SER D 329 -2.59 -6.03 -20.95
CA SER D 329 -2.19 -7.40 -21.20
C SER D 329 -3.45 -8.22 -21.01
N HIS D 330 -3.77 -9.04 -21.99
CA HIS D 330 -4.98 -9.85 -21.92
C HIS D 330 -4.58 -11.29 -21.76
N ASN D 331 -4.62 -11.74 -20.50
CA ASN D 331 -4.21 -13.08 -20.12
C ASN D 331 -5.30 -14.14 -20.09
N VAL D 332 -6.54 -13.74 -19.86
CA VAL D 332 -7.61 -14.72 -19.76
C VAL D 332 -8.86 -14.43 -20.58
N THR D 333 -8.72 -13.60 -21.61
CA THR D 333 -9.84 -13.25 -22.48
C THR D 333 -9.36 -13.20 -23.93
N ASP D 334 -10.31 -13.03 -24.86
CA ASP D 334 -9.97 -12.88 -26.27
C ASP D 334 -9.45 -11.45 -26.34
N PRO D 335 -8.16 -11.26 -26.69
CA PRO D 335 -7.58 -9.91 -26.79
C PRO D 335 -8.41 -8.88 -27.54
N ILE D 336 -8.98 -9.29 -28.66
CA ILE D 336 -9.80 -8.39 -29.47
C ILE D 336 -11.03 -7.90 -28.69
N GLU D 337 -11.70 -8.81 -28.00
CA GLU D 337 -12.88 -8.45 -27.21
C GLU D 337 -12.53 -7.50 -26.07
N SER D 338 -11.42 -7.77 -25.38
CA SER D 338 -11.01 -6.89 -24.27
C SER D 338 -10.65 -5.50 -24.79
N LEU D 339 -9.94 -5.44 -25.91
CA LEU D 339 -9.58 -4.13 -26.46
C LEU D 339 -10.83 -3.38 -26.90
N ILE D 340 -11.80 -4.11 -27.44
CA ILE D 340 -13.05 -3.49 -27.86
C ILE D 340 -13.74 -2.84 -26.67
N ASN D 341 -13.95 -3.60 -25.60
CA ASN D 341 -14.63 -3.07 -24.43
C ASN D 341 -13.82 -2.04 -23.66
N SER D 342 -12.50 -2.13 -23.73
CA SER D 342 -11.65 -1.16 -23.03
C SER D 342 -11.77 0.19 -23.74
N ALA D 343 -11.70 0.18 -25.08
CA ALA D 343 -11.86 1.41 -25.84
C ALA D 343 -13.23 2.02 -25.52
N ASN D 344 -14.24 1.17 -25.40
CA ASN D 344 -15.60 1.63 -25.09
C ASN D 344 -15.66 2.29 -23.72
N GLU D 345 -14.98 1.70 -22.75
CA GLU D 345 -14.97 2.22 -21.37
C GLU D 345 -14.28 3.58 -21.28
N ILE D 346 -13.26 3.77 -22.13
CA ILE D 346 -12.55 5.03 -22.14
C ILE D 346 -13.48 6.11 -22.70
N ARG D 347 -14.23 5.77 -23.75
CA ARG D 347 -15.17 6.74 -24.31
C ARG D 347 -16.29 7.00 -23.31
N ARG D 348 -16.63 5.98 -22.53
CA ARG D 348 -17.69 6.10 -21.52
C ARG D 348 -17.31 7.16 -20.48
N ALA D 349 -16.09 7.06 -19.96
CA ALA D 349 -15.62 8.01 -18.95
C ALA D 349 -15.53 9.42 -19.54
N TYR D 350 -15.13 9.52 -20.80
CA TYR D 350 -15.02 10.80 -21.48
C TYR D 350 -16.41 11.43 -21.60
N ALA D 351 -17.36 10.64 -22.06
CA ALA D 351 -18.73 11.11 -22.24
C ALA D 351 -19.32 11.64 -20.93
N GLN D 352 -19.13 10.89 -19.85
CA GLN D 352 -19.64 11.31 -18.55
C GLN D 352 -18.98 12.60 -18.10
N ALA D 353 -17.67 12.72 -18.32
CA ALA D 353 -16.96 13.94 -17.95
C ALA D 353 -17.53 15.14 -18.70
N LEU D 354 -18.02 14.91 -19.91
CA LEU D 354 -18.59 15.99 -20.71
C LEU D 354 -19.94 16.44 -20.16
N LEU D 355 -20.58 15.56 -19.38
CA LEU D 355 -21.88 15.87 -18.79
C LEU D 355 -21.83 16.72 -17.53
N VAL D 356 -20.65 16.84 -16.93
CA VAL D 356 -20.48 17.64 -15.72
C VAL D 356 -20.90 19.08 -15.93
N ASP D 357 -21.74 19.60 -15.04
CA ASP D 357 -22.19 20.99 -15.11
C ASP D 357 -21.05 21.83 -14.52
N ARG D 358 -20.17 22.33 -15.38
CA ARG D 358 -19.01 23.11 -14.93
C ARG D 358 -19.35 24.39 -14.16
N ALA D 359 -20.42 25.07 -14.52
CA ALA D 359 -20.81 26.30 -13.84
C ALA D 359 -21.27 26.00 -12.42
N ALA D 360 -22.08 24.96 -12.27
CA ALA D 360 -22.58 24.57 -10.96
C ALA D 360 -21.41 24.13 -10.09
N LEU D 361 -20.55 23.30 -10.64
CA LEU D 361 -19.39 22.79 -9.90
C LEU D 361 -18.51 23.94 -9.40
N SER D 362 -18.24 24.91 -10.28
CA SER D 362 -17.41 26.06 -9.92
C SER D 362 -18.05 26.82 -8.75
N GLY D 363 -19.37 26.95 -8.80
CA GLY D 363 -20.06 27.65 -7.73
C GLY D 363 -19.88 26.93 -6.40
N TYR D 364 -20.08 25.61 -6.40
CA TYR D 364 -19.93 24.84 -5.18
C TYR D 364 -18.50 24.80 -4.65
N GLN D 365 -17.52 24.90 -5.55
CA GLN D 365 -16.13 24.90 -5.12
C GLN D 365 -15.82 26.23 -4.44
N GLU D 366 -16.26 27.33 -5.04
CA GLU D 366 -16.01 28.65 -4.46
C GLU D 366 -16.68 28.82 -3.10
N ASP D 367 -17.85 28.22 -2.92
CA ASP D 367 -18.57 28.34 -1.65
C ASP D 367 -18.22 27.24 -0.64
N ASN D 368 -17.28 26.38 -1.01
CA ASN D 368 -16.85 25.29 -0.15
C ASN D 368 -17.98 24.34 0.26
N ASP D 369 -18.88 24.09 -0.68
CA ASP D 369 -20.01 23.19 -0.48
C ASP D 369 -19.50 21.85 -1.02
N ALA D 370 -18.70 21.16 -0.21
CA ALA D 370 -18.10 19.89 -0.61
C ALA D 370 -19.09 18.82 -1.02
N LEU D 371 -20.20 18.73 -0.28
CA LEU D 371 -21.22 17.73 -0.59
C LEU D 371 -21.85 17.94 -1.96
N MET D 372 -22.29 19.16 -2.26
CA MET D 372 -22.91 19.42 -3.55
C MET D 372 -21.89 19.36 -4.68
N ALA D 373 -20.63 19.67 -4.38
CA ALA D 373 -19.60 19.63 -5.41
C ALA D 373 -19.39 18.17 -5.83
N THR D 374 -19.29 17.28 -4.86
CA THR D 374 -19.08 15.87 -5.17
C THR D 374 -20.32 15.30 -5.87
N GLU D 375 -21.50 15.73 -5.44
CA GLU D 375 -22.73 15.26 -6.06
C GLU D 375 -22.86 15.76 -7.50
N THR D 376 -22.25 16.90 -7.80
CA THR D 376 -22.29 17.44 -9.16
C THR D 376 -21.49 16.51 -10.06
N LEU D 377 -20.39 15.99 -9.56
CA LEU D 377 -19.59 15.05 -10.35
C LEU D 377 -20.38 13.75 -10.50
N LYS D 378 -20.97 13.29 -9.39
CA LYS D 378 -21.74 12.05 -9.43
C LYS D 378 -22.94 12.09 -10.36
N ARG D 379 -23.61 13.24 -10.49
CA ARG D 379 -24.77 13.33 -11.37
C ARG D 379 -24.37 13.01 -12.81
N ALA D 380 -23.13 13.33 -13.16
CA ALA D 380 -22.62 13.06 -14.50
C ALA D 380 -22.19 11.59 -14.61
N TYR D 381 -21.40 11.15 -13.63
CA TYR D 381 -20.88 9.78 -13.59
C TYR D 381 -21.95 8.69 -13.49
N ARG D 382 -23.04 8.99 -12.78
CA ARG D 382 -24.11 7.99 -12.62
C ARG D 382 -24.93 7.82 -13.90
N THR D 383 -24.83 8.78 -14.81
CA THR D 383 -25.58 8.71 -16.06
C THR D 383 -25.12 7.55 -16.94
N ASP D 384 -26.05 6.70 -17.36
CA ASP D 384 -25.68 5.58 -18.23
C ASP D 384 -25.59 6.12 -19.65
N VAL D 385 -24.37 6.34 -20.11
CA VAL D 385 -24.13 6.88 -21.46
C VAL D 385 -23.97 5.85 -22.57
N GLU D 386 -24.30 4.59 -22.29
CA GLU D 386 -24.17 3.55 -23.31
C GLU D 386 -24.91 3.91 -24.60
N PRO D 387 -26.12 4.50 -24.50
CA PRO D 387 -26.85 4.87 -25.72
C PRO D 387 -26.05 5.82 -26.62
N ILE D 388 -25.33 6.75 -26.00
CA ILE D 388 -24.52 7.70 -26.75
C ILE D 388 -23.36 6.95 -27.42
N LEU D 389 -22.74 6.03 -26.68
CA LEU D 389 -21.62 5.27 -27.24
C LEU D 389 -22.06 4.41 -28.41
N ALA D 390 -23.22 3.76 -28.28
CA ALA D 390 -23.75 2.90 -29.32
C ALA D 390 -24.18 3.67 -30.56
N GLU D 391 -24.84 4.81 -30.34
CA GLU D 391 -25.31 5.64 -31.44
C GLU D 391 -24.10 6.21 -32.20
N ALA D 392 -23.08 6.60 -31.45
CA ALA D 392 -21.86 7.13 -32.05
C ALA D 392 -21.28 6.08 -32.98
N ARG D 393 -21.22 4.84 -32.51
CA ARG D 393 -20.71 3.74 -33.31
C ARG D 393 -21.58 3.50 -34.55
N ARG D 394 -22.89 3.43 -34.36
CA ARG D 394 -23.80 3.19 -35.46
C ARG D 394 -23.69 4.23 -36.56
N ARG D 395 -23.63 5.50 -36.17
CA ARG D 395 -23.53 6.61 -37.12
C ARG D 395 -22.22 6.67 -37.89
N THR D 396 -21.18 6.04 -37.37
CA THR D 396 -19.89 6.06 -38.02
C THR D 396 -19.43 4.75 -38.67
N GLY D 397 -20.38 3.84 -38.87
CA GLY D 397 -20.06 2.56 -39.49
C GLY D 397 -19.69 1.43 -38.57
N GLY D 398 -19.85 1.64 -37.26
CA GLY D 398 -19.51 0.62 -36.29
C GLY D 398 -20.69 -0.23 -35.87
N ALA D 399 -20.50 -1.02 -34.81
CA ALA D 399 -21.55 -1.91 -34.32
C ALA D 399 -22.20 -1.41 -33.03
N VAL D 400 -23.53 -1.55 -32.95
CA VAL D 400 -24.26 -1.13 -31.76
C VAL D 400 -23.74 -1.90 -30.54
N ASP D 401 -23.48 -3.19 -30.71
CA ASP D 401 -22.93 -4.04 -29.64
C ASP D 401 -21.72 -4.73 -30.28
N PRO D 402 -20.54 -4.11 -30.19
CA PRO D 402 -19.29 -4.62 -30.74
C PRO D 402 -18.93 -6.08 -30.45
N VAL D 403 -18.84 -6.45 -29.18
CA VAL D 403 -18.49 -7.82 -28.85
C VAL D 403 -19.50 -8.84 -29.39
N ALA D 404 -20.78 -8.53 -29.27
CA ALA D 404 -21.80 -9.45 -29.77
C ALA D 404 -21.66 -9.65 -31.28
N THR D 405 -21.36 -8.56 -31.99
CA THR D 405 -21.21 -8.62 -33.44
C THR D 405 -19.95 -9.41 -33.79
N TYR D 406 -18.89 -9.18 -33.00
CA TYR D 406 -17.63 -9.89 -33.21
C TYR D 406 -17.86 -11.40 -33.09
N ARG D 407 -18.58 -11.79 -32.04
CA ARG D 407 -18.86 -13.21 -31.81
C ARG D 407 -19.75 -13.79 -32.91
N ALA D 408 -20.74 -13.02 -33.35
CA ALA D 408 -21.64 -13.48 -34.39
C ALA D 408 -20.93 -13.69 -35.73
N SER D 409 -19.85 -12.95 -35.95
CA SER D 409 -19.09 -13.04 -37.19
C SER D 409 -18.24 -14.30 -37.30
N GLY D 410 -17.89 -14.89 -36.16
CA GLY D 410 -17.07 -16.09 -36.18
C GLY D 410 -15.64 -15.80 -36.57
N TYR D 411 -15.23 -14.54 -36.42
CA TYR D 411 -13.88 -14.12 -36.77
C TYR D 411 -12.78 -14.96 -36.11
N ARG D 412 -12.88 -15.16 -34.79
CA ARG D 412 -11.86 -15.93 -34.08
C ARG D 412 -11.67 -17.34 -34.66
N ALA D 413 -12.77 -18.03 -34.92
CA ALA D 413 -12.69 -19.37 -35.49
C ALA D 413 -12.00 -19.30 -36.85
N ARG D 414 -12.31 -18.25 -37.61
CA ARG D 414 -11.73 -18.04 -38.93
C ARG D 414 -10.21 -17.93 -38.89
N VAL D 415 -9.70 -17.02 -38.07
CA VAL D 415 -8.25 -16.85 -37.97
C VAL D 415 -7.59 -18.06 -37.34
N ALA D 416 -8.33 -18.79 -36.51
CA ALA D 416 -7.78 -19.97 -35.87
C ALA D 416 -7.42 -21.00 -36.93
N ALA D 417 -8.25 -21.07 -37.99
CA ALA D 417 -8.00 -22.02 -39.07
C ALA D 417 -6.89 -21.53 -40.01
N GLU D 418 -6.72 -20.22 -40.11
CA GLU D 418 -5.71 -19.65 -41.00
C GLU D 418 -4.34 -19.60 -40.35
N ARG D 419 -4.31 -19.65 -39.03
CA ARG D 419 -3.05 -19.57 -38.29
C ARG D 419 -2.74 -20.88 -37.56
N PRO D 420 -1.46 -21.24 -37.48
CA PRO D 420 -1.06 -22.48 -36.80
C PRO D 420 -1.40 -22.46 -35.31
N ALA D 421 -1.53 -23.65 -34.72
CA ALA D 421 -1.86 -23.78 -33.31
C ALA D 421 -0.59 -23.76 -32.46
#